data_6IRO
#
_entry.id   6IRO
#
_cell.length_a   1
_cell.length_b   1
_cell.length_c   1
_cell.angle_alpha   90
_cell.angle_beta   90
_cell.angle_gamma   90
#
_symmetry.space_group_name_H-M   'P 1'
#
loop_
_entity.id
_entity.type
_entity.pdbx_description
1 polymer 'ISWI chromatin-remodeling complex ATPase ISW1'
2 polymer 'Histone H3'
3 polymer 'Histone H4'
4 polymer 'Histone H2A'
5 polymer 'Histone H2B 1.1'
6 polymer 'DNA (167-MER)'
7 polymer 'DNA (167-MER)'
8 non-polymer "ADENOSINE-5'-DIPHOSPHATE"
#
loop_
_entity_poly.entity_id
_entity_poly.type
_entity_poly.pdbx_seq_one_letter_code
_entity_poly.pdbx_strand_id
1 'polypeptide(L)'
;ENLKPFQVGLPPHDPESNKKRYLLKDANGKKFDLEGTTKRFEHLLSLSGLFKHFIESKAAKDPKFRQVLDVLEENKANGK
GKGKHQDVRRRKTEHEEDAELLKEEDSDDDESIEFQFRESPAYVNGQLRPYQIQGVNWLVSLHKNKIAGILADEMGLGKT
LQTISFLGYLRYIEKIPGPFLVIAPKSTLNNWLREINRWTPDVNAFILQGDKEERAELIQKKLLGCDFDVVIASYEIIIR
EKSPLKKINWEYIIIDEAHRIKNEESMLSQVLREFTSRNRLLITGTPLQNNLHELWALLNFLLPDIFSDAQDFDDWFSSE
STEEDQDKIVKQLHTVLQPFLLRRIKSDVETSLLPKKELNLYVGMSSMQKKWYKKILEKDLDAVNGSNGSKESKTRLLNI
MMQLRKCCNHPYLFKGAEPGPPYTTDEHLVYNAAKLQVLDKLLKKLKEEGSRVLIFSQMSRLLDILEDYCYFRNYEYCRI
DGSTAHEDRIQAIDDYNAPDSKKFVFLLTTRAGGLGINLTSADVVVLYDSDWNPQADLQAMDRAHRIGQKKQVKVFRLVT
DNSVEEKILERATQKLRLDQLVIQQNRTSLKKKENKADSKDALLSMIQHGAADVFKSGTSTGSAGTPEPGSGEKGDDIDL
DELLLKSENKTKSLNAKYETLGLDDLQKFNQDSAYEWNGQDFKKKIQRDIISPLLLNPTKRERKENYSIDNYYKDVLNTG
RSSTPSHPRMPKPHVFHSHQLQPPQLKVLYEKERMWTAKKTGYVPTMDDVKAAYGDISDEEEKKQKLELLKLSVNNSQPL
TEEEEKMKADWESEGFTNWNKLEFRKFITVSGKYGRNSIQAIARELAPGKTLEEVRAYAKAFWSNIERIEDYEKYLKIIE
NEEEKIKRVKMQQEALRRKLSEYKNPFFDLKLKHPPSSNNKRTYSEEEDRFILLMLFKYGLDRDDVYELVRDEIRDCPLF
ELDFYFRSRTPVELARRGNTLLQCLEKEFNAGIVLDDATKDRMKKEDENGKRIREEFADQTANEKENVDGVESKKAKIED
TSNVGTEQLVAEKIPENETTH
;
L
2 'polypeptide(L)'
;ARTKQTARKSTGGKAPRKQLATKAARKSAPATGGVKKPHRYRPGTVALREIRRYQKSTELLIRKLPFQRLVREIAQDFKT
DLRFQSSAVMALQEASEAYLVALFEDTNLCAIHAKRVTIMPKDIQLARRIRGERA
;
A,E
3 'polypeptide(L)'
;SGRGKGGKGLGKGGAKRHRKVLRDNIQGITKPAIRRLARRGGVKRISGLIYEETRGVLKVFLENVIRDAVTYTEHAKRKT
VTAMDVVYALKRQGRTLYGFGG
;
B,F
4 'polypeptide(L)'
;SGRGKQGGKTRAKAKTRSSRAGLQFPVGRVHRLLRKGNYAERVGAGAPVYLAAVLEYLTAEILELAGNAARDNKKTRIIP
RHLQLAVRNDEELNKLLGRVTIAQGGVLPNIQSVLLPKKTESSKSAKSK
;
C,G
5 'polypeptide(L)'
;AKSAPAPKKGSKKAVTKTQKKDGKKRRKTRKESYAIYVYKVLKQVHPDTGISSKAMSIMNSFVNDVFERIAGEASRLAHY
NKRSTITSREIQTAVRLLLPGELAKHAVSEGTKAVTKYTSAK
;
D,H
6 'polydeoxyribonucleotide'
;(DC)(DT)(DC)(DG)(DA)(DG)(DA)(DA)(DT)(DC)(DC)(DC)(DG)(DG)(DT)(DG)(DC)(DC)(DG)(DA)
(DG)(DG)(DC)(DC)(DG)(DC)(DT)(DC)(DA)(DA)(DT)(DT)(DG)(DG)(DT)(DC)(DG)(DT)(DA)(DG)
(DA)(DC)(DA)(DG)(DC)(DT)(DC)(DT)(DA)(DG)(DC)(DA)(DC)(DC)(DG)(DC)(DT)(DT)(DA)(DA)
(DA)(DC)(DG)(DC)(DA)(DC)(DG)(DT)(DA)(DC)(DG)(DC)(DG)(DC)(DT)(DG)(DT)(DC)(DC)(DC)
(DC)(DC)(DG)(DC)(DG)(DT)(DT)(DT)(DT)(DA)(DA)(DC)(DC)(DG)(DC)(DC)(DA)(DA)(DG)(DG)
(DG)(DG)(DA)(DT)(DT)(DA)(DC)(DT)(DC)(DC)(DC)(DT)(DA)(DG)(DT)(DC)(DT)(DC)(DC)(DA)
(DG)(DG)(DC)(DA)(DC)(DG)(DT)(DG)(DT)(DC)(DA)(DG)(DA)(DT)(DA)(DT)(DA)(DT)(DA)(DC)
(DA)(DT)(DC)(DC)(DG)(DA)(DT)(DA)(DG)(DC)(DT)(DT)(DG)(DT)(DC)(DG)(DA)(DG)(DA)(DA)
(DG)(DT)(DA)(DC)(DT)(DA)(DG)
;
I
7 'polydeoxyribonucleotide'
;(DC)(DT)(DA)(DG)(DT)(DA)(DC)(DT)(DT)(DC)(DT)(DC)(DG)(DA)(DC)(DA)(DA)(DG)(DC)(DT)
(DT)(DC)(DA)(DG)(DG)(DA)(DT)(DG)(DT)(DA)(DT)(DA)(DT)(DA)(DT)(DC)(DT)(DG)(DA)(DC)
(DA)(DC)(DG)(DT)(DG)(DC)(DC)(DT)(DG)(DG)(DA)(DG)(DA)(DC)(DT)(DA)(DG)(DG)(DG)(DA)
(DG)(DT)(DA)(DA)(DT)(DC)(DC)(DC)(DC)(DT)(DT)(DG)(DG)(DC)(DG)(DG)(DT)(DT)(DA)(DA)
(DA)(DA)(DC)(DG)(DC)(DG)(DG)(DG)(DG)(DG)(DA)(DC)(DA)(DG)(DC)(DG)(DC)(DG)(DT)(DA)
(DC)(DG)(DT)(DG)(DC)(DG)(DT)(DT)(DT)(DA)(DA)(DG)(DC)(DG)(DG)(DT)(DG)(DC)(DT)(DA)
(DG)(DA)(DG)(DC)(DT)(DG)(DT)(DC)(DT)(DA)(DC)(DG)(DA)(DC)(DC)(DA)(DA)(DT)(DT)(DG)
(DA)(DG)(DC)(DG)(DG)(DC)(DC)(DT)(DC)(DG)(DG)(DC)(DA)(DC)(DC)(DG)(DG)(DG)(DA)(DT)
(DT)(DC)(DT)(DC)(DG)(DA)(DG)
;
J
#
# COMPACT_ATOMS: atom_id res chain seq x y z
N ASP A 33 1.14 34.80 -39.56
CA ASP A 33 1.69 34.74 -38.21
C ASP A 33 3.14 35.20 -38.20
N LEU A 34 3.74 35.27 -39.38
CA LEU A 34 5.13 35.67 -39.55
C LEU A 34 5.30 37.17 -39.68
N GLU A 35 4.29 37.97 -39.32
CA GLU A 35 4.42 39.42 -39.45
C GLU A 35 5.35 39.99 -38.39
N GLY A 36 5.17 39.60 -37.14
CA GLY A 36 6.10 40.00 -36.09
C GLY A 36 7.35 39.16 -36.02
N THR A 37 7.31 37.94 -36.59
CA THR A 37 8.48 37.07 -36.62
C THR A 37 9.60 37.68 -37.46
N THR A 38 9.22 38.37 -38.54
CA THR A 38 10.19 39.21 -39.24
C THR A 38 10.66 40.36 -38.37
N LYS A 39 9.72 41.01 -37.66
CA LYS A 39 10.09 42.12 -36.80
C LYS A 39 10.85 41.68 -35.56
N ARG A 40 10.70 40.42 -35.16
CA ARG A 40 11.48 39.94 -34.01
C ARG A 40 12.89 39.54 -34.41
N PHE A 41 13.03 38.79 -35.51
CA PHE A 41 14.35 38.30 -35.90
C PHE A 41 15.26 39.44 -36.35
N GLU A 42 14.69 40.42 -37.04
CA GLU A 42 15.48 41.57 -37.47
C GLU A 42 15.86 42.46 -36.31
N HIS A 43 15.05 42.48 -35.25
CA HIS A 43 15.42 43.27 -34.09
C HIS A 43 16.38 42.54 -33.17
N LEU A 44 16.39 41.20 -33.22
CA LEU A 44 17.50 40.45 -32.63
C LEU A 44 18.81 40.84 -33.30
N LEU A 45 18.82 40.82 -34.62
CA LEU A 45 20.02 41.15 -35.38
C LEU A 45 20.25 42.65 -35.52
N SER A 46 19.34 43.48 -35.00
CA SER A 46 19.53 44.93 -34.99
C SER A 46 20.61 45.37 -34.02
N LEU A 47 21.09 44.48 -33.17
CA LEU A 47 22.14 44.73 -32.19
C LEU A 47 23.34 43.87 -32.55
N SER A 48 24.28 43.77 -31.60
CA SER A 48 25.55 43.07 -31.79
C SER A 48 25.33 41.61 -32.22
N GLY A 49 26.11 41.19 -33.21
CA GLY A 49 25.82 39.97 -33.95
C GLY A 49 26.18 38.66 -33.30
N LEU A 50 26.15 38.59 -31.97
CA LEU A 50 26.30 37.31 -31.31
C LEU A 50 25.03 36.47 -31.39
N PHE A 51 23.91 37.10 -31.77
CA PHE A 51 22.66 36.36 -31.99
C PHE A 51 22.77 35.39 -33.15
N LYS A 52 23.66 35.67 -34.11
CA LYS A 52 23.90 34.79 -35.25
C LYS A 52 24.67 33.53 -34.89
N HIS A 53 25.07 33.35 -33.62
CA HIS A 53 25.88 32.19 -33.26
C HIS A 53 25.06 30.90 -33.31
N PHE A 54 23.80 30.96 -32.92
CA PHE A 54 22.96 29.76 -32.90
C PHE A 54 21.81 29.80 -33.89
N ILE A 55 21.33 30.98 -34.29
CA ILE A 55 20.22 31.08 -35.24
C ILE A 55 20.63 30.50 -36.60
N GLU A 56 21.89 30.69 -36.99
CA GLU A 56 22.41 30.07 -38.20
C GLU A 56 22.55 28.55 -38.04
N SER A 57 22.75 28.07 -36.81
CA SER A 57 23.05 26.67 -36.53
C SER A 57 21.96 26.01 -35.69
N LYS A 58 20.70 26.32 -35.97
CA LYS A 58 19.60 25.75 -35.22
C LYS A 58 19.44 24.26 -35.52
N LYS A 64 12.33 24.10 -39.47
CA LYS A 64 11.34 25.14 -39.70
C LYS A 64 11.87 26.51 -39.29
N PHE A 65 12.64 26.57 -38.21
CA PHE A 65 13.16 27.84 -37.73
C PHE A 65 14.47 28.24 -38.41
N ARG A 66 14.96 27.42 -39.34
CA ARG A 66 16.01 27.83 -40.27
C ARG A 66 15.45 28.20 -41.63
N GLN A 67 14.15 28.00 -41.85
CA GLN A 67 13.53 28.33 -43.13
C GLN A 67 13.40 29.83 -43.30
N VAL A 68 12.73 30.49 -42.34
CA VAL A 68 12.47 31.92 -42.43
C VAL A 68 13.70 32.78 -42.19
N LEU A 69 14.80 32.17 -41.73
CA LEU A 69 16.06 32.90 -41.60
C LEU A 69 16.64 33.27 -42.95
N ASP A 70 16.67 32.31 -43.88
CA ASP A 70 17.23 32.56 -45.21
C ASP A 70 16.30 33.41 -46.06
N VAL A 71 15.03 33.52 -45.70
CA VAL A 71 14.12 34.46 -46.35
C VAL A 71 14.54 35.88 -46.04
N LEU A 72 15.04 36.13 -44.83
CA LEU A 72 15.35 37.46 -44.36
C LEU A 72 16.83 37.77 -44.28
N GLU A 73 17.70 36.77 -44.52
CA GLU A 73 19.14 36.98 -44.41
C GLU A 73 19.67 37.88 -45.52
N GLU A 74 19.06 37.82 -46.70
CA GLU A 74 19.50 38.66 -47.80
C GLU A 74 19.09 40.11 -47.62
N ASN A 75 18.09 40.37 -46.78
CA ASN A 75 17.65 41.74 -46.51
C ASN A 75 18.63 42.46 -45.60
N GLN A 116 12.99 59.04 -24.70
CA GLN A 116 11.60 59.33 -25.03
C GLN A 116 10.77 59.45 -23.76
N PHE A 117 9.72 60.28 -23.81
CA PHE A 117 8.63 60.31 -22.82
C PHE A 117 9.13 60.62 -21.41
N ARG A 118 10.03 61.61 -21.29
CA ARG A 118 10.65 61.94 -20.02
C ARG A 118 10.01 63.14 -19.34
N GLU A 119 8.69 63.26 -19.44
CA GLU A 119 7.97 64.38 -18.84
C GLU A 119 7.07 63.97 -17.68
N SER A 120 7.15 62.70 -17.23
CA SER A 120 6.26 62.06 -16.27
C SER A 120 4.82 62.25 -16.71
N PRO A 121 4.36 61.49 -17.72
CA PRO A 121 3.10 61.81 -18.39
C PRO A 121 1.89 61.66 -17.47
N ALA A 122 1.06 62.69 -17.44
CA ALA A 122 0.05 62.87 -16.41
C ALA A 122 -1.26 62.19 -16.73
N TYR A 123 -1.26 61.15 -17.57
CA TYR A 123 -2.44 60.31 -17.64
C TYR A 123 -2.59 59.47 -16.38
N VAL A 124 -1.48 59.19 -15.71
CA VAL A 124 -1.53 58.68 -14.35
C VAL A 124 -1.92 59.80 -13.40
N ASN A 125 -2.46 59.42 -12.25
CA ASN A 125 -2.95 60.39 -11.28
C ASN A 125 -1.83 60.63 -10.27
N GLY A 126 -0.86 61.44 -10.67
CA GLY A 126 0.25 61.77 -9.81
C GLY A 126 1.52 61.92 -10.62
N GLN A 127 2.64 61.65 -9.96
CA GLN A 127 3.96 61.82 -10.54
C GLN A 127 4.57 60.47 -10.89
N LEU A 128 5.61 60.52 -11.70
CA LEU A 128 6.48 59.38 -11.96
C LEU A 128 7.91 59.81 -11.69
N ARG A 129 8.61 59.02 -10.87
CA ARG A 129 10.01 59.30 -10.57
C ARG A 129 10.85 59.13 -11.84
N PRO A 130 11.97 59.86 -11.98
CA PRO A 130 12.75 59.77 -13.22
C PRO A 130 13.37 58.40 -13.45
N TYR A 131 13.67 57.66 -12.39
CA TYR A 131 14.08 56.28 -12.58
C TYR A 131 12.88 55.40 -12.92
N GLN A 132 11.69 55.77 -12.45
CA GLN A 132 10.49 55.03 -12.85
C GLN A 132 10.17 55.31 -14.31
N ILE A 133 10.37 56.54 -14.77
CA ILE A 133 10.26 56.89 -16.18
C ILE A 133 11.27 56.11 -17.00
N GLN A 134 12.46 55.87 -16.44
CA GLN A 134 13.50 55.11 -17.13
C GLN A 134 13.07 53.67 -17.38
N GLY A 135 12.35 53.07 -16.44
CA GLY A 135 11.88 51.71 -16.65
C GLY A 135 10.73 51.63 -17.62
N VAL A 136 9.81 52.61 -17.58
CA VAL A 136 8.62 52.58 -18.42
C VAL A 136 9.00 52.74 -19.89
N ASN A 137 10.01 53.56 -20.17
CA ASN A 137 10.49 53.73 -21.53
C ASN A 137 11.15 52.47 -22.05
N TRP A 138 11.71 51.65 -21.15
CA TRP A 138 12.24 50.37 -21.56
C TRP A 138 11.13 49.40 -21.93
N LEU A 139 9.94 49.58 -21.36
CA LEU A 139 8.82 48.71 -21.68
C LEU A 139 8.25 49.01 -23.06
N VAL A 140 8.04 50.30 -23.36
CA VAL A 140 7.55 50.66 -24.69
C VAL A 140 8.61 50.47 -25.75
N SER A 141 9.89 50.41 -25.34
CA SER A 141 10.93 49.93 -26.24
C SER A 141 10.67 48.50 -26.66
N LEU A 142 10.37 47.63 -25.70
CA LEU A 142 10.06 46.25 -26.02
C LEU A 142 8.70 46.12 -26.69
N HIS A 143 7.81 47.09 -26.45
CA HIS A 143 6.46 47.02 -27.02
C HIS A 143 6.47 47.33 -28.51
N LYS A 144 7.12 48.42 -28.90
CA LYS A 144 7.13 48.83 -30.30
C LYS A 144 7.92 47.86 -31.16
N ASN A 145 9.00 47.31 -30.62
CA ASN A 145 9.80 46.32 -31.34
C ASN A 145 9.22 44.92 -31.22
N LYS A 146 8.13 44.76 -30.47
CA LYS A 146 7.32 43.54 -30.38
C LYS A 146 8.13 42.37 -29.81
N ILE A 147 8.79 42.60 -28.68
CA ILE A 147 9.49 41.55 -27.95
C ILE A 147 9.16 41.67 -26.47
N ALA A 148 9.45 40.60 -25.73
CA ALA A 148 9.11 40.50 -24.32
C ALA A 148 10.25 41.01 -23.44
N GLY A 149 10.18 40.75 -22.14
CA GLY A 149 11.23 41.21 -21.25
C GLY A 149 11.09 40.65 -19.86
N ILE A 150 11.94 41.14 -18.97
CA ILE A 150 11.93 40.83 -17.54
C ILE A 150 12.17 42.11 -16.77
N LEU A 151 11.27 42.46 -15.87
CA LEU A 151 11.44 43.59 -14.97
C LEU A 151 11.81 43.03 -13.60
N ALA A 152 13.09 43.03 -13.28
CA ALA A 152 13.61 42.35 -12.10
C ALA A 152 14.22 43.33 -11.11
N ASP A 153 13.54 44.44 -10.85
CA ASP A 153 14.07 45.45 -9.94
C ASP A 153 13.85 45.03 -8.49
N GLU A 154 14.17 45.94 -7.57
CA GLU A 154 14.07 45.71 -6.14
C GLU A 154 12.73 46.22 -5.63
N MET A 155 12.19 45.54 -4.63
CA MET A 155 10.93 45.97 -4.03
C MET A 155 11.12 47.28 -3.28
N GLY A 156 10.02 48.01 -3.13
CA GLY A 156 10.06 49.37 -2.62
C GLY A 156 10.33 50.43 -3.66
N LEU A 157 10.84 50.05 -4.83
CA LEU A 157 11.10 51.00 -5.90
C LEU A 157 9.88 51.27 -6.75
N GLY A 158 8.80 50.51 -6.58
CA GLY A 158 7.61 50.74 -7.39
C GLY A 158 7.58 49.95 -8.68
N LYS A 159 7.66 48.62 -8.59
CA LYS A 159 7.45 47.81 -9.79
C LYS A 159 6.00 47.85 -10.25
N THR A 160 5.07 48.11 -9.34
CA THR A 160 3.66 48.15 -9.70
C THR A 160 3.33 49.41 -10.50
N LEU A 161 3.89 50.55 -10.08
CA LEU A 161 3.53 51.81 -10.71
C LEU A 161 4.12 51.93 -12.12
N GLN A 162 5.29 51.32 -12.34
CA GLN A 162 5.80 51.21 -13.70
C GLN A 162 4.92 50.33 -14.55
N THR A 163 4.29 49.33 -13.95
CA THR A 163 3.47 48.38 -14.70
C THR A 163 2.14 48.99 -15.06
N ILE A 164 1.55 49.75 -14.14
CA ILE A 164 0.24 50.36 -14.36
C ILE A 164 0.31 51.42 -15.45
N SER A 165 1.37 52.23 -15.42
CA SER A 165 1.51 53.31 -16.38
C SER A 165 1.75 52.81 -17.79
N PHE A 166 2.32 51.61 -17.93
CA PHE A 166 2.44 51.00 -19.24
C PHE A 166 1.07 50.57 -19.77
N LEU A 167 0.15 50.25 -18.88
CA LEU A 167 -1.19 49.85 -19.31
C LEU A 167 -1.99 51.05 -19.78
N GLY A 168 -1.85 52.19 -19.08
CA GLY A 168 -2.49 53.41 -19.52
C GLY A 168 -1.90 53.99 -20.79
N TYR A 169 -0.68 53.59 -21.13
CA TYR A 169 -0.13 53.90 -22.45
C TYR A 169 -0.95 53.27 -23.55
N LEU A 170 -1.52 52.10 -23.29
CA LEU A 170 -2.47 51.48 -24.20
C LEU A 170 -3.91 51.88 -23.91
N ARG A 171 -4.10 52.96 -23.16
CA ARG A 171 -5.42 53.53 -22.92
C ARG A 171 -5.46 55.03 -23.19
N TYR A 172 -4.34 55.73 -23.04
CA TYR A 172 -4.29 57.16 -23.27
C TYR A 172 -3.42 57.54 -24.46
N ILE A 173 -2.64 56.61 -25.00
CA ILE A 173 -1.81 56.91 -26.16
C ILE A 173 -2.16 55.96 -27.29
N GLU A 174 -2.01 54.66 -27.06
CA GLU A 174 -2.37 53.69 -28.08
C GLU A 174 -3.84 53.31 -28.03
N LYS A 175 -4.45 53.39 -26.83
CA LYS A 175 -5.90 53.28 -26.63
C LYS A 175 -6.43 51.90 -27.04
N ILE A 176 -5.77 50.85 -26.56
CA ILE A 176 -6.20 49.49 -26.78
C ILE A 176 -6.90 49.00 -25.51
N PRO A 177 -8.23 48.92 -25.49
CA PRO A 177 -8.96 48.78 -24.22
C PRO A 177 -8.93 47.39 -23.59
N GLY A 178 -8.22 46.42 -24.16
CA GLY A 178 -8.13 45.12 -23.53
C GLY A 178 -7.86 43.99 -24.50
N PRO A 179 -7.81 42.75 -23.98
CA PRO A 179 -7.93 42.40 -22.55
C PRO A 179 -6.60 42.40 -21.82
N PHE A 180 -6.64 42.24 -20.50
CA PHE A 180 -5.43 42.19 -19.68
C PHE A 180 -5.62 41.13 -18.59
N LEU A 181 -4.55 40.38 -18.32
CA LEU A 181 -4.57 39.34 -17.30
C LEU A 181 -3.31 39.45 -16.47
N VAL A 182 -3.47 39.67 -15.17
CA VAL A 182 -2.31 39.66 -14.29
C VAL A 182 -2.48 38.53 -13.27
N ILE A 183 -1.36 37.93 -12.91
CA ILE A 183 -1.32 36.80 -11.99
C ILE A 183 -0.33 37.13 -10.90
N ALA A 184 -0.73 36.94 -9.65
CA ALA A 184 0.07 37.33 -8.51
C ALA A 184 -0.20 36.34 -7.40
N PRO A 185 0.65 36.31 -6.36
CA PRO A 185 0.30 35.56 -5.16
C PRO A 185 -0.91 36.16 -4.47
N LYS A 186 -1.59 35.31 -3.68
CA LYS A 186 -2.87 35.68 -3.09
C LYS A 186 -2.72 36.80 -2.07
N SER A 187 -1.56 36.87 -1.41
CA SER A 187 -1.34 37.84 -0.35
C SER A 187 -1.26 39.27 -0.86
N THR A 188 -1.02 39.45 -2.16
CA THR A 188 -0.80 40.78 -2.70
C THR A 188 -1.98 41.31 -3.51
N LEU A 189 -3.03 40.49 -3.71
CA LEU A 189 -4.05 40.79 -4.71
C LEU A 189 -4.85 42.03 -4.36
N ASN A 190 -5.09 42.26 -3.07
CA ASN A 190 -5.84 43.43 -2.66
C ASN A 190 -5.02 44.70 -2.87
N ASN A 191 -3.70 44.59 -2.76
CA ASN A 191 -2.82 45.74 -2.95
C ASN A 191 -2.79 46.21 -4.40
N TRP A 192 -3.12 45.32 -5.35
CA TRP A 192 -3.14 45.71 -6.76
C TRP A 192 -4.28 46.68 -7.04
N LEU A 193 -5.51 46.29 -6.69
CA LEU A 193 -6.66 47.08 -7.07
C LEU A 193 -6.77 48.37 -6.27
N ARG A 194 -6.15 48.42 -5.09
CA ARG A 194 -5.92 49.71 -4.46
C ARG A 194 -5.01 50.56 -5.34
N GLU A 195 -3.96 49.98 -5.88
CA GLU A 195 -2.94 50.73 -6.58
C GLU A 195 -3.38 51.09 -8.00
N ILE A 196 -4.35 50.36 -8.56
CA ILE A 196 -4.85 50.71 -9.89
C ILE A 196 -5.62 52.02 -9.84
N ASN A 197 -6.63 52.10 -8.98
CA ASN A 197 -7.48 53.28 -8.90
C ASN A 197 -6.76 54.47 -8.27
N ARG A 198 -5.68 54.21 -7.53
CA ARG A 198 -4.88 55.29 -6.96
C ARG A 198 -4.09 56.02 -8.04
N TRP A 199 -3.87 55.40 -9.19
CA TRP A 199 -3.07 56.02 -10.23
C TRP A 199 -3.75 56.07 -11.59
N THR A 200 -4.50 55.04 -11.97
CA THR A 200 -5.34 55.08 -13.15
C THR A 200 -6.76 54.71 -12.72
N PRO A 201 -7.57 55.69 -12.34
CA PRO A 201 -8.90 55.39 -11.81
C PRO A 201 -9.90 54.91 -12.84
N ASP A 202 -9.60 55.04 -14.14
CA ASP A 202 -10.56 54.75 -15.20
C ASP A 202 -10.46 53.31 -15.70
N VAL A 203 -10.03 52.39 -14.87
CA VAL A 203 -9.81 51.00 -15.27
C VAL A 203 -10.88 50.14 -14.62
N ASN A 204 -11.45 49.22 -15.39
CA ASN A 204 -12.47 48.30 -14.93
C ASN A 204 -11.83 46.95 -14.66
N ALA A 205 -11.73 46.58 -13.39
CA ALA A 205 -10.91 45.43 -13.02
C ALA A 205 -11.49 44.68 -11.82
N PHE A 206 -11.36 43.35 -11.86
CA PHE A 206 -11.86 42.46 -10.83
C PHE A 206 -10.72 41.97 -9.94
N ILE A 207 -11.10 41.28 -8.88
CA ILE A 207 -10.23 40.34 -8.16
C ILE A 207 -11.04 39.07 -8.04
N LEU A 208 -10.69 38.06 -8.84
CA LEU A 208 -11.53 36.87 -8.99
C LEU A 208 -11.35 35.98 -7.77
N GLN A 209 -12.27 36.09 -6.82
CA GLN A 209 -12.22 35.35 -5.57
C GLN A 209 -13.43 34.42 -5.49
N GLY A 210 -13.60 33.80 -4.33
CA GLY A 210 -14.81 33.07 -4.05
C GLY A 210 -14.73 31.60 -4.39
N ASP A 211 -15.82 30.91 -4.09
CA ASP A 211 -15.87 29.46 -4.18
C ASP A 211 -16.47 29.06 -5.52
N LYS A 212 -16.74 27.76 -5.69
CA LYS A 212 -17.22 27.23 -6.97
C LYS A 212 -18.60 27.78 -7.32
N GLU A 213 -19.38 28.15 -6.31
CA GLU A 213 -20.61 28.89 -6.58
C GLU A 213 -20.30 30.29 -7.08
N GLU A 214 -19.55 31.06 -6.28
CA GLU A 214 -19.43 32.49 -6.52
C GLU A 214 -18.56 32.82 -7.73
N ARG A 215 -17.64 31.92 -8.09
CA ARG A 215 -16.83 32.18 -9.27
C ARG A 215 -17.64 32.02 -10.55
N ALA A 216 -18.76 31.31 -10.51
CA ALA A 216 -19.59 31.16 -11.70
C ALA A 216 -20.25 32.48 -12.08
N GLU A 217 -20.73 33.24 -11.10
CA GLU A 217 -21.23 34.58 -11.39
C GLU A 217 -20.10 35.51 -11.79
N LEU A 218 -18.91 35.32 -11.23
CA LEU A 218 -17.78 36.13 -11.65
C LEU A 218 -17.24 35.71 -13.00
N ILE A 219 -17.72 34.61 -13.57
CA ILE A 219 -17.39 34.26 -14.95
C ILE A 219 -18.58 34.55 -15.85
N GLN A 220 -19.70 33.88 -15.59
CA GLN A 220 -20.82 33.91 -16.53
C GLN A 220 -21.51 35.27 -16.56
N LYS A 221 -21.72 35.87 -15.40
CA LYS A 221 -22.44 37.14 -15.37
C LYS A 221 -21.53 38.32 -15.72
N LYS A 222 -20.25 38.25 -15.38
CA LYS A 222 -19.42 39.44 -15.50
C LYS A 222 -18.18 39.26 -16.36
N LEU A 223 -17.50 38.13 -16.28
CA LEU A 223 -16.35 37.94 -17.17
C LEU A 223 -16.80 37.58 -18.57
N LEU A 224 -17.90 36.85 -18.69
CA LEU A 224 -18.48 36.57 -19.99
C LEU A 224 -19.22 37.78 -20.54
N GLY A 225 -19.60 38.72 -19.67
CA GLY A 225 -20.22 39.98 -20.08
C GLY A 225 -19.25 40.93 -20.76
N CYS A 226 -17.94 40.67 -20.69
CA CYS A 226 -16.88 41.42 -21.36
C CYS A 226 -16.91 42.89 -20.94
N ASP A 227 -17.13 43.11 -19.65
CA ASP A 227 -17.26 44.44 -19.07
C ASP A 227 -16.08 44.75 -18.17
N PHE A 228 -14.89 44.37 -18.61
CA PHE A 228 -13.69 44.46 -17.80
C PHE A 228 -12.53 44.93 -18.66
N ASP A 229 -11.45 45.29 -18.00
CA ASP A 229 -10.17 45.54 -18.64
C ASP A 229 -9.08 44.62 -18.13
N VAL A 230 -8.95 44.50 -16.81
CA VAL A 230 -7.84 43.81 -16.16
C VAL A 230 -8.42 42.73 -15.26
N VAL A 231 -7.89 41.52 -15.35
CA VAL A 231 -8.30 40.42 -14.49
C VAL A 231 -7.12 40.07 -13.58
N ILE A 232 -7.39 39.99 -12.28
CA ILE A 232 -6.36 39.79 -11.26
C ILE A 232 -6.63 38.44 -10.60
N ALA A 233 -5.87 37.42 -10.98
CA ALA A 233 -6.06 36.07 -10.48
C ALA A 233 -4.91 35.69 -9.56
N SER A 234 -4.98 34.46 -9.03
CA SER A 234 -3.93 33.96 -8.17
C SER A 234 -3.12 32.90 -8.90
N TYR A 235 -2.13 32.34 -8.20
CA TYR A 235 -1.37 31.24 -8.76
C TYR A 235 -2.20 29.97 -8.84
N GLU A 236 -3.22 29.84 -8.00
CA GLU A 236 -3.88 28.55 -7.86
C GLU A 236 -5.31 28.55 -8.36
N ILE A 237 -5.94 29.72 -8.47
CA ILE A 237 -7.24 29.77 -9.13
C ILE A 237 -7.05 29.60 -10.62
N ILE A 238 -5.87 29.97 -11.13
CA ILE A 238 -5.58 29.83 -12.55
C ILE A 238 -5.42 28.35 -12.94
N ILE A 239 -5.15 27.48 -11.98
CA ILE A 239 -5.08 26.06 -12.29
C ILE A 239 -6.47 25.47 -12.37
N ARG A 240 -7.37 25.90 -11.49
CA ARG A 240 -8.74 25.43 -11.52
C ARG A 240 -9.54 25.99 -12.67
N GLU A 241 -9.12 27.11 -13.24
CA GLU A 241 -9.93 27.84 -14.20
C GLU A 241 -9.21 27.98 -15.55
N LYS A 242 -8.63 26.90 -16.06
CA LYS A 242 -7.98 27.00 -17.35
C LYS A 242 -8.97 26.97 -18.51
N SER A 243 -10.14 26.37 -18.31
CA SER A 243 -11.11 26.24 -19.38
C SER A 243 -11.91 27.50 -19.74
N PRO A 244 -12.37 28.37 -18.82
CA PRO A 244 -13.06 29.57 -19.30
C PRO A 244 -12.14 30.67 -19.78
N LEU A 245 -10.83 30.47 -19.74
CA LEU A 245 -9.88 31.49 -20.17
C LEU A 245 -9.21 31.16 -21.49
N LYS A 246 -9.49 30.00 -22.07
CA LYS A 246 -9.10 29.74 -23.45
C LYS A 246 -10.01 30.44 -24.45
N LYS A 247 -11.20 30.87 -24.02
CA LYS A 247 -12.12 31.52 -24.93
C LYS A 247 -11.65 32.92 -25.31
N ILE A 248 -10.89 33.57 -24.43
CA ILE A 248 -10.45 34.95 -24.66
C ILE A 248 -8.99 34.91 -25.11
N ASN A 249 -8.72 35.53 -26.25
CA ASN A 249 -7.35 35.71 -26.70
C ASN A 249 -6.76 36.96 -26.06
N TRP A 250 -5.54 36.81 -25.54
CA TRP A 250 -4.98 37.80 -24.63
C TRP A 250 -4.04 38.73 -25.37
N GLU A 251 -4.13 40.03 -25.05
CA GLU A 251 -3.13 40.97 -25.51
C GLU A 251 -1.91 40.99 -24.59
N TYR A 252 -2.12 40.66 -23.31
CA TYR A 252 -1.05 40.67 -22.31
C TYR A 252 -1.24 39.56 -21.31
N ILE A 253 -0.12 39.00 -20.85
CA ILE A 253 -0.07 38.13 -19.68
C ILE A 253 1.08 38.64 -18.82
N ILE A 254 0.74 39.09 -17.61
CA ILE A 254 1.71 39.71 -16.72
C ILE A 254 1.79 38.88 -15.45
N ILE A 255 2.91 38.19 -15.27
CA ILE A 255 3.08 37.27 -14.16
C ILE A 255 3.97 37.92 -13.13
N ASP A 256 3.44 38.10 -11.93
CA ASP A 256 4.17 38.78 -10.89
C ASP A 256 4.75 37.78 -9.91
N GLU A 257 5.88 38.14 -9.31
CA GLU A 257 6.64 37.32 -8.34
C GLU A 257 6.99 35.96 -8.94
N ALA A 258 7.56 35.98 -10.14
CA ALA A 258 7.61 34.77 -10.97
C ALA A 258 8.71 33.79 -10.59
N HIS A 259 8.77 33.41 -9.33
CA HIS A 259 9.61 32.30 -8.93
C HIS A 259 8.90 30.97 -9.10
N ARG A 260 7.64 31.00 -9.52
CA ARG A 260 6.89 29.78 -9.73
C ARG A 260 7.32 29.07 -11.01
N ILE A 261 7.76 29.83 -12.01
CA ILE A 261 8.09 29.23 -13.29
C ILE A 261 9.61 29.04 -13.35
N LYS A 262 10.25 28.94 -12.18
CA LYS A 262 11.65 28.54 -12.17
C LYS A 262 11.80 27.08 -12.57
N ASN A 263 10.75 26.28 -12.46
CA ASN A 263 10.72 24.94 -13.01
C ASN A 263 10.05 25.00 -14.38
N GLU A 264 10.51 24.16 -15.31
CA GLU A 264 9.86 24.05 -16.60
C GLU A 264 8.77 22.98 -16.59
N GLU A 265 8.82 22.06 -15.63
CA GLU A 265 7.89 20.95 -15.55
C GLU A 265 6.87 21.12 -14.45
N SER A 266 6.70 22.34 -13.95
CA SER A 266 5.67 22.62 -12.96
C SER A 266 4.30 22.53 -13.61
N MET A 267 3.30 22.29 -12.76
CA MET A 267 1.92 22.20 -13.24
C MET A 267 1.42 23.54 -13.74
N LEU A 268 1.88 24.64 -13.14
CA LEU A 268 1.43 25.97 -13.56
C LEU A 268 1.97 26.35 -14.92
N SER A 269 3.24 26.04 -15.20
CA SER A 269 3.83 26.41 -16.48
C SER A 269 3.22 25.61 -17.62
N GLN A 270 2.82 24.38 -17.35
CA GLN A 270 2.14 23.57 -18.36
C GLN A 270 0.80 24.17 -18.74
N VAL A 271 0.11 24.79 -17.79
CA VAL A 271 -1.16 25.44 -18.11
C VAL A 271 -0.93 26.72 -18.91
N LEU A 272 0.19 27.41 -18.65
CA LEU A 272 0.40 28.73 -19.25
C LEU A 272 0.64 28.65 -20.75
N ARG A 273 1.33 27.62 -21.23
CA ARG A 273 1.59 27.49 -22.66
C ARG A 273 0.33 27.11 -23.44
N GLU A 274 -0.70 26.64 -22.75
CA GLU A 274 -1.95 26.26 -23.39
C GLU A 274 -2.82 27.47 -23.72
N PHE A 275 -2.46 28.66 -23.25
CA PHE A 275 -3.19 29.87 -23.56
C PHE A 275 -2.81 30.41 -24.94
N THR A 276 -3.38 31.56 -25.29
CA THR A 276 -3.00 32.35 -26.45
C THR A 276 -2.73 33.77 -26.02
N SER A 277 -1.67 34.37 -26.56
CA SER A 277 -1.25 35.69 -26.13
C SER A 277 -0.80 36.52 -27.33
N ARG A 278 -0.77 37.84 -27.11
CA ARG A 278 -0.05 38.75 -28.01
C ARG A 278 1.29 39.12 -27.40
N ASN A 279 1.26 39.69 -26.20
CA ASN A 279 2.47 39.96 -25.44
C ASN A 279 2.48 39.12 -24.17
N ARG A 280 3.68 38.94 -23.62
CA ARG A 280 3.88 38.14 -22.42
C ARG A 280 4.94 38.83 -21.57
N LEU A 281 4.48 39.51 -20.52
CA LEU A 281 5.38 40.25 -19.64
C LEU A 281 5.78 39.37 -18.47
N LEU A 282 6.72 39.85 -17.67
CA LEU A 282 7.23 39.05 -16.56
C LEU A 282 7.89 39.98 -15.55
N ILE A 283 7.46 39.89 -14.31
CA ILE A 283 7.99 40.71 -13.22
C ILE A 283 8.32 39.79 -12.06
N THR A 284 9.59 39.72 -11.70
CA THR A 284 10.01 38.95 -10.55
C THR A 284 10.86 39.82 -9.66
N GLY A 285 11.22 39.29 -8.49
CA GLY A 285 12.16 39.98 -7.65
C GLY A 285 13.59 39.78 -8.09
N THR A 286 14.02 38.53 -8.18
CA THR A 286 15.38 38.20 -8.60
C THR A 286 15.32 37.12 -9.65
N PRO A 287 16.34 37.02 -10.49
CA PRO A 287 16.56 35.84 -11.33
C PRO A 287 17.09 34.65 -10.51
N LEU A 288 17.65 33.68 -11.27
CA LEU A 288 18.00 32.33 -10.81
C LEU A 288 18.69 32.27 -9.46
N GLN A 289 18.42 31.20 -8.72
CA GLN A 289 18.95 31.06 -7.38
C GLN A 289 19.93 29.91 -7.28
N ASN A 290 19.69 28.85 -8.05
CA ASN A 290 20.49 27.63 -7.95
C ASN A 290 21.28 27.33 -9.22
N ASN A 291 20.61 27.24 -10.36
CA ASN A 291 21.24 26.82 -11.59
C ASN A 291 20.96 27.81 -12.71
N LEU A 292 21.76 27.69 -13.78
CA LEU A 292 21.46 28.39 -15.02
C LEU A 292 20.21 27.84 -15.68
N HIS A 293 19.90 26.56 -15.42
CA HIS A 293 18.74 25.88 -15.98
C HIS A 293 17.42 26.54 -15.59
N GLU A 294 17.40 27.28 -14.49
CA GLU A 294 16.18 27.97 -14.07
C GLU A 294 15.85 29.14 -14.99
N LEU A 295 16.87 29.89 -15.42
CA LEU A 295 16.61 31.19 -16.02
C LEU A 295 16.09 31.07 -17.44
N TRP A 296 16.53 30.08 -18.20
CA TRP A 296 16.07 30.02 -19.60
C TRP A 296 14.64 29.54 -19.67
N ALA A 297 14.19 28.78 -18.68
CA ALA A 297 12.79 28.38 -18.63
C ALA A 297 11.90 29.57 -18.32
N LEU A 298 12.42 30.55 -17.59
CA LEU A 298 11.71 31.83 -17.48
C LEU A 298 11.64 32.52 -18.83
N LEU A 299 12.69 32.38 -19.63
CA LEU A 299 12.72 33.08 -20.91
C LEU A 299 12.09 32.23 -22.01
N ASN A 300 12.03 30.90 -21.80
CA ASN A 300 11.32 30.03 -22.73
C ASN A 300 9.84 30.38 -22.79
N PHE A 301 9.25 30.72 -21.65
CA PHE A 301 7.85 31.13 -21.64
C PHE A 301 7.69 32.63 -21.79
N LEU A 302 8.78 33.35 -22.06
CA LEU A 302 8.65 34.68 -22.65
C LEU A 302 8.46 34.59 -24.15
N LEU A 303 9.49 34.08 -24.84
CA LEU A 303 9.51 34.02 -26.30
C LEU A 303 10.07 32.65 -26.67
N PRO A 304 9.19 31.66 -26.87
CA PRO A 304 9.66 30.30 -27.15
C PRO A 304 10.17 30.11 -28.57
N ASP A 305 9.93 31.07 -29.46
CA ASP A 305 10.45 30.98 -30.82
C ASP A 305 11.96 31.14 -30.88
N ILE A 306 12.55 31.73 -29.84
CA ILE A 306 13.97 32.05 -29.87
C ILE A 306 14.82 30.88 -29.37
N PHE A 307 14.39 30.21 -28.31
CA PHE A 307 15.19 29.14 -27.73
C PHE A 307 14.58 27.76 -27.98
N SER A 308 13.41 27.47 -27.39
CA SER A 308 12.72 26.17 -27.46
C SER A 308 13.63 24.95 -27.24
N ASP A 309 14.70 25.10 -26.46
CA ASP A 309 15.78 24.12 -26.45
C ASP A 309 16.41 24.06 -25.06
N ALA A 310 16.68 22.84 -24.61
CA ALA A 310 17.30 22.59 -23.31
C ALA A 310 18.76 22.18 -23.45
N GLN A 311 19.07 21.33 -24.43
CA GLN A 311 20.46 20.98 -24.72
C GLN A 311 21.24 22.19 -25.21
N ASP A 312 20.63 23.01 -26.05
CA ASP A 312 21.34 24.05 -26.77
C ASP A 312 21.64 25.28 -25.94
N PHE A 313 21.15 25.35 -24.71
CA PHE A 313 21.45 26.47 -23.85
C PHE A 313 22.42 26.12 -22.74
N ASP A 314 22.30 24.93 -22.16
CA ASP A 314 23.26 24.52 -21.14
C ASP A 314 24.61 24.18 -21.75
N ASP A 315 24.61 23.40 -22.82
CA ASP A 315 25.86 22.96 -23.44
C ASP A 315 26.59 24.10 -24.15
N TRP A 316 25.87 25.07 -24.69
CA TRP A 316 26.54 26.22 -25.28
C TRP A 316 27.26 27.06 -24.24
N PHE A 317 26.74 27.06 -23.02
CA PHE A 317 27.34 27.87 -21.98
C PHE A 317 28.13 27.05 -20.95
N SER A 318 27.98 25.72 -20.97
CA SER A 318 28.69 24.76 -20.11
C SER A 318 28.45 25.00 -18.63
N SER A 319 27.23 25.44 -18.29
CA SER A 319 26.71 25.53 -16.91
C SER A 319 27.57 26.44 -16.03
N GLU A 320 27.48 27.74 -16.34
CA GLU A 320 27.88 28.85 -15.45
C GLU A 320 29.40 29.00 -15.35
N SER A 321 30.12 28.46 -16.35
CA SER A 321 31.59 28.44 -16.39
C SER A 321 32.17 27.83 -15.11
N THR A 322 31.65 26.67 -14.73
CA THR A 322 32.00 26.01 -13.49
C THR A 322 33.30 25.22 -13.57
N GLU A 323 34.04 25.35 -14.66
CA GLU A 323 35.20 24.52 -14.92
C GLU A 323 36.52 25.27 -15.03
N GLU A 324 36.51 26.53 -15.45
CA GLU A 324 37.77 27.25 -15.64
C GLU A 324 37.81 28.59 -14.92
N ASP A 325 36.64 29.25 -14.78
CA ASP A 325 36.52 30.65 -14.31
C ASP A 325 37.44 31.59 -15.09
N GLN A 326 37.47 31.40 -16.42
CA GLN A 326 38.21 32.31 -17.28
C GLN A 326 37.44 33.63 -17.45
N ASP A 327 36.12 33.59 -17.20
CA ASP A 327 35.22 34.74 -17.23
C ASP A 327 35.21 35.44 -18.59
N LYS A 328 35.40 34.67 -19.65
CA LYS A 328 35.22 35.15 -21.01
C LYS A 328 34.00 34.56 -21.68
N ILE A 329 33.46 33.46 -21.14
CA ILE A 329 32.15 32.99 -21.56
C ILE A 329 31.06 33.89 -20.98
N VAL A 330 31.32 34.52 -19.83
CA VAL A 330 30.36 35.44 -19.23
C VAL A 330 30.32 36.80 -19.91
N LYS A 331 31.25 37.06 -20.85
CA LYS A 331 31.10 38.22 -21.71
C LYS A 331 29.88 38.09 -22.60
N GLN A 332 29.51 36.85 -22.94
CA GLN A 332 28.31 36.59 -23.71
C GLN A 332 27.04 36.92 -22.94
N LEU A 333 27.08 36.86 -21.61
CA LEU A 333 25.94 37.30 -20.82
C LEU A 333 25.77 38.80 -20.86
N HIS A 334 26.84 39.53 -21.14
CA HIS A 334 26.77 40.95 -21.41
C HIS A 334 26.37 41.24 -22.85
N THR A 335 25.97 40.22 -23.60
CA THR A 335 25.41 40.38 -24.93
C THR A 335 24.00 39.83 -25.08
N VAL A 336 23.63 38.84 -24.27
CA VAL A 336 22.36 38.14 -24.43
C VAL A 336 21.28 38.72 -23.52
N LEU A 337 21.62 39.02 -22.27
CA LEU A 337 20.61 39.32 -21.26
C LEU A 337 20.07 40.74 -21.39
N GLN A 338 20.87 41.65 -21.88
CA GLN A 338 20.57 43.08 -21.98
C GLN A 338 19.42 43.47 -22.91
N PRO A 339 19.13 42.75 -24.02
CA PRO A 339 17.86 43.01 -24.71
C PRO A 339 16.61 42.52 -23.99
N PHE A 340 16.71 41.91 -22.81
CA PHE A 340 15.52 41.39 -22.15
C PHE A 340 15.41 41.70 -20.68
N LEU A 341 16.41 42.30 -20.04
CA LEU A 341 16.43 42.41 -18.59
C LEU A 341 16.74 43.84 -18.18
N LEU A 342 16.14 44.25 -17.07
CA LEU A 342 16.38 45.59 -16.50
C LEU A 342 16.34 45.44 -14.98
N ARG A 343 17.51 45.30 -14.38
CA ARG A 343 17.65 45.15 -12.94
C ARG A 343 18.45 46.32 -12.40
N ARG A 344 17.95 46.94 -11.33
CA ARG A 344 18.55 48.15 -10.82
C ARG A 344 18.97 47.96 -9.37
N ILE A 345 19.97 48.76 -8.99
CA ILE A 345 20.69 48.57 -7.75
C ILE A 345 20.02 49.40 -6.67
N LYS A 346 20.32 49.07 -5.40
CA LYS A 346 19.91 49.83 -4.23
C LYS A 346 20.34 51.30 -4.28
N SER A 347 21.42 51.62 -4.98
CA SER A 347 22.01 52.96 -5.03
C SER A 347 21.18 53.98 -5.82
N ASP A 348 19.95 53.63 -6.18
CA ASP A 348 19.11 54.52 -6.96
C ASP A 348 18.61 55.70 -6.14
N VAL A 349 18.06 55.45 -4.95
CA VAL A 349 17.35 56.48 -4.20
C VAL A 349 18.15 57.01 -3.00
N GLU A 350 18.67 56.20 -2.05
CA GLU A 350 18.58 54.75 -1.81
C GLU A 350 17.33 54.40 -1.03
N THR A 351 17.05 53.10 -0.90
CA THR A 351 15.81 52.65 -0.27
C THR A 351 15.87 52.82 1.25
N SER A 352 16.77 52.09 1.92
CA SER A 352 16.96 52.27 3.35
C SER A 352 17.88 53.44 3.67
N LEU A 353 18.51 54.02 2.65
CA LEU A 353 19.44 55.16 2.78
C LEU A 353 20.62 54.85 3.70
N LEU A 354 21.03 53.58 3.76
CA LEU A 354 22.08 53.12 4.65
C LEU A 354 22.57 51.74 4.21
N PRO A 355 23.87 51.55 4.01
CA PRO A 355 24.39 50.20 3.75
C PRO A 355 24.51 49.40 5.03
N LYS A 356 24.53 48.08 4.86
CA LYS A 356 24.50 47.14 5.97
C LYS A 356 25.72 46.23 5.93
N LYS A 357 25.84 45.41 6.97
CA LYS A 357 26.98 44.52 7.15
C LYS A 357 26.47 43.10 7.36
N GLU A 358 27.42 42.17 7.46
CA GLU A 358 27.11 40.76 7.68
C GLU A 358 28.33 40.08 8.29
N LEU A 359 28.10 39.30 9.35
CA LEU A 359 29.18 38.56 10.01
C LEU A 359 28.82 37.08 10.11
N ASN A 360 29.86 36.27 10.24
CA ASN A 360 29.74 34.84 10.45
C ASN A 360 30.27 34.51 11.83
N LEU A 361 29.46 33.84 12.64
CA LEU A 361 29.83 33.50 14.01
C LEU A 361 30.08 31.99 14.06
N TYR A 362 31.32 31.59 13.80
CA TYR A 362 31.68 30.19 13.82
C TYR A 362 31.71 29.70 15.26
N VAL A 363 30.77 28.81 15.60
CA VAL A 363 30.68 28.28 16.95
C VAL A 363 30.96 26.78 16.89
N GLY A 364 31.33 26.23 18.04
CA GLY A 364 31.71 24.84 18.13
C GLY A 364 30.52 23.93 18.36
N MET A 365 30.83 22.72 18.84
CA MET A 365 29.83 21.76 19.26
C MET A 365 30.02 21.46 20.73
N SER A 366 28.91 21.31 21.45
CA SER A 366 28.99 20.85 22.83
C SER A 366 29.31 19.36 22.85
N SER A 367 29.72 18.89 24.03
CA SER A 367 30.19 17.51 24.16
C SER A 367 29.07 16.50 24.00
N MET A 368 27.82 16.91 24.26
CA MET A 368 26.71 15.98 24.11
C MET A 368 26.43 15.72 22.64
N GLN A 369 26.34 16.79 21.85
CA GLN A 369 26.06 16.64 20.42
C GLN A 369 27.27 16.14 19.64
N LYS A 370 28.47 16.15 20.23
CA LYS A 370 29.58 15.44 19.60
C LYS A 370 29.37 13.94 19.66
N LYS A 371 28.65 13.44 20.66
CA LYS A 371 28.30 12.03 20.68
C LYS A 371 27.30 11.71 19.59
N TRP A 372 26.27 12.54 19.45
CA TRP A 372 25.18 12.28 18.52
C TRP A 372 25.63 12.37 17.06
N TYR A 373 26.74 13.06 16.79
CA TYR A 373 27.32 13.00 15.46
C TYR A 373 27.92 11.62 15.20
N LYS A 374 28.46 10.98 16.23
CA LYS A 374 28.95 9.61 16.13
C LYS A 374 27.86 8.57 16.31
N LYS A 375 26.77 8.92 16.99
CA LYS A 375 25.63 8.02 17.16
C LYS A 375 24.90 7.77 15.85
N ILE A 376 25.10 8.62 14.85
CA ILE A 376 24.43 8.50 13.56
C ILE A 376 25.33 7.81 12.53
N LEU A 377 26.54 8.35 12.31
CA LEU A 377 27.40 7.83 11.27
C LEU A 377 28.06 6.52 11.70
N GLU A 378 28.83 6.58 12.79
CA GLU A 378 29.57 5.41 13.27
C GLU A 378 28.69 4.41 14.02
N LYS A 379 27.41 4.73 14.22
CA LYS A 379 26.36 3.81 14.66
C LYS A 379 26.64 3.23 16.05
N ASP A 380 26.77 4.13 17.01
CA ASP A 380 26.98 3.74 18.40
C ASP A 380 25.71 3.16 19.01
N GLU A 392 22.07 4.12 23.87
CA GLU A 392 21.26 5.27 24.25
C GLU A 392 20.66 5.92 23.00
N SER A 393 21.39 5.81 21.88
CA SER A 393 21.09 6.55 20.66
C SER A 393 19.74 6.20 20.04
N LYS A 394 19.63 4.99 19.48
CA LYS A 394 18.41 4.43 18.88
C LYS A 394 17.77 5.39 17.87
N THR A 395 18.52 5.69 16.81
CA THR A 395 18.14 6.70 15.84
C THR A 395 17.87 6.08 14.47
N ARG A 396 16.87 6.62 13.76
CA ARG A 396 16.62 6.25 12.38
C ARG A 396 17.40 7.18 11.46
N LEU A 397 18.00 6.59 10.43
CA LEU A 397 19.04 7.25 9.65
C LEU A 397 18.57 7.48 8.22
N LEU A 398 17.33 7.94 8.06
CA LEU A 398 16.71 8.01 6.74
C LEU A 398 17.30 9.13 5.90
N ASN A 399 17.13 10.37 6.32
CA ASN A 399 17.68 11.51 5.60
C ASN A 399 18.94 11.93 6.33
N ILE A 400 20.10 11.70 5.71
CA ILE A 400 21.38 11.90 6.37
C ILE A 400 21.61 13.38 6.62
N MET A 401 21.43 14.20 5.59
CA MET A 401 21.65 15.64 5.72
C MET A 401 20.60 16.35 6.55
N MET A 402 19.50 15.67 6.91
CA MET A 402 18.48 16.27 7.75
C MET A 402 18.59 15.81 9.20
N GLN A 403 18.91 14.53 9.42
CA GLN A 403 19.16 14.07 10.78
C GLN A 403 20.40 14.73 11.36
N LEU A 404 21.46 14.83 10.56
CA LEU A 404 22.66 15.52 11.01
C LEU A 404 22.47 17.02 11.11
N ARG A 405 21.45 17.57 10.44
CA ARG A 405 21.17 19.00 10.58
C ARG A 405 20.62 19.31 11.95
N LYS A 406 19.82 18.40 12.52
CA LYS A 406 19.31 18.58 13.87
C LYS A 406 20.44 18.52 14.88
N CYS A 407 21.37 17.57 14.69
CA CYS A 407 22.53 17.44 15.56
C CYS A 407 23.41 18.67 15.51
N CYS A 408 23.56 19.29 14.34
CA CYS A 408 24.34 20.52 14.25
C CYS A 408 23.58 21.71 14.81
N ASN A 409 22.25 21.62 14.88
CA ASN A 409 21.47 22.74 15.39
C ASN A 409 21.31 22.69 16.90
N HIS A 410 20.73 21.60 17.40
CA HIS A 410 20.33 21.52 18.80
C HIS A 410 20.04 20.06 19.13
N PRO A 411 20.62 19.52 20.21
CA PRO A 411 20.50 18.06 20.44
C PRO A 411 19.12 17.64 20.85
N TYR A 412 18.36 18.52 21.49
CA TYR A 412 17.09 18.15 22.11
C TYR A 412 15.94 18.06 21.12
N LEU A 413 16.22 18.15 19.82
CA LEU A 413 15.21 17.90 18.80
C LEU A 413 14.99 16.42 18.56
N PHE A 414 15.93 15.58 18.99
CA PHE A 414 15.85 14.13 18.76
C PHE A 414 14.98 13.40 19.75
N LYS A 415 14.36 14.12 20.71
CA LYS A 415 13.37 13.69 21.71
C LYS A 415 13.86 12.57 22.64
N GLY A 416 15.11 12.16 22.53
CA GLY A 416 15.67 11.13 23.39
C GLY A 416 16.91 11.68 24.07
N ALA A 417 17.44 12.77 23.52
CA ALA A 417 18.49 13.55 24.18
C ALA A 417 17.95 14.35 25.35
N GLU A 418 16.67 14.50 25.46
CA GLU A 418 16.08 15.15 26.62
C GLU A 418 16.20 14.24 27.83
N PRO A 419 16.45 14.79 29.02
CA PRO A 419 16.26 14.01 30.24
C PRO A 419 14.80 13.66 30.43
N GLY A 420 14.57 12.50 31.05
CA GLY A 420 13.25 11.90 31.15
C GLY A 420 12.26 12.70 31.97
N PRO A 421 11.00 12.26 31.95
CA PRO A 421 9.96 12.95 32.73
C PRO A 421 10.20 12.81 34.21
N PRO A 422 9.91 13.85 35.01
CA PRO A 422 9.32 15.15 34.67
C PRO A 422 10.30 16.14 34.03
N TYR A 423 9.79 16.92 33.08
CA TYR A 423 10.61 17.77 32.24
C TYR A 423 10.90 19.08 32.96
N THR A 424 12.17 19.45 33.02
CA THR A 424 12.60 20.61 33.78
C THR A 424 13.07 21.72 32.84
N THR A 425 12.55 22.92 33.07
CA THR A 425 13.00 24.11 32.37
C THR A 425 14.27 24.59 33.07
N ASP A 426 15.42 24.37 32.45
CA ASP A 426 16.68 24.44 33.17
C ASP A 426 17.77 24.94 32.23
N GLU A 427 18.89 25.33 32.83
CA GLU A 427 20.04 25.84 32.09
C GLU A 427 20.92 24.76 31.49
N HIS A 428 20.64 23.47 31.75
CA HIS A 428 21.37 22.43 31.03
C HIS A 428 20.85 22.29 29.61
N LEU A 429 19.64 22.81 29.36
CA LEU A 429 19.10 22.89 28.00
C LEU A 429 20.00 23.70 27.09
N VAL A 430 20.35 24.92 27.53
CA VAL A 430 21.24 25.76 26.72
C VAL A 430 22.69 25.32 26.83
N TYR A 431 23.02 24.46 27.79
CA TYR A 431 24.39 24.01 27.96
C TYR A 431 24.84 23.09 26.84
N ASN A 432 23.92 22.30 26.27
CA ASN A 432 24.26 21.32 25.27
C ASN A 432 24.17 21.83 23.85
N ALA A 433 23.75 23.08 23.65
CA ALA A 433 23.80 23.73 22.35
C ALA A 433 24.78 24.88 22.44
N ALA A 434 25.83 24.82 21.62
CA ALA A 434 26.81 25.90 21.64
C ALA A 434 26.28 27.19 21.08
N LYS A 435 25.24 27.12 20.22
CA LYS A 435 24.64 28.33 19.69
C LYS A 435 23.89 29.10 20.77
N LEU A 436 23.19 28.39 21.65
CA LEU A 436 22.46 29.05 22.73
C LEU A 436 23.41 29.66 23.75
N GLN A 437 24.59 29.06 23.94
CA GLN A 437 25.58 29.63 24.82
C GLN A 437 26.05 30.99 24.31
N VAL A 438 26.24 31.09 22.99
CA VAL A 438 26.54 32.37 22.38
C VAL A 438 25.31 33.27 22.40
N LEU A 439 24.12 32.67 22.19
CA LEU A 439 22.89 33.44 22.14
C LEU A 439 22.53 34.01 23.50
N ASP A 440 22.85 33.28 24.56
CA ASP A 440 22.72 33.84 25.90
C ASP A 440 23.68 35.02 26.07
N LYS A 441 24.88 34.89 25.53
CA LYS A 441 25.85 35.99 25.61
C LYS A 441 25.44 37.14 24.69
N LEU A 442 24.88 36.82 23.53
CA LEU A 442 24.61 37.87 22.54
C LEU A 442 23.44 38.74 22.95
N LEU A 443 22.40 38.14 23.55
CA LEU A 443 21.24 38.92 23.96
C LEU A 443 21.55 39.80 25.17
N LYS A 444 22.57 39.46 25.96
CA LYS A 444 22.92 40.31 27.09
C LYS A 444 23.62 41.58 26.63
N LYS A 445 24.45 41.48 25.58
CA LYS A 445 25.13 42.67 25.07
C LYS A 445 24.15 43.62 24.39
N LEU A 446 23.06 43.10 23.85
CA LEU A 446 22.12 43.91 23.09
C LEU A 446 20.91 44.33 23.91
N LYS A 447 20.71 43.72 25.08
CA LYS A 447 19.69 44.20 26.01
C LYS A 447 20.04 45.59 26.52
N GLU A 448 21.33 45.84 26.74
CA GLU A 448 21.78 47.18 27.11
C GLU A 448 21.53 48.17 26.00
N GLU A 449 21.83 47.76 24.76
CA GLU A 449 21.64 48.66 23.63
C GLU A 449 20.18 48.77 23.22
N GLY A 450 19.36 47.81 23.62
CA GLY A 450 17.96 47.81 23.21
C GLY A 450 17.75 47.48 21.75
N SER A 451 18.72 46.80 21.12
CA SER A 451 18.62 46.42 19.72
C SER A 451 17.71 45.21 19.62
N ARG A 452 16.48 45.43 19.20
CA ARG A 452 15.49 44.37 19.11
C ARG A 452 15.78 43.54 17.85
N VAL A 453 15.78 42.22 18.00
CA VAL A 453 16.29 41.34 16.95
C VAL A 453 15.14 40.57 16.34
N LEU A 454 15.35 40.12 15.10
CA LEU A 454 14.48 39.20 14.41
C LEU A 454 15.25 37.93 14.13
N ILE A 455 14.68 36.78 14.51
CA ILE A 455 15.40 35.51 14.47
C ILE A 455 14.69 34.60 13.48
N PHE A 456 15.45 33.98 12.58
CA PHE A 456 14.91 33.09 11.57
C PHE A 456 15.45 31.69 11.77
N SER A 457 14.66 30.71 11.36
CA SER A 457 15.11 29.32 11.37
C SER A 457 14.38 28.57 10.26
N GLN A 458 14.96 27.43 9.88
CA GLN A 458 14.37 26.60 8.85
C GLN A 458 13.37 25.60 9.40
N MET A 459 13.27 25.48 10.71
CA MET A 459 12.41 24.50 11.34
C MET A 459 11.57 25.17 12.41
N SER A 460 10.27 24.85 12.42
CA SER A 460 9.40 25.44 13.43
C SER A 460 9.57 24.75 14.77
N ARG A 461 10.09 23.53 14.78
CA ARG A 461 10.29 22.83 16.04
C ARG A 461 11.41 23.43 16.86
N LEU A 462 12.35 24.11 16.22
CA LEU A 462 13.43 24.76 16.96
C LEU A 462 13.02 26.14 17.44
N LEU A 463 11.99 26.73 16.85
CA LEU A 463 11.40 27.90 17.46
C LEU A 463 10.68 27.55 18.76
N ASP A 464 10.21 26.30 18.86
CA ASP A 464 9.52 25.85 20.07
C ASP A 464 10.48 25.73 21.24
N ILE A 465 11.77 25.52 20.98
CA ILE A 465 12.76 25.58 22.03
C ILE A 465 12.99 27.02 22.46
N LEU A 466 13.14 27.92 21.49
CA LEU A 466 13.25 29.34 21.80
C LEU A 466 11.95 29.94 22.29
N GLU A 467 10.82 29.25 22.10
CA GLU A 467 9.56 29.68 22.69
C GLU A 467 9.63 29.64 24.21
N ASP A 468 10.29 28.62 24.75
CA ASP A 468 10.39 28.44 26.19
C ASP A 468 11.61 29.14 26.80
N TYR A 469 12.68 29.28 26.01
CA TYR A 469 13.88 29.95 26.51
C TYR A 469 13.67 31.44 26.73
N CYS A 470 12.84 32.08 25.92
CA CYS A 470 12.58 33.51 26.12
C CYS A 470 11.69 33.74 27.34
N TYR A 471 10.84 32.78 27.67
CA TYR A 471 10.12 32.83 28.95
C TYR A 471 11.08 32.58 30.11
N PHE A 472 12.01 31.65 29.92
CA PHE A 472 12.97 31.29 30.96
C PHE A 472 14.00 32.38 31.19
N ARG A 473 14.11 33.34 30.28
CA ARG A 473 14.82 34.58 30.52
C ARG A 473 13.89 35.76 30.73
N ASN A 474 12.58 35.53 30.67
CA ASN A 474 11.51 36.52 30.79
C ASN A 474 11.67 37.64 29.75
N TYR A 475 11.53 37.22 28.50
CA TYR A 475 11.59 38.11 27.34
C TYR A 475 10.24 38.08 26.65
N GLU A 476 9.67 39.25 26.41
CA GLU A 476 8.43 39.32 25.66
C GLU A 476 8.71 39.20 24.16
N TYR A 477 7.77 38.60 23.45
CA TYR A 477 7.93 38.36 22.02
C TYR A 477 6.58 38.05 21.40
N CYS A 478 6.60 37.91 20.08
CA CYS A 478 5.51 37.31 19.34
C CYS A 478 6.08 36.35 18.31
N ARG A 479 5.23 35.44 17.84
CA ARG A 479 5.63 34.39 16.93
C ARG A 479 4.69 34.38 15.74
N ILE A 480 5.13 34.93 14.62
CA ILE A 480 4.47 34.74 13.34
C ILE A 480 5.14 33.57 12.65
N ASP A 481 4.33 32.64 12.17
CA ASP A 481 4.84 31.41 11.59
C ASP A 481 3.75 30.84 10.69
N GLY A 482 4.10 29.82 9.93
CA GLY A 482 3.08 29.02 9.28
C GLY A 482 2.19 28.32 10.29
N SER A 483 0.95 28.06 9.86
CA SER A 483 -0.14 27.42 10.61
C SER A 483 -0.62 28.23 11.82
N THR A 484 -0.16 29.46 12.00
CA THR A 484 -0.76 30.31 13.03
C THR A 484 -2.19 30.71 12.66
N ALA A 485 -2.31 31.61 11.68
CA ALA A 485 -3.57 32.09 11.08
C ALA A 485 -3.23 33.02 9.93
N HIS A 486 -4.24 33.69 9.38
CA HIS A 486 -3.99 34.91 8.63
C HIS A 486 -4.27 36.16 9.44
N GLU A 487 -5.35 36.17 10.22
CA GLU A 487 -5.67 37.34 11.03
C GLU A 487 -4.71 37.53 12.20
N ASP A 488 -4.05 36.46 12.64
CA ASP A 488 -3.02 36.59 13.67
C ASP A 488 -1.78 37.24 13.09
N ARG A 489 -1.54 37.08 11.78
CA ARG A 489 -0.38 37.69 11.16
C ARG A 489 -0.51 39.21 11.04
N ILE A 490 -1.73 39.75 11.17
CA ILE A 490 -1.88 41.20 11.15
C ILE A 490 -1.51 41.79 12.50
N GLN A 491 -1.99 41.18 13.59
CA GLN A 491 -1.97 41.83 14.89
C GLN A 491 -0.56 41.88 15.49
N ALA A 492 0.12 40.74 15.50
CA ALA A 492 1.42 40.64 16.18
C ALA A 492 2.50 41.46 15.48
N ILE A 493 2.34 41.75 14.20
CA ILE A 493 3.19 42.73 13.54
C ILE A 493 2.89 44.12 14.07
N ASP A 494 1.60 44.45 14.21
CA ASP A 494 1.22 45.74 14.75
C ASP A 494 1.55 45.89 16.23
N ASP A 495 1.72 44.78 16.95
CA ASP A 495 2.28 44.85 18.29
C ASP A 495 3.74 45.29 18.24
N TYR A 496 4.51 44.70 17.33
CA TYR A 496 5.96 44.91 17.32
C TYR A 496 6.33 46.24 16.69
N ASN A 497 5.53 46.72 15.75
CA ASN A 497 5.74 48.04 15.16
C ASN A 497 5.01 49.14 15.91
N ALA A 498 4.32 48.81 16.99
CA ALA A 498 3.75 49.84 17.84
C ALA A 498 4.86 50.58 18.58
N PRO A 499 4.66 51.86 18.87
CA PRO A 499 5.68 52.59 19.66
C PRO A 499 5.72 52.10 21.10
N ASP A 500 6.96 52.02 21.62
CA ASP A 500 7.26 51.55 22.98
C ASP A 500 6.73 50.13 23.23
N SER A 501 6.91 49.27 22.24
CA SER A 501 6.60 47.85 22.41
C SER A 501 7.67 47.19 23.26
N LYS A 502 7.26 46.50 24.32
CA LYS A 502 8.19 45.90 25.27
C LYS A 502 8.60 44.49 24.89
N LYS A 503 8.56 44.14 23.61
CA LYS A 503 8.90 42.79 23.18
C LYS A 503 10.36 42.74 22.79
N PHE A 504 11.11 41.86 23.45
CA PHE A 504 12.56 41.88 23.34
C PHE A 504 13.01 41.28 22.01
N VAL A 505 12.47 40.11 21.65
CA VAL A 505 12.79 39.47 20.38
C VAL A 505 11.49 39.25 19.61
N PHE A 506 11.60 38.62 18.44
CA PHE A 506 10.46 38.33 17.59
C PHE A 506 10.85 37.19 16.66
N LEU A 507 10.05 36.13 16.65
CA LEU A 507 10.41 34.88 16.00
C LEU A 507 9.67 34.71 14.68
N LEU A 508 10.39 34.17 13.69
CA LEU A 508 9.87 33.92 12.36
C LEU A 508 10.63 32.75 11.73
N THR A 509 10.10 32.25 10.63
CA THR A 509 10.84 31.34 9.75
C THR A 509 11.12 32.02 8.42
N THR A 510 11.90 31.32 7.59
CA THR A 510 12.52 31.97 6.44
C THR A 510 11.55 32.14 5.28
N ARG A 511 11.07 31.03 4.73
CA ARG A 511 10.25 31.10 3.52
C ARG A 511 8.79 31.40 3.82
N ALA A 512 8.41 31.70 5.05
CA ALA A 512 7.01 31.92 5.37
C ALA A 512 6.57 33.35 5.07
N GLY A 513 7.14 34.31 5.78
CA GLY A 513 6.51 35.62 5.85
C GLY A 513 7.09 36.70 4.98
N GLY A 514 7.40 36.40 3.72
CA GLY A 514 7.97 37.40 2.85
C GLY A 514 6.93 38.20 2.07
N LEU A 515 5.77 38.40 2.69
CA LEU A 515 4.56 38.82 1.99
C LEU A 515 4.39 40.33 1.95
N GLY A 516 5.47 41.09 1.92
CA GLY A 516 5.37 42.53 1.92
C GLY A 516 5.10 43.13 3.28
N ILE A 517 5.53 42.46 4.33
CA ILE A 517 5.29 42.94 5.69
C ILE A 517 6.34 44.01 6.03
N ASN A 518 6.02 44.82 7.02
CA ASN A 518 6.91 45.89 7.45
C ASN A 518 7.42 45.56 8.86
N LEU A 519 8.72 45.33 8.97
CA LEU A 519 9.36 45.12 10.26
C LEU A 519 10.65 45.91 10.34
N THR A 520 10.63 47.15 9.82
CA THR A 520 11.82 48.00 9.85
C THR A 520 12.09 48.60 11.22
N SER A 521 11.18 48.44 12.18
CA SER A 521 11.40 48.98 13.52
C SER A 521 12.50 48.23 14.25
N ALA A 522 12.68 46.95 13.96
CA ALA A 522 13.83 46.25 14.48
C ALA A 522 15.08 46.71 13.74
N ASP A 523 16.21 46.74 14.43
CA ASP A 523 17.45 47.20 13.84
C ASP A 523 18.42 46.08 13.50
N VAL A 524 18.55 45.07 14.37
CA VAL A 524 19.41 43.93 14.08
C VAL A 524 18.52 42.74 13.73
N VAL A 525 19.06 41.84 12.90
CA VAL A 525 18.40 40.61 12.48
C VAL A 525 19.45 39.52 12.44
N VAL A 526 19.23 38.45 13.19
CA VAL A 526 20.14 37.32 13.17
C VAL A 526 19.44 36.12 12.53
N LEU A 527 20.21 35.09 12.29
CA LEU A 527 19.73 33.85 11.69
C LEU A 527 19.98 32.71 12.67
N TYR A 528 19.75 31.51 12.22
CA TYR A 528 20.17 30.39 13.03
C TYR A 528 21.03 29.42 12.26
N ASP A 529 20.74 29.19 10.98
CA ASP A 529 21.47 28.21 10.20
C ASP A 529 21.59 28.69 8.75
N SER A 530 22.24 27.86 7.94
CA SER A 530 22.39 28.14 6.53
C SER A 530 21.15 27.70 5.77
N ASP A 531 21.21 27.82 4.44
CA ASP A 531 20.09 27.45 3.59
C ASP A 531 20.65 27.12 2.22
N TRP A 532 20.02 26.15 1.55
CA TRP A 532 20.44 25.78 0.21
C TRP A 532 20.16 26.87 -0.82
N ASN A 533 19.21 27.76 -0.53
CA ASN A 533 18.96 28.91 -1.38
C ASN A 533 19.59 30.13 -0.75
N PRO A 534 20.62 30.70 -1.34
CA PRO A 534 21.23 31.89 -0.72
C PRO A 534 20.38 33.13 -0.86
N GLN A 535 19.50 33.17 -1.86
CA GLN A 535 18.63 34.33 -1.99
C GLN A 535 17.43 34.23 -1.07
N ALA A 536 17.07 33.03 -0.62
CA ALA A 536 16.02 32.91 0.38
C ALA A 536 16.48 33.48 1.72
N ASP A 537 17.76 33.31 2.05
CA ASP A 537 18.33 34.07 3.16
C ASP A 537 18.39 35.55 2.81
N LEU A 538 18.82 35.87 1.59
CA LEU A 538 19.11 37.25 1.24
C LEU A 538 17.84 38.08 1.09
N GLN A 539 16.75 37.46 0.62
CA GLN A 539 15.47 38.15 0.64
C GLN A 539 14.97 38.35 2.06
N ALA A 540 15.24 37.38 2.92
CA ALA A 540 14.87 37.50 4.32
C ALA A 540 15.73 38.51 5.07
N MET A 541 16.92 38.84 4.54
CA MET A 541 17.76 39.84 5.20
C MET A 541 17.20 41.24 5.07
N ASP A 542 16.40 41.51 4.04
CA ASP A 542 15.77 42.81 3.88
C ASP A 542 14.41 42.89 4.53
N ARG A 543 14.20 42.15 5.62
CA ARG A 543 12.97 42.29 6.39
C ARG A 543 12.90 43.65 7.05
N ALA A 544 13.99 44.08 7.68
CA ALA A 544 14.08 45.39 8.30
C ALA A 544 14.86 46.39 7.47
N HIS A 545 15.59 45.92 6.46
CA HIS A 545 16.51 46.77 5.71
C HIS A 545 15.82 47.26 4.44
N ARG A 546 14.81 48.10 4.65
CA ARG A 546 14.01 48.67 3.56
C ARG A 546 13.75 50.13 3.88
N ILE A 547 12.81 50.71 3.13
CA ILE A 547 12.46 52.13 3.28
C ILE A 547 11.80 52.34 4.63
N GLY A 548 12.34 53.29 5.40
CA GLY A 548 11.90 53.51 6.75
C GLY A 548 12.85 53.00 7.81
N GLN A 549 13.99 52.46 7.41
CA GLN A 549 15.01 52.00 8.35
C GLN A 549 15.96 53.15 8.64
N LYS A 550 16.23 53.38 9.92
CA LYS A 550 17.03 54.51 10.35
C LYS A 550 18.31 54.12 11.09
N LYS A 551 18.38 52.91 11.64
CA LYS A 551 19.53 52.45 12.38
C LYS A 551 20.31 51.42 11.56
N GLN A 552 21.50 51.11 12.04
CA GLN A 552 22.40 50.22 11.32
C GLN A 552 21.97 48.77 11.49
N VAL A 553 22.03 48.01 10.40
CA VAL A 553 21.57 46.62 10.36
C VAL A 553 22.78 45.71 10.39
N LYS A 554 22.78 44.77 11.32
CA LYS A 554 23.84 43.77 11.45
C LYS A 554 23.23 42.38 11.35
N VAL A 555 23.89 41.50 10.60
CA VAL A 555 23.42 40.14 10.38
C VAL A 555 24.42 39.17 10.97
N PHE A 556 23.97 38.30 11.86
CA PHE A 556 24.83 37.33 12.54
C PHE A 556 24.33 35.93 12.23
N ARG A 557 25.19 35.13 11.59
CA ARG A 557 24.84 33.79 11.14
C ARG A 557 25.54 32.77 12.03
N LEU A 558 24.77 31.96 12.73
CA LEU A 558 25.33 30.95 13.63
C LEU A 558 25.79 29.77 12.80
N VAL A 559 27.09 29.56 12.71
CA VAL A 559 27.69 28.53 11.87
C VAL A 559 28.42 27.55 12.78
N THR A 560 28.19 26.26 12.55
CA THR A 560 28.76 25.22 13.39
C THR A 560 30.11 24.75 12.84
N ASP A 561 31.13 24.78 13.71
CA ASP A 561 32.51 24.52 13.31
C ASP A 561 32.69 23.07 12.87
N ASN A 562 33.16 22.89 11.63
CA ASN A 562 33.64 21.63 11.07
C ASN A 562 32.56 20.54 11.11
N SER A 563 31.49 20.81 10.40
CA SER A 563 30.27 20.04 10.51
C SER A 563 29.58 20.02 9.16
N VAL A 564 28.29 19.69 9.17
CA VAL A 564 27.50 19.65 7.94
C VAL A 564 27.28 21.06 7.40
N GLU A 565 27.10 22.04 8.28
CA GLU A 565 26.72 23.38 7.87
C GLU A 565 27.85 24.11 7.13
N GLU A 566 29.11 23.83 7.48
CA GLU A 566 30.20 24.47 6.76
C GLU A 566 30.39 23.90 5.36
N LYS A 567 29.76 22.78 5.03
CA LYS A 567 29.62 22.40 3.63
C LYS A 567 28.50 23.20 2.98
N ILE A 568 27.34 23.28 3.64
CA ILE A 568 26.18 23.97 3.11
C ILE A 568 26.42 25.46 2.97
N LEU A 569 27.16 26.07 3.89
CA LEU A 569 27.42 27.50 3.83
C LEU A 569 28.31 27.86 2.65
N GLU A 570 29.34 27.06 2.40
CA GLU A 570 30.24 27.37 1.29
C GLU A 570 29.57 27.11 -0.05
N ARG A 571 28.70 26.10 -0.13
CA ARG A 571 27.88 25.91 -1.31
C ARG A 571 26.90 27.05 -1.47
N ALA A 572 26.39 27.59 -0.36
CA ALA A 572 25.58 28.79 -0.45
C ALA A 572 26.43 30.01 -0.76
N THR A 573 27.68 30.03 -0.32
CA THR A 573 28.58 31.12 -0.66
C THR A 573 28.92 31.10 -2.14
N GLN A 574 28.99 29.89 -2.71
CA GLN A 574 29.32 29.73 -4.12
C GLN A 574 28.24 30.29 -5.03
N LYS A 575 26.97 30.11 -4.66
CA LYS A 575 25.88 30.56 -5.51
C LYS A 575 25.65 32.06 -5.39
N LEU A 576 26.29 32.74 -4.43
CA LEU A 576 25.97 34.15 -4.20
C LEU A 576 26.78 35.06 -5.12
N ARG A 577 28.06 34.74 -5.35
CA ARG A 577 28.85 35.51 -6.31
C ARG A 577 28.38 35.27 -7.74
N LEU A 578 27.69 34.16 -7.97
CA LEU A 578 27.18 33.75 -9.26
C LEU A 578 26.27 34.79 -9.89
N ASP A 579 25.11 35.04 -9.30
CA ASP A 579 24.19 36.02 -9.83
C ASP A 579 24.62 37.44 -9.50
N GLN A 580 25.58 37.60 -8.58
CA GLN A 580 26.17 38.91 -8.34
C GLN A 580 27.02 39.36 -9.52
N LEU A 581 27.99 38.53 -9.91
CA LEU A 581 28.97 38.93 -10.91
C LEU A 581 28.45 38.78 -12.34
N VAL A 582 27.32 38.09 -12.53
CA VAL A 582 26.65 38.13 -13.83
C VAL A 582 26.04 39.50 -14.07
N ILE A 583 25.32 40.02 -13.09
CA ILE A 583 24.50 41.22 -13.28
C ILE A 583 25.32 42.48 -13.07
N GLN A 584 25.97 42.57 -11.92
CA GLN A 584 26.68 43.79 -11.53
C GLN A 584 27.97 43.98 -12.33
N LYS B 37 -44.12 22.85 9.25
CA LYS B 37 -42.96 22.06 9.64
C LYS B 37 -42.09 21.73 8.42
N PRO B 38 -40.78 21.68 8.64
CA PRO B 38 -39.88 21.26 7.56
C PRO B 38 -40.05 19.79 7.23
N HIS B 39 -39.40 19.38 6.14
CA HIS B 39 -39.54 18.03 5.61
C HIS B 39 -38.40 17.14 6.11
N ARG B 40 -38.72 16.24 7.03
CA ARG B 40 -37.79 15.20 7.44
C ARG B 40 -38.24 13.86 6.88
N TYR B 41 -37.32 12.90 6.91
CA TYR B 41 -37.63 11.53 6.57
C TYR B 41 -37.79 10.70 7.83
N ARG B 42 -38.46 9.57 7.67
CA ARG B 42 -38.57 8.60 8.74
C ARG B 42 -37.19 8.03 9.04
N PRO B 43 -36.94 7.61 10.28
CA PRO B 43 -35.64 7.01 10.59
C PRO B 43 -35.46 5.67 9.92
N GLY B 44 -34.59 5.63 8.91
CA GLY B 44 -34.33 4.40 8.19
C GLY B 44 -34.41 4.56 6.69
N THR B 45 -35.00 5.63 6.20
CA THR B 45 -35.09 5.82 4.76
C THR B 45 -33.75 6.20 4.18
N VAL B 46 -33.06 7.13 4.85
CA VAL B 46 -31.72 7.55 4.45
C VAL B 46 -30.75 6.38 4.49
N ALA B 47 -30.93 5.45 5.42
CA ALA B 47 -30.05 4.30 5.52
C ALA B 47 -30.16 3.39 4.31
N LEU B 48 -31.39 3.05 3.88
CA LEU B 48 -31.54 2.24 2.68
C LEU B 48 -31.05 2.96 1.44
N ARG B 49 -31.24 4.28 1.39
CA ARG B 49 -30.75 5.02 0.23
C ARG B 49 -29.22 5.00 0.19
N GLU B 50 -28.58 5.06 1.36
CA GLU B 50 -27.12 4.93 1.42
C GLU B 50 -26.68 3.53 1.01
N ILE B 51 -27.43 2.50 1.42
CA ILE B 51 -27.07 1.12 1.05
C ILE B 51 -27.10 0.94 -0.45
N ARG B 52 -28.13 1.49 -1.09
CA ARG B 52 -28.21 1.41 -2.55
C ARG B 52 -27.08 2.18 -3.20
N ARG B 53 -26.73 3.35 -2.64
CA ARG B 53 -25.71 4.17 -3.28
C ARG B 53 -24.32 3.57 -3.15
N TYR B 54 -24.02 2.88 -2.06
CA TYR B 54 -22.69 2.29 -1.98
C TYR B 54 -22.60 0.90 -2.57
N GLN B 55 -23.70 0.14 -2.62
CA GLN B 55 -23.58 -1.14 -3.31
C GLN B 55 -23.56 -0.96 -4.81
N LYS B 56 -24.16 0.11 -5.31
CA LYS B 56 -24.04 0.42 -6.73
C LYS B 56 -22.64 0.89 -7.09
N SER B 57 -21.95 1.56 -6.18
CA SER B 57 -20.65 2.15 -6.46
C SER B 57 -19.55 1.10 -6.47
N THR B 58 -18.33 1.53 -6.81
CA THR B 58 -17.17 0.65 -6.74
C THR B 58 -15.92 1.36 -6.23
N GLU B 59 -16.07 2.53 -5.62
CA GLU B 59 -14.93 3.35 -5.24
C GLU B 59 -14.17 2.74 -4.06
N LEU B 60 -13.05 3.35 -3.73
CA LEU B 60 -12.24 2.92 -2.61
C LEU B 60 -12.59 3.80 -1.42
N LEU B 61 -12.81 3.18 -0.28
CA LEU B 61 -13.84 3.68 0.61
C LEU B 61 -13.33 4.29 1.91
N ILE B 62 -12.33 3.74 2.56
CA ILE B 62 -11.69 4.44 3.66
C ILE B 62 -10.50 5.18 3.08
N ARG B 63 -10.16 6.31 3.67
CA ARG B 63 -9.35 7.29 2.97
C ARG B 63 -7.89 6.85 2.90
N LYS B 64 -7.07 7.61 2.18
CA LYS B 64 -5.77 7.08 1.78
C LYS B 64 -4.65 7.46 2.73
N LEU B 65 -4.53 8.72 3.08
CA LEU B 65 -3.43 9.15 3.95
C LEU B 65 -3.53 8.67 5.40
N PRO B 66 -4.70 8.60 6.05
CA PRO B 66 -4.72 7.92 7.35
C PRO B 66 -4.40 6.45 7.27
N PHE B 67 -4.76 5.78 6.18
CA PHE B 67 -4.43 4.38 6.06
C PHE B 67 -2.94 4.18 5.83
N GLN B 68 -2.34 5.11 5.08
CA GLN B 68 -0.89 5.18 4.92
C GLN B 68 -0.18 5.25 6.26
N ARG B 69 -0.64 6.15 7.12
CA ARG B 69 -0.01 6.28 8.42
C ARG B 69 -0.24 5.07 9.28
N LEU B 70 -1.39 4.39 9.11
CA LEU B 70 -1.63 3.19 9.89
C LEU B 70 -0.72 2.06 9.49
N VAL B 71 -0.47 1.90 8.19
CA VAL B 71 0.42 0.83 7.74
C VAL B 71 1.85 1.09 8.18
N ARG B 72 2.31 2.33 8.10
CA ARG B 72 3.65 2.65 8.57
C ARG B 72 3.78 2.46 10.07
N GLU B 73 2.74 2.82 10.83
CA GLU B 73 2.74 2.60 12.28
C GLU B 73 2.70 1.12 12.64
N ILE B 74 1.97 0.33 11.86
CA ILE B 74 1.80 -1.08 12.21
C ILE B 74 3.02 -1.88 11.81
N ALA B 75 3.83 -1.37 10.88
CA ALA B 75 5.01 -2.09 10.44
C ALA B 75 6.31 -1.47 10.92
N GLN B 76 6.24 -0.39 11.69
CA GLN B 76 7.43 0.10 12.37
C GLN B 76 7.95 -0.92 13.38
N ASP B 77 7.04 -1.71 13.94
CA ASP B 77 7.38 -2.63 15.02
C ASP B 77 8.18 -3.83 14.52
N PHE B 78 7.89 -4.31 13.31
CA PHE B 78 8.46 -5.57 12.86
C PHE B 78 9.89 -5.40 12.38
N LYS B 79 10.19 -4.26 11.76
CA LYS B 79 11.54 -3.87 11.39
C LYS B 79 11.50 -2.38 11.16
N THR B 80 12.55 -1.68 11.59
CA THR B 80 12.60 -0.25 11.39
C THR B 80 12.86 0.06 9.92
N ASP B 81 12.60 1.33 9.58
CA ASP B 81 12.91 2.04 8.33
C ASP B 81 12.76 1.21 7.05
N LEU B 82 11.54 0.73 6.83
CA LEU B 82 11.23 0.18 5.52
C LEU B 82 10.66 1.27 4.63
N ARG B 83 10.59 0.97 3.35
CA ARG B 83 9.93 1.84 2.40
C ARG B 83 8.82 1.05 1.73
N PHE B 84 7.82 1.75 1.23
CA PHE B 84 6.65 1.15 0.63
C PHE B 84 6.44 1.73 -0.74
N GLN B 85 6.38 0.87 -1.75
CA GLN B 85 5.83 1.32 -3.01
C GLN B 85 4.35 1.62 -2.80
N SER B 86 3.84 2.60 -3.54
CA SER B 86 2.48 3.06 -3.29
C SER B 86 1.45 2.05 -3.77
N SER B 87 1.79 1.24 -4.76
CA SER B 87 0.91 0.16 -5.17
C SER B 87 0.80 -0.92 -4.11
N ALA B 88 1.82 -1.08 -3.27
CA ALA B 88 1.71 -2.03 -2.16
C ALA B 88 0.72 -1.54 -1.12
N VAL B 89 0.74 -0.24 -0.81
CA VAL B 89 -0.24 0.30 0.12
C VAL B 89 -1.64 0.24 -0.46
N MET B 90 -1.78 0.45 -1.78
CA MET B 90 -3.08 0.31 -2.41
C MET B 90 -3.59 -1.13 -2.35
N ALA B 91 -2.70 -2.11 -2.54
CA ALA B 91 -3.08 -3.50 -2.44
C ALA B 91 -3.53 -3.88 -1.05
N LEU B 92 -2.78 -3.41 -0.05
CA LEU B 92 -3.10 -3.73 1.33
C LEU B 92 -4.42 -3.08 1.74
N GLN B 93 -4.69 -1.88 1.22
CA GLN B 93 -5.95 -1.21 1.53
C GLN B 93 -7.13 -1.90 0.87
N GLU B 94 -6.96 -2.35 -0.38
CA GLU B 94 -8.08 -2.99 -1.04
C GLU B 94 -8.38 -4.34 -0.41
N ALA B 95 -7.37 -5.06 0.04
CA ALA B 95 -7.60 -6.35 0.67
C ALA B 95 -8.29 -6.21 2.02
N SER B 96 -7.87 -5.23 2.83
CA SER B 96 -8.53 -5.04 4.11
C SER B 96 -9.94 -4.51 3.94
N GLU B 97 -10.18 -3.70 2.91
CA GLU B 97 -11.53 -3.24 2.62
C GLU B 97 -12.46 -4.39 2.26
N ALA B 98 -11.99 -5.30 1.40
CA ALA B 98 -12.84 -6.44 1.02
C ALA B 98 -13.11 -7.37 2.19
N TYR B 99 -12.09 -7.61 3.01
CA TYR B 99 -12.26 -8.45 4.19
C TYR B 99 -13.25 -7.86 5.18
N LEU B 100 -13.16 -6.56 5.41
CA LEU B 100 -13.98 -5.96 6.44
C LEU B 100 -15.43 -5.84 5.96
N VAL B 101 -15.63 -5.70 4.65
CA VAL B 101 -16.98 -5.72 4.09
C VAL B 101 -17.63 -7.09 4.29
N ALA B 102 -16.90 -8.16 3.96
CA ALA B 102 -17.46 -9.50 4.14
C ALA B 102 -17.73 -9.81 5.61
N LEU B 103 -16.92 -9.27 6.52
CA LEU B 103 -17.19 -9.45 7.93
C LEU B 103 -18.48 -8.76 8.36
N PHE B 104 -18.73 -7.53 7.89
CA PHE B 104 -19.99 -6.88 8.26
C PHE B 104 -21.20 -7.56 7.66
N GLU B 105 -21.05 -8.16 6.48
CA GLU B 105 -22.17 -8.89 5.88
C GLU B 105 -22.51 -10.13 6.70
N ASP B 106 -21.49 -10.84 7.19
CA ASP B 106 -21.72 -11.98 8.07
C ASP B 106 -22.32 -11.56 9.41
N THR B 107 -21.88 -10.42 9.94
CA THR B 107 -22.45 -9.91 11.18
C THR B 107 -23.90 -9.52 11.01
N ASN B 108 -24.27 -9.02 9.83
CA ASN B 108 -25.66 -8.70 9.58
C ASN B 108 -26.53 -9.94 9.54
N LEU B 109 -26.04 -11.03 8.92
CA LEU B 109 -26.75 -12.30 8.98
C LEU B 109 -26.97 -12.78 10.41
N CYS B 110 -25.94 -12.65 11.25
CA CYS B 110 -26.08 -13.15 12.62
C CYS B 110 -27.03 -12.28 13.45
N ALA B 111 -27.00 -10.97 13.23
CA ALA B 111 -27.93 -10.08 13.92
C ALA B 111 -29.36 -10.34 13.52
N ILE B 112 -29.59 -10.60 12.23
CA ILE B 112 -30.95 -10.84 11.80
C ILE B 112 -31.40 -12.24 12.17
N HIS B 113 -30.46 -13.11 12.52
CA HIS B 113 -30.80 -14.35 13.19
C HIS B 113 -31.27 -14.12 14.61
N ALA B 114 -30.70 -13.15 15.30
CA ALA B 114 -31.11 -12.92 16.68
C ALA B 114 -32.43 -12.15 16.81
N LYS B 115 -33.21 -12.01 15.72
CA LYS B 115 -34.47 -11.26 15.67
C LYS B 115 -34.30 -9.82 16.10
N ARG B 116 -33.26 -9.17 15.57
CA ARG B 116 -33.07 -7.74 15.73
C ARG B 116 -32.80 -7.11 14.39
N VAL B 117 -32.40 -5.83 14.41
CA VAL B 117 -31.88 -5.17 13.22
C VAL B 117 -30.57 -4.46 13.48
N THR B 118 -30.24 -4.16 14.73
CA THR B 118 -28.98 -3.56 15.13
C THR B 118 -27.90 -4.64 15.18
N ILE B 119 -26.68 -4.29 14.77
CA ILE B 119 -25.54 -5.15 15.01
C ILE B 119 -24.84 -4.68 16.28
N MET B 120 -24.14 -5.60 16.93
CA MET B 120 -23.62 -5.43 18.28
C MET B 120 -22.18 -5.93 18.32
N PRO B 121 -21.46 -5.85 19.44
CA PRO B 121 -20.19 -6.58 19.51
C PRO B 121 -20.35 -8.08 19.67
N LYS B 122 -21.48 -8.54 20.19
CA LYS B 122 -21.69 -9.96 20.46
C LYS B 122 -21.65 -10.77 19.18
N ASP B 123 -22.32 -10.29 18.16
CA ASP B 123 -22.34 -11.03 16.91
C ASP B 123 -21.17 -10.70 16.00
N ILE B 124 -20.51 -9.55 16.17
CA ILE B 124 -19.30 -9.35 15.39
C ILE B 124 -18.17 -10.18 15.94
N GLN B 125 -18.28 -10.68 17.17
CA GLN B 125 -17.30 -11.68 17.58
C GLN B 125 -17.81 -13.11 17.49
N LEU B 126 -19.12 -13.34 17.45
CA LEU B 126 -19.59 -14.68 17.09
C LEU B 126 -19.28 -14.98 15.64
N ALA B 127 -19.44 -14.00 14.75
CA ALA B 127 -19.29 -14.24 13.33
C ALA B 127 -17.86 -14.49 12.91
N ARG B 128 -16.89 -14.35 13.81
CA ARG B 128 -15.55 -14.81 13.53
C ARG B 128 -15.02 -15.73 14.62
N ARG B 129 -15.79 -16.00 15.66
CA ARG B 129 -15.57 -17.20 16.45
C ARG B 129 -15.97 -18.42 15.65
N ILE B 130 -17.04 -18.29 14.87
CA ILE B 130 -17.60 -19.36 14.06
C ILE B 130 -16.84 -19.55 12.76
N ARG B 131 -15.95 -18.61 12.44
CA ARG B 131 -15.20 -18.61 11.19
C ARG B 131 -13.94 -19.44 11.31
N GLY B 132 -13.32 -19.43 12.48
CA GLY B 132 -12.10 -20.16 12.71
C GLY B 132 -11.00 -19.25 13.19
N GLU B 133 -11.34 -18.02 13.58
CA GLU B 133 -10.33 -17.03 13.88
C GLU B 133 -10.16 -16.75 15.37
N ARG B 134 -11.16 -17.04 16.18
CA ARG B 134 -11.06 -16.80 17.62
C ARG B 134 -11.64 -17.97 18.40
N ALA C 15 5.14 23.54 29.85
CA ALA C 15 5.29 23.89 28.44
C ALA C 15 4.60 22.87 27.54
N LYS C 16 4.54 23.17 26.24
CA LYS C 16 3.86 22.34 25.26
C LYS C 16 4.77 21.95 24.09
N ARG C 17 6.07 21.88 24.33
CA ARG C 17 7.06 21.75 23.27
C ARG C 17 7.23 20.31 22.76
N HIS C 18 6.30 19.40 23.04
CA HIS C 18 6.53 17.99 22.74
C HIS C 18 5.41 17.42 21.87
N ARG C 19 5.73 16.30 21.23
CA ARG C 19 4.85 15.60 20.30
C ARG C 19 3.95 14.58 20.97
N LYS C 20 3.83 14.62 22.30
CA LYS C 20 3.03 13.62 23.00
C LYS C 20 1.53 13.90 22.86
N VAL C 21 1.16 15.14 22.54
CA VAL C 21 -0.24 15.55 22.45
C VAL C 21 -0.69 15.38 21.00
N LEU C 22 -1.21 14.18 20.70
CA LEU C 22 -1.67 13.85 19.36
C LEU C 22 -2.61 12.66 19.44
N ARG C 23 -3.71 12.74 18.70
CA ARG C 23 -4.64 11.61 18.61
C ARG C 23 -4.01 10.50 17.78
N ASP C 24 -3.90 9.32 18.37
CA ASP C 24 -3.09 8.24 17.82
C ASP C 24 -3.69 7.67 16.54
N ASN C 25 -2.98 6.72 15.96
CA ASN C 25 -2.97 6.55 14.52
C ASN C 25 -4.06 5.61 14.03
N ILE C 26 -4.52 4.68 14.86
CA ILE C 26 -5.68 3.85 14.49
C ILE C 26 -6.95 4.67 14.48
N GLN C 27 -6.99 5.79 15.20
CA GLN C 27 -8.14 6.67 15.23
C GLN C 27 -8.33 7.47 13.96
N GLY C 28 -7.41 7.37 13.00
CA GLY C 28 -7.64 7.92 11.69
C GLY C 28 -8.73 7.21 10.93
N ILE C 29 -9.02 5.96 11.27
CA ILE C 29 -10.15 5.26 10.67
C ILE C 29 -11.38 5.79 11.37
N THR C 30 -12.00 6.80 10.76
CA THR C 30 -13.02 7.60 11.42
C THR C 30 -14.31 6.81 11.57
N LYS C 31 -15.16 7.32 12.46
CA LYS C 31 -16.51 6.76 12.61
C LYS C 31 -17.37 6.79 11.33
N PRO C 32 -17.40 7.83 10.50
CA PRO C 32 -18.15 7.69 9.24
C PRO C 32 -17.49 6.80 8.22
N ALA C 33 -16.20 6.48 8.34
CA ALA C 33 -15.59 5.59 7.35
C ALA C 33 -16.05 4.16 7.56
N ILE C 34 -16.00 3.68 8.80
CA ILE C 34 -16.59 2.39 9.15
C ILE C 34 -18.10 2.40 8.95
N ARG C 35 -18.75 3.56 9.13
CA ARG C 35 -20.17 3.68 8.81
C ARG C 35 -20.45 3.38 7.34
N ARG C 36 -19.70 4.01 6.44
CA ARG C 36 -19.86 3.74 5.00
C ARG C 36 -19.50 2.31 4.67
N LEU C 37 -18.50 1.78 5.36
CA LEU C 37 -17.99 0.45 5.06
C LEU C 37 -18.95 -0.63 5.49
N ALA C 38 -19.78 -0.34 6.48
CA ALA C 38 -20.88 -1.22 6.84
C ALA C 38 -22.11 -0.98 6.00
N ARG C 39 -22.30 0.22 5.46
CA ARG C 39 -23.41 0.42 4.53
C ARG C 39 -23.23 -0.40 3.27
N ARG C 40 -21.99 -0.51 2.78
CA ARG C 40 -21.76 -1.38 1.63
C ARG C 40 -22.05 -2.84 1.97
N GLY C 41 -21.78 -3.26 3.20
CA GLY C 41 -22.12 -4.61 3.61
C GLY C 41 -23.60 -4.86 3.76
N GLY C 42 -24.42 -3.82 3.81
CA GLY C 42 -25.85 -3.99 3.79
C GLY C 42 -26.47 -4.13 5.16
N VAL C 43 -26.13 -3.24 6.08
CA VAL C 43 -26.71 -3.26 7.41
C VAL C 43 -27.37 -1.92 7.67
N LYS C 44 -28.54 -1.94 8.31
CA LYS C 44 -29.33 -0.72 8.40
C LYS C 44 -28.97 0.11 9.62
N ARG C 45 -28.87 -0.50 10.79
CA ARG C 45 -28.78 0.24 12.03
C ARG C 45 -27.60 -0.27 12.82
N ILE C 46 -26.71 0.62 13.25
CA ILE C 46 -25.42 0.26 13.82
C ILE C 46 -25.33 0.75 15.24
N SER C 47 -24.87 -0.10 16.16
CA SER C 47 -24.72 0.29 17.55
C SER C 47 -23.54 1.23 17.72
N GLY C 48 -23.33 1.67 18.94
CA GLY C 48 -22.25 2.59 19.20
C GLY C 48 -20.95 1.96 19.60
N LEU C 49 -20.94 0.64 19.79
CA LEU C 49 -19.76 -0.06 20.25
C LEU C 49 -19.12 -0.88 19.16
N ILE C 50 -19.54 -0.70 17.91
CA ILE C 50 -18.91 -1.40 16.80
C ILE C 50 -17.52 -0.84 16.54
N TYR C 51 -17.33 0.44 16.84
CA TYR C 51 -16.22 1.19 16.26
C TYR C 51 -14.89 0.77 16.85
N GLU C 52 -14.82 0.68 18.18
CA GLU C 52 -13.57 0.30 18.81
C GLU C 52 -13.22 -1.16 18.53
N GLU C 53 -14.24 -2.02 18.50
CA GLU C 53 -14.00 -3.43 18.22
C GLU C 53 -13.56 -3.63 16.78
N THR C 54 -14.07 -2.81 15.87
CA THR C 54 -13.68 -2.92 14.48
C THR C 54 -12.27 -2.43 14.25
N ARG C 55 -11.87 -1.39 14.98
CA ARG C 55 -10.46 -0.98 14.95
C ARG C 55 -9.56 -2.08 15.48
N GLY C 56 -10.02 -2.82 16.50
CA GLY C 56 -9.26 -3.97 16.96
C GLY C 56 -9.14 -5.07 15.92
N VAL C 57 -10.23 -5.35 15.21
CA VAL C 57 -10.22 -6.42 14.21
C VAL C 57 -9.32 -6.06 13.03
N LEU C 58 -9.36 -4.80 12.60
CA LEU C 58 -8.52 -4.38 11.49
C LEU C 58 -7.06 -4.37 11.88
N LYS C 59 -6.75 -3.99 13.12
CA LYS C 59 -5.37 -4.00 13.56
C LYS C 59 -4.81 -5.41 13.61
N VAL C 60 -5.65 -6.38 14.02
CA VAL C 60 -5.22 -7.78 14.02
C VAL C 60 -4.94 -8.28 12.61
N PHE C 61 -5.86 -8.03 11.69
CA PHE C 61 -5.72 -8.52 10.32
C PHE C 61 -4.50 -7.94 9.62
N LEU C 62 -4.36 -6.62 9.65
CA LEU C 62 -3.20 -5.97 9.04
C LEU C 62 -1.90 -6.39 9.69
N GLU C 63 -1.90 -6.66 10.99
CA GLU C 63 -0.67 -7.05 11.66
C GLU C 63 -0.15 -8.38 11.15
N ASN C 64 -1.06 -9.35 10.95
CA ASN C 64 -0.65 -10.63 10.40
C ASN C 64 -0.17 -10.52 8.96
N VAL C 65 -0.91 -9.78 8.12
CA VAL C 65 -0.53 -9.68 6.71
C VAL C 65 0.79 -8.93 6.55
N ILE C 66 0.99 -7.86 7.31
CA ILE C 66 2.20 -7.07 7.13
C ILE C 66 3.41 -7.77 7.75
N ARG C 67 3.20 -8.67 8.72
CA ARG C 67 4.30 -9.50 9.17
C ARG C 67 4.75 -10.48 8.10
N ASP C 68 3.79 -11.11 7.40
CA ASP C 68 4.18 -12.01 6.31
C ASP C 68 4.86 -11.26 5.17
N ALA C 69 4.40 -10.04 4.89
CA ALA C 69 5.00 -9.27 3.81
C ALA C 69 6.42 -8.85 4.14
N VAL C 70 6.67 -8.45 5.39
CA VAL C 70 8.03 -8.05 5.73
C VAL C 70 8.95 -9.27 5.80
N THR C 71 8.42 -10.47 6.08
CA THR C 71 9.25 -11.66 5.98
C THR C 71 9.66 -11.94 4.54
N TYR C 72 8.72 -11.82 3.60
CA TYR C 72 9.07 -12.03 2.20
C TYR C 72 10.04 -10.98 1.68
N THR C 73 9.96 -9.74 2.15
CA THR C 73 10.93 -8.75 1.71
C THR C 73 12.31 -9.01 2.29
N GLU C 74 12.38 -9.21 3.60
CA GLU C 74 13.65 -9.38 4.29
C GLU C 74 14.36 -10.66 3.88
N HIS C 75 13.66 -11.63 3.31
CA HIS C 75 14.36 -12.76 2.70
C HIS C 75 15.16 -12.35 1.49
N ALA C 76 14.59 -11.53 0.62
CA ALA C 76 15.22 -11.23 -0.66
C ALA C 76 16.27 -10.14 -0.57
N LYS C 77 16.62 -9.71 0.66
CA LYS C 77 17.62 -8.67 0.92
C LYS C 77 17.29 -7.35 0.22
N ARG C 78 16.02 -6.98 0.25
CA ARG C 78 15.62 -5.65 -0.13
C ARG C 78 15.37 -4.82 1.12
N LYS C 79 14.96 -3.58 0.93
CA LYS C 79 14.52 -2.73 2.03
C LYS C 79 13.22 -2.02 1.69
N THR C 80 12.47 -2.50 0.71
CA THR C 80 11.27 -1.84 0.24
C THR C 80 10.24 -2.88 -0.15
N VAL C 81 9.01 -2.71 0.34
CA VAL C 81 7.95 -3.71 0.13
C VAL C 81 7.27 -3.44 -1.20
N THR C 82 7.21 -4.45 -2.06
CA THR C 82 6.59 -4.29 -3.36
C THR C 82 5.12 -4.70 -3.30
N ALA C 83 4.44 -4.62 -4.43
CA ALA C 83 3.06 -5.07 -4.48
C ALA C 83 2.95 -6.58 -4.62
N MET C 84 3.88 -7.20 -5.34
CA MET C 84 3.91 -8.65 -5.46
C MET C 84 4.14 -9.32 -4.13
N ASP C 85 4.87 -8.63 -3.25
CA ASP C 85 5.06 -9.06 -1.87
C ASP C 85 3.73 -9.20 -1.14
N VAL C 86 2.90 -8.17 -1.21
CA VAL C 86 1.61 -8.18 -0.54
C VAL C 86 0.69 -9.22 -1.16
N VAL C 87 0.82 -9.43 -2.48
CA VAL C 87 0.03 -10.45 -3.16
C VAL C 87 0.40 -11.85 -2.67
N TYR C 88 1.70 -12.10 -2.48
CA TYR C 88 2.15 -13.40 -2.00
C TYR C 88 1.72 -13.66 -0.57
N ALA C 89 1.77 -12.62 0.27
CA ALA C 89 1.30 -12.76 1.65
C ALA C 89 -0.18 -13.09 1.71
N LEU C 90 -1.00 -12.32 0.98
CA LEU C 90 -2.44 -12.58 0.95
C LEU C 90 -2.79 -13.89 0.28
N LYS C 91 -1.97 -14.39 -0.63
CA LYS C 91 -2.26 -15.68 -1.23
C LYS C 91 -1.94 -16.82 -0.29
N ARG C 92 -0.82 -16.69 0.41
CA ARG C 92 -0.44 -17.72 1.39
C ARG C 92 -1.44 -17.82 2.51
N GLN C 93 -1.98 -16.68 2.94
CA GLN C 93 -2.96 -16.72 4.01
C GLN C 93 -4.31 -17.23 3.53
N GLY C 94 -4.60 -17.15 2.24
CA GLY C 94 -5.83 -17.69 1.70
C GLY C 94 -6.82 -16.60 1.31
N ARG C 95 -6.31 -15.48 0.80
CA ARG C 95 -7.12 -14.33 0.44
C ARG C 95 -6.66 -13.78 -0.91
N THR C 96 -6.57 -14.65 -1.92
CA THR C 96 -5.86 -14.35 -3.16
C THR C 96 -6.44 -13.15 -3.88
N LEU C 97 -5.58 -12.23 -4.31
CA LEU C 97 -6.00 -10.93 -4.80
C LEU C 97 -5.64 -10.82 -6.26
N TYR C 98 -6.63 -10.74 -7.12
CA TYR C 98 -6.40 -10.53 -8.54
C TYR C 98 -6.33 -9.05 -8.85
N GLY C 99 -5.47 -8.69 -9.78
CA GLY C 99 -5.38 -7.34 -10.26
C GLY C 99 -3.99 -6.76 -10.21
N PHE C 100 -3.12 -7.25 -9.34
CA PHE C 100 -1.81 -6.68 -9.14
C PHE C 100 -0.69 -7.64 -9.44
N GLY C 101 -0.99 -8.90 -9.72
CA GLY C 101 0.02 -9.91 -9.97
C GLY C 101 0.68 -9.79 -11.32
N ALA D 12 39.87 -44.41 5.60
CA ALA D 12 38.59 -43.73 5.53
C ALA D 12 37.48 -44.58 6.14
N LYS D 13 37.03 -44.20 7.33
CA LYS D 13 35.91 -44.85 8.00
C LYS D 13 34.69 -43.96 7.90
N ALA D 14 33.57 -44.53 7.46
CA ALA D 14 32.36 -43.76 7.21
C ALA D 14 31.73 -43.31 8.53
N LYS D 15 31.51 -42.00 8.66
CA LYS D 15 30.86 -41.42 9.81
C LYS D 15 29.61 -40.68 9.35
N THR D 16 28.46 -41.06 9.91
CA THR D 16 27.19 -40.51 9.46
C THR D 16 27.05 -39.06 9.88
N ARG D 17 26.41 -38.26 9.04
CA ARG D 17 26.24 -36.86 9.36
C ARG D 17 24.94 -36.58 10.10
N SER D 18 24.28 -37.61 10.62
CA SER D 18 23.37 -37.38 11.72
C SER D 18 24.13 -37.19 13.02
N SER D 19 25.39 -37.62 13.05
CA SER D 19 26.24 -37.53 14.21
C SER D 19 27.12 -36.29 14.20
N ARG D 20 27.45 -35.78 13.02
CA ARG D 20 28.23 -34.56 12.94
C ARG D 20 27.47 -33.37 13.49
N ALA D 21 26.22 -33.20 13.04
CA ALA D 21 25.36 -32.20 13.63
C ALA D 21 24.86 -32.61 15.01
N GLY D 22 24.95 -33.88 15.35
CA GLY D 22 24.52 -34.33 16.66
C GLY D 22 23.02 -34.35 16.78
N LEU D 23 22.36 -35.12 15.92
CA LEU D 23 20.90 -35.20 15.90
C LEU D 23 20.51 -36.66 15.98
N GLN D 24 19.21 -36.90 16.16
CA GLN D 24 18.69 -38.26 16.10
C GLN D 24 18.00 -38.56 14.78
N PHE D 25 17.33 -37.58 14.18
CA PHE D 25 16.71 -37.77 12.88
C PHE D 25 17.77 -37.96 11.79
N PRO D 26 17.46 -38.70 10.73
CA PRO D 26 18.46 -38.93 9.69
C PRO D 26 18.60 -37.73 8.78
N VAL D 27 19.79 -37.55 8.26
CA VAL D 27 20.05 -36.43 7.37
C VAL D 27 20.19 -36.89 5.93
N GLY D 28 20.76 -38.08 5.72
CA GLY D 28 20.85 -38.62 4.38
C GLY D 28 19.49 -38.96 3.82
N ARG D 29 18.59 -39.46 4.66
CA ARG D 29 17.25 -39.78 4.21
C ARG D 29 16.47 -38.54 3.83
N VAL D 30 16.57 -37.49 4.63
CA VAL D 30 15.83 -36.28 4.31
C VAL D 30 16.48 -35.56 3.14
N HIS D 31 17.77 -35.76 2.93
CA HIS D 31 18.44 -35.20 1.75
C HIS D 31 17.97 -35.90 0.47
N ARG D 32 17.95 -37.24 0.48
CA ARG D 32 17.47 -37.99 -0.67
C ARG D 32 16.01 -37.68 -0.97
N LEU D 33 15.20 -37.57 0.07
CA LEU D 33 13.78 -37.36 -0.13
C LEU D 33 13.50 -35.95 -0.63
N LEU D 34 14.26 -34.97 -0.13
CA LEU D 34 14.13 -33.60 -0.60
C LEU D 34 14.62 -33.45 -2.02
N ARG D 35 15.61 -34.25 -2.43
CA ARG D 35 16.06 -34.20 -3.81
C ARG D 35 15.05 -34.85 -4.74
N LYS D 36 14.67 -36.09 -4.46
CA LYS D 36 13.79 -36.84 -5.34
C LYS D 36 12.33 -36.43 -5.24
N GLY D 37 11.99 -35.44 -4.42
CA GLY D 37 10.63 -34.94 -4.44
C GLY D 37 10.45 -33.65 -5.21
N ASN D 38 11.34 -33.40 -6.17
CA ASN D 38 11.41 -32.31 -7.15
C ASN D 38 10.92 -30.94 -6.67
N TYR D 39 11.41 -30.52 -5.53
CA TYR D 39 11.09 -29.21 -4.99
C TYR D 39 11.84 -28.12 -5.75
N ALA D 40 13.16 -28.15 -5.71
CA ALA D 40 13.97 -27.26 -6.50
C ALA D 40 14.93 -28.08 -7.34
N GLU D 41 15.68 -27.39 -8.19
CA GLU D 41 16.54 -28.07 -9.16
C GLU D 41 17.91 -28.40 -8.57
N ARG D 42 18.32 -27.68 -7.53
CA ARG D 42 19.57 -27.92 -6.83
C ARG D 42 19.30 -27.75 -5.35
N VAL D 43 20.01 -28.50 -4.51
CA VAL D 43 19.86 -28.33 -3.07
C VAL D 43 21.20 -27.93 -2.49
N GLY D 44 21.14 -27.31 -1.33
CA GLY D 44 22.33 -26.91 -0.62
C GLY D 44 22.87 -28.05 0.19
N ALA D 45 23.87 -27.73 1.00
CA ALA D 45 24.40 -28.70 1.95
C ALA D 45 23.82 -28.52 3.34
N GLY D 46 23.40 -27.30 3.68
CA GLY D 46 22.90 -27.04 5.01
C GLY D 46 21.42 -27.28 5.19
N ALA D 47 20.68 -27.35 4.10
CA ALA D 47 19.23 -27.53 4.16
C ALA D 47 18.76 -28.85 4.78
N PRO D 48 19.31 -30.03 4.46
CA PRO D 48 18.82 -31.23 5.17
C PRO D 48 19.20 -31.25 6.62
N VAL D 49 20.32 -30.65 7.00
CA VAL D 49 20.68 -30.52 8.41
C VAL D 49 19.70 -29.61 9.13
N TYR D 50 19.29 -28.53 8.47
CA TYR D 50 18.38 -27.60 9.11
C TYR D 50 16.99 -28.21 9.28
N LEU D 51 16.53 -28.94 8.27
CA LEU D 51 15.24 -29.64 8.39
C LEU D 51 15.28 -30.73 9.44
N ALA D 52 16.38 -31.47 9.53
CA ALA D 52 16.53 -32.46 10.57
C ALA D 52 16.43 -31.84 11.95
N ALA D 53 17.02 -30.65 12.12
CA ALA D 53 16.94 -29.98 13.42
C ALA D 53 15.53 -29.53 13.74
N VAL D 54 14.80 -28.97 12.77
CA VAL D 54 13.46 -28.48 13.14
C VAL D 54 12.48 -29.63 13.33
N LEU D 55 12.68 -30.77 12.65
CA LEU D 55 11.81 -31.90 12.90
C LEU D 55 12.10 -32.52 14.26
N GLU D 56 13.38 -32.54 14.66
CA GLU D 56 13.76 -32.87 16.04
C GLU D 56 13.00 -32.04 17.06
N TYR D 57 13.03 -30.72 16.88
CA TYR D 57 12.42 -29.83 17.87
C TYR D 57 10.92 -30.03 17.95
N LEU D 58 10.24 -30.13 16.80
CA LEU D 58 8.79 -30.25 16.82
C LEU D 58 8.35 -31.58 17.39
N THR D 59 9.03 -32.68 17.02
CA THR D 59 8.66 -33.99 17.53
C THR D 59 8.91 -34.08 19.03
N ALA D 60 10.04 -33.54 19.49
CA ALA D 60 10.34 -33.57 20.91
C ALA D 60 9.35 -32.74 21.70
N GLU D 61 8.87 -31.64 21.14
CA GLU D 61 7.97 -30.78 21.88
C GLU D 61 6.58 -31.40 22.03
N ILE D 62 6.02 -31.91 20.92
CA ILE D 62 4.68 -32.50 21.00
C ILE D 62 4.72 -33.79 21.80
N LEU D 63 5.81 -34.54 21.72
CA LEU D 63 5.90 -35.78 22.46
C LEU D 63 6.14 -35.56 23.93
N GLU D 64 6.80 -34.45 24.29
CA GLU D 64 6.96 -34.11 25.70
C GLU D 64 5.63 -33.74 26.34
N LEU D 65 4.81 -32.94 25.63
CA LEU D 65 3.49 -32.64 26.18
C LEU D 65 2.59 -33.87 26.25
N ALA D 66 2.70 -34.77 25.26
CA ALA D 66 1.93 -36.01 25.34
C ALA D 66 2.40 -36.90 26.48
N GLY D 67 3.69 -36.88 26.79
CA GLY D 67 4.19 -37.68 27.90
C GLY D 67 3.69 -37.18 29.23
N ASN D 68 3.67 -35.85 29.41
CA ASN D 68 3.06 -35.26 30.61
C ASN D 68 1.58 -35.63 30.72
N ALA D 69 0.84 -35.53 29.61
CA ALA D 69 -0.57 -35.86 29.66
C ALA D 69 -0.84 -37.33 29.84
N ALA D 70 0.11 -38.19 29.47
CA ALA D 70 -0.05 -39.61 29.73
C ALA D 70 0.21 -39.93 31.19
N ARG D 71 1.26 -39.33 31.76
CA ARG D 71 1.55 -39.52 33.18
C ARG D 71 0.48 -38.91 34.07
N ASP D 72 -0.27 -37.93 33.56
CA ASP D 72 -1.36 -37.32 34.32
C ASP D 72 -2.48 -38.31 34.58
N ASN D 73 -2.79 -39.18 33.62
CA ASN D 73 -3.81 -40.19 33.81
C ASN D 73 -3.27 -41.51 34.31
N LYS D 74 -2.07 -41.49 34.91
CA LYS D 74 -1.44 -42.65 35.57
C LYS D 74 -1.24 -43.81 34.60
N LYS D 75 -0.82 -43.50 33.39
CA LYS D 75 -0.57 -44.49 32.36
C LYS D 75 0.83 -44.31 31.83
N THR D 76 1.50 -45.42 31.56
CA THR D 76 2.82 -45.34 30.95
C THR D 76 2.70 -45.19 29.43
N ARG D 77 2.16 -46.21 28.76
CA ARG D 77 2.14 -46.27 27.32
C ARG D 77 1.09 -45.30 26.77
N ILE D 78 1.47 -44.51 25.77
CA ILE D 78 0.63 -43.39 25.38
C ILE D 78 -0.38 -43.81 24.33
N ILE D 79 -1.46 -43.03 24.27
CA ILE D 79 -2.66 -43.32 23.48
C ILE D 79 -2.83 -42.14 22.55
N PRO D 80 -3.48 -42.32 21.39
CA PRO D 80 -3.86 -41.14 20.58
C PRO D 80 -4.72 -40.11 21.29
N ARG D 81 -5.48 -40.52 22.30
CA ARG D 81 -6.21 -39.57 23.14
C ARG D 81 -5.27 -38.60 23.84
N HIS D 82 -4.09 -39.10 24.26
CA HIS D 82 -3.14 -38.24 24.93
C HIS D 82 -2.50 -37.25 23.97
N LEU D 83 -2.28 -37.67 22.73
CA LEU D 83 -1.81 -36.76 21.69
C LEU D 83 -2.85 -35.70 21.41
N GLN D 84 -4.12 -36.08 21.40
CA GLN D 84 -5.20 -35.12 21.20
C GLN D 84 -5.23 -34.07 22.29
N LEU D 85 -5.09 -34.49 23.55
CA LEU D 85 -5.07 -33.52 24.66
C LEU D 85 -3.84 -32.63 24.61
N ALA D 86 -2.68 -33.20 24.25
CA ALA D 86 -1.47 -32.40 24.20
C ALA D 86 -1.47 -31.43 23.02
N VAL D 87 -2.15 -31.79 21.93
CA VAL D 87 -2.26 -30.88 20.80
C VAL D 87 -3.20 -29.74 21.13
N ARG D 88 -4.43 -30.06 21.53
CA ARG D 88 -5.41 -28.99 21.63
C ARG D 88 -5.51 -28.40 23.01
N ASN D 89 -4.58 -28.72 23.90
CA ASN D 89 -4.56 -28.08 25.19
C ASN D 89 -3.52 -26.98 25.27
N ASP D 90 -2.54 -26.98 24.36
CA ASP D 90 -1.62 -25.88 24.18
C ASP D 90 -2.29 -24.84 23.27
N GLU D 91 -1.57 -23.79 22.91
CA GLU D 91 -2.15 -22.69 22.15
C GLU D 91 -1.48 -22.49 20.80
N GLU D 92 -0.17 -22.38 20.77
CA GLU D 92 0.57 -22.22 19.53
C GLU D 92 0.60 -23.52 18.72
N LEU D 93 0.73 -24.65 19.38
CA LEU D 93 0.70 -25.93 18.70
C LEU D 93 -0.71 -26.29 18.27
N ASN D 94 -1.71 -25.70 18.91
CA ASN D 94 -3.08 -25.72 18.41
C ASN D 94 -3.21 -24.85 17.18
N LYS D 95 -2.53 -23.71 17.14
CA LYS D 95 -2.61 -22.82 16.00
C LYS D 95 -1.98 -23.43 14.75
N LEU D 96 -0.92 -24.22 14.93
CA LEU D 96 -0.32 -24.91 13.79
C LEU D 96 -1.25 -25.99 13.25
N LEU D 97 -1.67 -26.93 14.11
CA LEU D 97 -2.44 -28.09 13.71
C LEU D 97 -3.93 -27.86 13.83
N GLY D 98 -4.41 -26.64 13.60
CA GLY D 98 -5.80 -26.33 13.92
C GLY D 98 -6.79 -26.89 12.95
N ARG D 99 -6.35 -27.29 11.77
CA ARG D 99 -7.24 -27.73 10.73
C ARG D 99 -7.23 -29.23 10.56
N VAL D 100 -6.21 -29.91 11.04
CA VAL D 100 -6.13 -31.35 10.91
C VAL D 100 -6.96 -32.00 12.01
N THR D 101 -7.57 -33.14 11.70
CA THR D 101 -8.18 -33.95 12.74
C THR D 101 -7.16 -34.97 13.21
N ILE D 102 -7.58 -35.95 13.99
CA ILE D 102 -6.67 -36.94 14.52
C ILE D 102 -7.50 -38.20 14.70
N ALA D 103 -6.89 -39.36 14.50
CA ALA D 103 -7.66 -40.59 14.57
C ALA D 103 -7.79 -41.02 16.00
N GLN D 104 -9.01 -41.41 16.39
CA GLN D 104 -9.34 -41.94 17.71
C GLN D 104 -9.00 -40.96 18.82
N GLY D 105 -9.28 -39.68 18.57
CA GLY D 105 -8.80 -38.64 19.47
C GLY D 105 -9.83 -38.09 20.42
N GLY D 106 -11.04 -37.87 19.95
CA GLY D 106 -12.07 -37.35 20.82
C GLY D 106 -11.92 -35.85 21.07
N VAL D 107 -12.79 -35.35 21.93
CA VAL D 107 -12.92 -33.93 22.21
C VAL D 107 -12.56 -33.68 23.66
N LEU D 108 -11.79 -32.64 23.92
CA LEU D 108 -11.50 -32.22 25.28
C LEU D 108 -12.75 -31.65 25.95
N PRO D 109 -12.92 -31.89 27.25
CA PRO D 109 -14.21 -31.58 27.90
C PRO D 109 -14.43 -30.09 28.10
N ASN D 110 -15.52 -29.57 27.52
CA ASN D 110 -16.04 -28.28 27.93
C ASN D 110 -17.55 -28.23 27.69
N ILE D 111 -18.24 -27.61 28.63
CA ILE D 111 -19.67 -27.39 28.55
C ILE D 111 -19.86 -25.88 28.64
N GLN D 112 -20.85 -25.35 27.93
CA GLN D 112 -21.12 -23.93 27.95
C GLN D 112 -21.59 -23.48 29.32
N SER D 113 -21.40 -22.19 29.58
CA SER D 113 -21.45 -21.68 30.95
C SER D 113 -22.88 -21.52 31.44
N VAL D 114 -23.79 -21.04 30.59
CA VAL D 114 -25.14 -20.73 31.02
C VAL D 114 -26.07 -21.88 30.70
N LEU D 115 -25.50 -23.07 30.48
CA LEU D 115 -26.29 -24.25 30.17
C LEU D 115 -26.48 -25.12 31.40
N LEU D 116 -25.40 -25.40 32.12
CA LEU D 116 -25.46 -26.20 33.32
C LEU D 116 -26.18 -25.45 34.44
N PRO D 117 -26.90 -26.15 35.31
CA PRO D 117 -27.70 -25.46 36.33
C PRO D 117 -26.83 -24.86 37.43
N LYS D 118 -27.44 -23.96 38.19
CA LYS D 118 -26.75 -23.29 39.28
C LYS D 118 -27.66 -23.10 40.50
N THR E 29 8.18 -53.93 -0.99
CA THR E 29 8.12 -54.58 0.32
C THR E 29 8.82 -53.69 1.34
N ARG E 30 9.85 -53.00 0.87
CA ARG E 30 10.60 -52.08 1.71
C ARG E 30 9.78 -50.82 1.98
N LYS E 31 9.59 -50.49 3.26
CA LYS E 31 8.77 -49.34 3.64
C LYS E 31 9.48 -48.54 4.72
N GLU E 32 9.69 -47.25 4.45
CA GLU E 32 10.41 -46.34 5.34
C GLU E 32 9.40 -45.56 6.17
N SER E 33 9.62 -45.47 7.47
CA SER E 33 8.50 -45.19 8.37
C SER E 33 8.79 -44.25 9.52
N TYR E 34 9.99 -43.67 9.63
CA TYR E 34 10.35 -42.67 10.67
C TYR E 34 10.18 -43.16 12.10
N ALA E 35 10.00 -44.46 12.33
CA ALA E 35 9.49 -44.90 13.61
C ALA E 35 10.58 -44.95 14.65
N ILE E 36 11.76 -45.42 14.27
CA ILE E 36 12.83 -45.63 15.23
C ILE E 36 13.40 -44.30 15.70
N TYR E 37 13.29 -43.27 14.87
CA TYR E 37 13.80 -41.97 15.26
C TYR E 37 12.88 -41.32 16.27
N VAL E 38 11.57 -41.48 16.08
CA VAL E 38 10.58 -41.04 17.05
C VAL E 38 10.76 -41.77 18.36
N TYR E 39 11.10 -43.06 18.28
CA TYR E 39 11.30 -43.81 19.52
C TYR E 39 12.58 -43.39 20.24
N LYS E 40 13.62 -43.00 19.50
CA LYS E 40 14.84 -42.50 20.15
C LYS E 40 14.59 -41.16 20.83
N VAL E 41 13.84 -40.27 20.18
CA VAL E 41 13.53 -38.99 20.80
C VAL E 41 12.64 -39.19 22.02
N LEU E 42 11.75 -40.18 21.97
CA LEU E 42 10.95 -40.51 23.14
C LEU E 42 11.80 -41.06 24.27
N LYS E 43 12.77 -41.89 23.96
CA LYS E 43 13.62 -42.43 25.01
C LYS E 43 14.63 -41.43 25.53
N GLN E 44 14.83 -40.29 24.88
CA GLN E 44 15.62 -39.26 25.55
C GLN E 44 14.80 -38.06 26.01
N VAL E 45 13.47 -38.12 25.91
CA VAL E 45 12.66 -37.12 26.60
C VAL E 45 12.11 -37.72 27.90
N HIS E 46 11.33 -38.78 27.79
CA HIS E 46 10.85 -39.52 28.96
C HIS E 46 11.47 -40.90 28.92
N PRO E 47 12.44 -41.20 29.78
CA PRO E 47 13.23 -42.44 29.62
C PRO E 47 12.49 -43.72 29.94
N ASP E 48 11.24 -43.67 30.39
CA ASP E 48 10.50 -44.86 30.76
C ASP E 48 9.15 -44.99 30.10
N THR E 49 8.71 -44.00 29.32
CA THR E 49 7.39 -44.00 28.73
C THR E 49 7.40 -44.70 27.38
N GLY E 50 6.42 -45.58 27.16
CA GLY E 50 6.28 -46.26 25.90
C GLY E 50 5.19 -45.67 25.03
N ILE E 51 5.07 -46.23 23.83
CA ILE E 51 4.16 -45.71 22.81
C ILE E 51 3.50 -46.87 22.10
N SER E 52 2.22 -46.73 21.82
CA SER E 52 1.51 -47.75 21.07
C SER E 52 1.72 -47.54 19.58
N SER E 53 1.30 -48.51 18.79
CA SER E 53 1.58 -48.45 17.36
C SER E 53 0.66 -47.49 16.63
N LYS E 54 -0.54 -47.26 17.16
CA LYS E 54 -1.42 -46.26 16.54
C LYS E 54 -0.86 -44.86 16.73
N ALA E 55 -0.29 -44.58 17.90
CA ALA E 55 0.32 -43.28 18.13
C ALA E 55 1.58 -43.12 17.29
N MET E 56 2.33 -44.20 17.09
CA MET E 56 3.52 -44.12 16.26
C MET E 56 3.16 -43.87 14.80
N SER E 57 2.09 -44.51 14.32
CA SER E 57 1.62 -44.25 12.98
C SER E 57 1.12 -42.81 12.83
N ILE E 58 0.49 -42.29 13.87
CA ILE E 58 -0.08 -40.95 13.76
C ILE E 58 1.04 -39.91 13.77
N MET E 59 2.15 -40.21 14.43
CA MET E 59 3.23 -39.24 14.48
C MET E 59 4.15 -39.35 13.28
N ASN E 60 4.22 -40.54 12.68
CA ASN E 60 4.78 -40.70 11.35
C ASN E 60 4.08 -39.81 10.35
N SER E 61 2.74 -39.84 10.37
CA SER E 61 2.00 -38.99 9.44
C SER E 61 2.19 -37.51 9.77
N PHE E 62 2.39 -37.20 11.05
CA PHE E 62 2.65 -35.81 11.45
C PHE E 62 3.96 -35.29 10.87
N VAL E 63 5.04 -36.07 10.98
CA VAL E 63 6.31 -35.54 10.48
C VAL E 63 6.32 -35.49 8.97
N ASN E 64 5.60 -36.39 8.29
CA ASN E 64 5.52 -36.26 6.83
C ASN E 64 4.73 -35.01 6.43
N ASP E 65 3.69 -34.67 7.18
CA ASP E 65 2.92 -33.47 6.88
C ASP E 65 3.75 -32.21 7.07
N VAL E 66 4.47 -32.11 8.20
CA VAL E 66 5.23 -30.90 8.50
C VAL E 66 6.41 -30.77 7.54
N PHE E 67 7.04 -31.89 7.22
CA PHE E 67 8.12 -31.88 6.24
C PHE E 67 7.65 -31.40 4.89
N GLU E 68 6.51 -31.89 4.44
CA GLU E 68 6.04 -31.49 3.12
C GLU E 68 5.60 -30.03 3.10
N ARG E 69 5.05 -29.51 4.20
CA ARG E 69 4.75 -28.08 4.26
C ARG E 69 5.99 -27.23 4.14
N ILE E 70 7.02 -27.51 4.95
CA ILE E 70 8.20 -26.66 4.98
C ILE E 70 8.94 -26.73 3.65
N ALA E 71 9.06 -27.92 3.08
CA ALA E 71 9.79 -28.06 1.82
C ALA E 71 9.01 -27.45 0.66
N GLY E 72 7.70 -27.65 0.61
CA GLY E 72 6.91 -27.06 -0.45
C GLY E 72 6.83 -25.55 -0.37
N GLU E 73 6.97 -24.99 0.84
CA GLU E 73 6.93 -23.55 0.89
C GLU E 73 8.29 -22.97 0.53
N ALA E 74 9.38 -23.62 0.93
CA ALA E 74 10.70 -23.14 0.57
C ALA E 74 10.96 -23.25 -0.92
N SER E 75 10.32 -24.21 -1.58
CA SER E 75 10.46 -24.31 -3.03
C SER E 75 9.88 -23.12 -3.76
N ARG E 76 8.67 -22.70 -3.40
CA ARG E 76 8.11 -21.55 -4.08
C ARG E 76 8.72 -20.25 -3.62
N LEU E 77 9.26 -20.23 -2.41
CA LEU E 77 10.04 -19.07 -1.97
C LEU E 77 11.32 -18.95 -2.75
N ALA E 78 11.90 -20.05 -3.19
CA ALA E 78 13.04 -19.96 -4.09
C ALA E 78 12.63 -19.68 -5.52
N HIS E 79 11.41 -20.02 -5.90
CA HIS E 79 10.98 -19.72 -7.26
C HIS E 79 10.67 -18.24 -7.45
N TYR E 80 10.20 -17.57 -6.39
CA TYR E 80 9.86 -16.15 -6.51
C TYR E 80 11.09 -15.29 -6.74
N ASN E 81 12.26 -15.74 -6.32
CA ASN E 81 13.47 -14.93 -6.40
C ASN E 81 14.28 -15.22 -7.65
N LYS E 82 13.76 -16.06 -8.55
CA LYS E 82 14.46 -16.51 -9.76
C LYS E 82 15.79 -17.16 -9.44
N ARG E 83 15.83 -17.87 -8.32
CA ARG E 83 17.01 -18.58 -7.86
C ARG E 83 16.76 -20.07 -8.01
N SER E 84 17.76 -20.80 -8.46
CA SER E 84 17.54 -22.20 -8.81
C SER E 84 17.72 -23.13 -7.61
N THR E 85 18.72 -22.89 -6.79
CA THR E 85 19.01 -23.79 -5.68
C THR E 85 18.19 -23.45 -4.45
N ILE E 86 17.86 -24.48 -3.68
CA ILE E 86 17.23 -24.32 -2.39
C ILE E 86 18.30 -24.46 -1.32
N THR E 87 18.29 -23.56 -0.34
CA THR E 87 19.45 -23.51 0.54
C THR E 87 19.05 -23.36 2.00
N SER E 88 20.01 -23.07 2.87
CA SER E 88 19.69 -22.95 4.28
C SER E 88 18.85 -21.73 4.59
N ARG E 89 19.07 -20.63 3.87
CA ARG E 89 18.32 -19.40 4.12
C ARG E 89 16.86 -19.56 3.67
N GLU E 90 16.61 -20.42 2.70
CA GLU E 90 15.23 -20.68 2.28
C GLU E 90 14.47 -21.44 3.37
N ILE E 91 15.13 -22.43 3.98
CA ILE E 91 14.49 -23.17 5.07
C ILE E 91 14.33 -22.27 6.28
N GLN E 92 15.30 -21.38 6.50
CA GLN E 92 15.22 -20.35 7.54
C GLN E 92 13.96 -19.53 7.40
N THR E 93 13.76 -18.96 6.22
CA THR E 93 12.60 -18.11 6.02
C THR E 93 11.31 -18.92 6.00
N ALA E 94 11.34 -20.17 5.54
CA ALA E 94 10.12 -20.96 5.50
C ALA E 94 9.67 -21.39 6.88
N VAL E 95 10.61 -21.78 7.75
CA VAL E 95 10.22 -22.19 9.08
C VAL E 95 9.96 -20.99 9.96
N ARG E 96 10.43 -19.80 9.55
CA ARG E 96 9.99 -18.60 10.24
C ARG E 96 8.60 -18.18 9.80
N LEU E 97 8.30 -18.40 8.53
CA LEU E 97 7.07 -17.96 7.93
C LEU E 97 5.91 -18.86 8.27
N LEU E 98 6.18 -20.12 8.60
CA LEU E 98 5.16 -21.14 8.62
C LEU E 98 4.63 -21.45 10.01
N LEU E 99 5.51 -21.71 10.97
CA LEU E 99 4.94 -22.21 12.20
C LEU E 99 4.92 -21.12 13.28
N PRO E 100 3.80 -21.03 14.01
CA PRO E 100 3.33 -19.73 14.49
C PRO E 100 4.09 -19.20 15.70
N GLY E 101 4.55 -17.95 15.57
CA GLY E 101 4.88 -17.12 16.69
C GLY E 101 6.05 -17.55 17.54
N GLU E 102 5.77 -17.84 18.81
CA GLU E 102 6.82 -18.14 19.77
C GLU E 102 7.50 -19.46 19.47
N LEU E 103 6.80 -20.36 18.78
CA LEU E 103 7.36 -21.66 18.45
C LEU E 103 8.40 -21.57 17.36
N ALA E 104 8.44 -20.46 16.62
CA ALA E 104 9.40 -20.31 15.55
C ALA E 104 10.79 -19.97 16.07
N LYS E 105 10.87 -19.27 17.19
CA LYS E 105 12.14 -18.78 17.67
C LYS E 105 13.02 -19.93 18.15
N HIS E 106 12.45 -20.86 18.90
CA HIS E 106 13.23 -22.00 19.38
C HIS E 106 13.60 -22.94 18.23
N ALA E 107 12.74 -23.05 17.23
CA ALA E 107 13.05 -23.89 16.07
C ALA E 107 14.21 -23.32 15.27
N VAL E 108 14.21 -22.00 15.05
CA VAL E 108 15.33 -21.31 14.42
C VAL E 108 16.61 -21.49 15.24
N SER E 109 16.50 -21.45 16.56
CA SER E 109 17.66 -21.63 17.42
C SER E 109 18.25 -23.03 17.27
N GLU E 110 17.39 -24.06 17.26
CA GLU E 110 17.85 -25.43 17.08
C GLU E 110 18.49 -25.62 15.71
N GLY E 111 17.91 -25.00 14.68
CA GLY E 111 18.44 -25.15 13.34
C GLY E 111 19.81 -24.52 13.17
N THR E 112 19.98 -23.30 13.66
CA THR E 112 21.26 -22.63 13.54
C THR E 112 22.33 -23.32 14.38
N LYS E 113 21.94 -23.82 15.56
CA LYS E 113 22.88 -24.57 16.39
C LYS E 113 23.39 -25.81 15.68
N ALA E 114 22.48 -26.55 15.05
CA ALA E 114 22.88 -27.76 14.32
C ALA E 114 23.75 -27.44 13.12
N VAL E 115 23.43 -26.36 12.38
CA VAL E 115 24.20 -26.06 11.18
C VAL E 115 25.60 -25.56 11.53
N THR E 116 25.73 -24.76 12.60
CA THR E 116 27.05 -24.30 13.00
C THR E 116 27.90 -25.44 13.55
N LYS E 117 27.29 -26.37 14.29
CA LYS E 117 28.04 -27.55 14.73
C LYS E 117 28.44 -28.42 13.56
N TYR E 118 27.64 -28.44 12.50
CA TYR E 118 27.96 -29.26 11.34
C TYR E 118 29.12 -28.67 10.54
N THR E 119 29.11 -27.36 10.33
CA THR E 119 30.20 -26.78 9.55
C THR E 119 31.48 -26.67 10.36
N SER E 120 31.39 -26.53 11.68
CA SER E 120 32.60 -26.36 12.48
C SER E 120 33.43 -27.64 12.54
N ALA E 121 32.80 -28.76 12.81
CA ALA E 121 33.52 -30.03 12.89
C ALA E 121 33.83 -30.55 11.50
N ARG F 40 -37.81 -40.83 39.35
CA ARG F 40 -37.41 -40.13 38.14
C ARG F 40 -36.45 -38.98 38.44
N TYR F 41 -35.75 -38.53 37.41
CA TYR F 41 -34.84 -37.40 37.50
C TYR F 41 -35.53 -36.14 36.99
N ARG F 42 -34.97 -35.00 37.37
CA ARG F 42 -35.40 -33.74 36.77
C ARG F 42 -34.95 -33.72 35.32
N PRO F 43 -35.75 -33.20 34.39
CA PRO F 43 -35.34 -33.19 32.99
C PRO F 43 -34.22 -32.21 32.72
N GLY F 44 -33.02 -32.73 32.54
CA GLY F 44 -31.85 -31.91 32.36
C GLY F 44 -30.64 -32.44 33.11
N THR F 45 -30.83 -33.52 33.88
CA THR F 45 -29.74 -34.11 34.65
C THR F 45 -29.06 -35.23 33.89
N VAL F 46 -29.87 -36.13 33.32
CA VAL F 46 -29.37 -37.24 32.53
C VAL F 46 -28.65 -36.73 31.29
N ALA F 47 -29.10 -35.59 30.75
CA ALA F 47 -28.43 -35.01 29.59
C ALA F 47 -27.01 -34.55 29.91
N LEU F 48 -26.82 -33.90 31.05
CA LEU F 48 -25.46 -33.51 31.43
C LEU F 48 -24.61 -34.72 31.80
N ARG F 49 -25.22 -35.78 32.33
CA ARG F 49 -24.45 -36.99 32.56
C ARG F 49 -24.02 -37.63 31.24
N GLU F 50 -24.86 -37.55 30.21
CA GLU F 50 -24.44 -38.08 28.91
C GLU F 50 -23.40 -37.20 28.24
N ILE F 51 -23.44 -35.89 28.48
CA ILE F 51 -22.37 -35.01 27.97
C ILE F 51 -21.04 -35.38 28.61
N ARG F 52 -21.05 -35.53 29.94
CA ARG F 52 -19.82 -35.92 30.64
C ARG F 52 -19.36 -37.31 30.26
N ARG F 53 -20.27 -38.19 29.84
CA ARG F 53 -19.81 -39.51 29.42
C ARG F 53 -19.23 -39.46 28.02
N TYR F 54 -19.96 -38.90 27.05
CA TYR F 54 -19.50 -39.00 25.68
C TYR F 54 -18.42 -38.01 25.31
N GLN F 55 -18.10 -37.03 26.16
CA GLN F 55 -16.92 -36.25 25.87
C GLN F 55 -15.66 -36.84 26.49
N LYS F 56 -15.78 -37.81 27.37
CA LYS F 56 -14.62 -38.38 28.03
C LYS F 56 -14.09 -39.59 27.28
N SER F 57 -14.98 -40.35 26.64
CA SER F 57 -14.59 -41.51 25.88
C SER F 57 -14.03 -41.09 24.51
N THR F 58 -13.60 -42.08 23.74
CA THR F 58 -13.04 -41.82 22.42
C THR F 58 -13.48 -42.84 21.37
N GLU F 59 -14.46 -43.69 21.68
CA GLU F 59 -14.88 -44.73 20.77
C GLU F 59 -15.55 -44.16 19.55
N LEU F 60 -15.62 -44.96 18.49
CA LEU F 60 -16.26 -44.54 17.26
C LEU F 60 -17.74 -44.81 17.38
N LEU F 61 -18.54 -43.82 17.00
CA LEU F 61 -19.77 -43.56 17.71
C LEU F 61 -21.04 -43.95 16.97
N ILE F 62 -21.03 -43.96 15.64
CA ILE F 62 -22.18 -44.49 14.90
C ILE F 62 -21.78 -45.83 14.33
N ARG F 63 -22.76 -46.69 14.15
CA ARG F 63 -22.52 -48.12 14.01
C ARG F 63 -22.00 -48.46 12.63
N LYS F 64 -21.09 -49.41 12.58
CA LYS F 64 -20.21 -49.58 11.44
C LYS F 64 -20.91 -50.18 10.23
N LEU F 65 -21.84 -51.08 10.45
CA LEU F 65 -22.46 -51.73 9.31
C LEU F 65 -23.51 -50.87 8.59
N PRO F 66 -24.35 -50.07 9.26
CA PRO F 66 -25.17 -49.13 8.47
C PRO F 66 -24.36 -48.04 7.79
N PHE F 67 -23.22 -47.66 8.35
CA PHE F 67 -22.38 -46.70 7.65
C PHE F 67 -21.74 -47.33 6.42
N GLN F 68 -21.35 -48.60 6.53
CA GLN F 68 -20.89 -49.39 5.40
C GLN F 68 -21.91 -49.38 4.27
N ARG F 69 -23.18 -49.66 4.61
CA ARG F 69 -24.20 -49.69 3.58
C ARG F 69 -24.50 -48.31 3.02
N LEU F 70 -24.35 -47.26 3.83
CA LEU F 70 -24.55 -45.90 3.33
C LEU F 70 -23.46 -45.51 2.34
N VAL F 71 -22.21 -45.86 2.64
CA VAL F 71 -21.12 -45.54 1.73
C VAL F 71 -21.23 -46.30 0.43
N ARG F 72 -21.59 -47.58 0.50
CA ARG F 72 -21.73 -48.35 -0.75
C ARG F 72 -22.92 -47.89 -1.56
N GLU F 73 -24.03 -47.54 -0.90
CA GLU F 73 -25.19 -47.00 -1.57
C GLU F 73 -24.89 -45.68 -2.25
N ILE F 74 -24.06 -44.84 -1.63
CA ILE F 74 -23.83 -43.52 -2.17
C ILE F 74 -22.64 -43.49 -3.11
N ALA F 75 -21.83 -44.53 -3.16
CA ALA F 75 -20.76 -44.65 -4.13
C ALA F 75 -21.13 -45.55 -5.30
N GLN F 76 -22.29 -46.18 -5.26
CA GLN F 76 -22.78 -46.94 -6.41
C GLN F 76 -23.02 -46.02 -7.60
N ASP F 77 -23.31 -44.75 -7.35
CA ASP F 77 -23.71 -43.81 -8.37
C ASP F 77 -22.57 -43.40 -9.29
N PHE F 78 -21.36 -43.27 -8.77
CA PHE F 78 -20.27 -42.68 -9.56
C PHE F 78 -19.64 -43.71 -10.50
N LYS F 79 -19.05 -44.74 -9.93
CA LYS F 79 -18.66 -45.92 -10.67
C LYS F 79 -19.47 -47.08 -10.11
N THR F 80 -19.69 -48.11 -10.91
CA THR F 80 -20.37 -49.28 -10.42
C THR F 80 -19.38 -50.28 -9.85
N ASP F 81 -19.92 -51.22 -9.06
CA ASP F 81 -19.33 -52.47 -8.53
C ASP F 81 -17.85 -52.37 -8.14
N LEU F 82 -17.57 -51.48 -7.20
CA LEU F 82 -16.21 -51.30 -6.73
C LEU F 82 -15.91 -52.28 -5.61
N ARG F 83 -14.73 -52.15 -5.05
CA ARG F 83 -14.34 -52.79 -3.81
C ARG F 83 -14.06 -51.70 -2.80
N PHE F 84 -13.77 -52.10 -1.57
CA PHE F 84 -13.30 -51.18 -0.55
C PHE F 84 -12.38 -51.94 0.36
N GLN F 85 -11.39 -51.25 0.91
CA GLN F 85 -10.72 -51.86 2.04
C GLN F 85 -11.56 -51.63 3.29
N SER F 86 -11.14 -52.24 4.39
CA SER F 86 -11.81 -51.93 5.65
C SER F 86 -11.34 -50.59 6.19
N SER F 87 -10.05 -50.30 6.03
CA SER F 87 -9.50 -49.06 6.53
C SER F 87 -10.00 -47.85 5.76
N ALA F 88 -10.44 -48.02 4.52
CA ALA F 88 -11.07 -46.92 3.81
C ALA F 88 -12.39 -46.53 4.45
N VAL F 89 -13.20 -47.52 4.82
CA VAL F 89 -14.46 -47.24 5.47
C VAL F 89 -14.24 -46.68 6.86
N MET F 90 -13.21 -47.14 7.56
CA MET F 90 -12.89 -46.60 8.88
C MET F 90 -12.44 -45.15 8.80
N ALA F 91 -11.57 -44.83 7.84
CA ALA F 91 -11.11 -43.45 7.65
C ALA F 91 -12.27 -42.53 7.31
N LEU F 92 -13.16 -43.01 6.44
CA LEU F 92 -14.25 -42.18 5.99
C LEU F 92 -15.25 -41.94 7.11
N GLN F 93 -15.47 -42.95 7.95
CA GLN F 93 -16.35 -42.81 9.10
C GLN F 93 -15.78 -41.85 10.13
N GLU F 94 -14.48 -41.97 10.40
CA GLU F 94 -13.88 -41.16 11.45
C GLU F 94 -13.84 -39.70 11.04
N ALA F 95 -13.59 -39.44 9.75
CA ALA F 95 -13.61 -38.08 9.24
C ALA F 95 -15.00 -37.47 9.31
N SER F 96 -16.02 -38.21 8.84
CA SER F 96 -17.38 -37.67 8.84
C SER F 96 -17.90 -37.44 10.25
N GLU F 97 -17.52 -38.32 11.18
CA GLU F 97 -17.92 -38.17 12.57
C GLU F 97 -17.30 -36.92 13.20
N ALA F 98 -16.00 -36.69 12.96
CA ALA F 98 -15.37 -35.49 13.51
C ALA F 98 -15.92 -34.22 12.90
N TYR F 99 -16.22 -34.26 11.59
CA TYR F 99 -16.85 -33.14 10.91
C TYR F 99 -18.17 -32.77 11.55
N LEU F 100 -19.00 -33.78 11.80
CA LEU F 100 -20.34 -33.50 12.25
C LEU F 100 -20.35 -33.08 13.72
N VAL F 101 -19.39 -33.58 14.50
CA VAL F 101 -19.25 -33.15 15.88
C VAL F 101 -18.87 -31.67 15.97
N ALA F 102 -17.91 -31.24 15.15
CA ALA F 102 -17.53 -29.83 15.16
C ALA F 102 -18.66 -28.95 14.65
N LEU F 103 -19.46 -29.45 13.70
CA LEU F 103 -20.63 -28.72 13.24
C LEU F 103 -21.65 -28.53 14.36
N PHE F 104 -21.90 -29.57 15.17
CA PHE F 104 -22.85 -29.40 16.26
C PHE F 104 -22.33 -28.50 17.36
N GLU F 105 -21.02 -28.45 17.58
CA GLU F 105 -20.49 -27.52 18.58
C GLU F 105 -20.73 -26.08 18.14
N ASP F 106 -20.46 -25.80 16.86
CA ASP F 106 -20.70 -24.46 16.33
C ASP F 106 -22.17 -24.11 16.31
N THR F 107 -23.04 -25.10 16.05
CA THR F 107 -24.48 -24.88 16.11
C THR F 107 -24.95 -24.60 17.53
N ASN F 108 -24.29 -25.20 18.53
CA ASN F 108 -24.67 -24.92 19.91
C ASN F 108 -24.37 -23.49 20.28
N LEU F 109 -23.19 -22.99 19.87
CA LEU F 109 -22.90 -21.57 20.06
C LEU F 109 -23.89 -20.68 19.33
N CYS F 110 -24.24 -21.06 18.11
CA CYS F 110 -25.13 -20.24 17.32
C CYS F 110 -26.56 -20.31 17.82
N ALA F 111 -26.91 -21.32 18.61
CA ALA F 111 -28.22 -21.45 19.25
C ALA F 111 -28.30 -20.65 20.53
N ILE F 112 -27.25 -20.73 21.35
CA ILE F 112 -27.21 -19.95 22.58
C ILE F 112 -27.05 -18.48 22.31
N HIS F 113 -26.65 -18.10 21.09
CA HIS F 113 -26.62 -16.69 20.73
C HIS F 113 -28.01 -16.08 20.64
N ALA F 114 -28.99 -16.84 20.19
CA ALA F 114 -30.35 -16.32 20.12
C ALA F 114 -31.10 -16.47 21.43
N LYS F 115 -30.38 -16.64 22.54
CA LYS F 115 -30.92 -16.72 23.90
C LYS F 115 -31.88 -17.89 24.04
N ARG F 116 -31.42 -19.07 23.67
CA ARG F 116 -32.18 -20.29 23.88
C ARG F 116 -31.30 -21.40 24.40
N VAL F 117 -31.83 -22.62 24.42
CA VAL F 117 -31.02 -23.81 24.69
C VAL F 117 -31.30 -24.92 23.69
N THR F 118 -32.15 -24.66 22.70
CA THR F 118 -32.61 -25.65 21.73
C THR F 118 -32.04 -25.34 20.36
N ILE F 119 -31.36 -26.30 19.76
CA ILE F 119 -30.92 -26.12 18.39
C ILE F 119 -32.08 -26.43 17.44
N MET F 120 -32.04 -25.85 16.25
CA MET F 120 -33.13 -25.87 15.28
C MET F 120 -32.55 -26.17 13.90
N PRO F 121 -33.36 -26.27 12.85
CA PRO F 121 -32.76 -26.20 11.51
C PRO F 121 -32.16 -24.85 11.18
N LYS F 122 -32.72 -23.75 11.72
CA LYS F 122 -32.34 -22.40 11.31
C LYS F 122 -30.89 -22.11 11.62
N ASP F 123 -30.45 -22.49 12.81
CA ASP F 123 -29.07 -22.19 13.17
C ASP F 123 -28.08 -23.22 12.66
N ILE F 124 -28.50 -24.47 12.41
CA ILE F 124 -27.58 -25.39 11.77
C ILE F 124 -27.41 -25.07 10.30
N GLN F 125 -28.31 -24.29 9.70
CA GLN F 125 -28.01 -23.82 8.36
C GLN F 125 -27.40 -22.43 8.35
N LEU F 126 -27.61 -21.64 9.41
CA LEU F 126 -26.84 -20.42 9.56
C LEU F 126 -25.36 -20.71 9.76
N ALA F 127 -25.04 -21.75 10.53
CA ALA F 127 -23.64 -22.05 10.82
C ALA F 127 -22.90 -22.50 9.57
N ARG F 128 -23.53 -23.31 8.72
CA ARG F 128 -22.81 -23.68 7.52
C ARG F 128 -23.10 -22.72 6.36
N ARG F 129 -23.89 -21.68 6.59
CA ARG F 129 -23.85 -20.53 5.70
C ARG F 129 -22.67 -19.64 6.04
N ILE F 130 -22.47 -19.36 7.32
CA ILE F 130 -21.47 -18.44 7.81
C ILE F 130 -20.09 -19.06 7.83
N ARG F 131 -20.02 -20.38 7.70
CA ARG F 131 -18.74 -21.06 7.61
C ARG F 131 -18.10 -20.84 6.26
N GLY F 132 -18.92 -20.81 5.21
CA GLY F 132 -18.44 -20.68 3.86
C GLY F 132 -18.83 -21.85 3.00
N GLU F 133 -19.86 -22.58 3.42
CA GLU F 133 -20.21 -23.83 2.76
C GLU F 133 -21.50 -23.78 1.97
N ARG F 134 -22.46 -22.95 2.37
CA ARG F 134 -23.75 -22.89 1.70
C ARG F 134 -23.70 -21.90 0.54
N ARG G 17 -19.77 -60.21 -4.70
CA ARG G 17 -20.20 -60.20 -6.08
C ARG G 17 -21.66 -60.61 -6.23
N HIS G 18 -22.44 -60.41 -5.17
CA HIS G 18 -23.88 -60.58 -5.19
C HIS G 18 -24.55 -59.25 -4.88
N ARG G 19 -25.88 -59.27 -4.81
CA ARG G 19 -26.66 -58.07 -4.54
C ARG G 19 -27.85 -58.44 -3.67
N LYS G 20 -27.76 -58.10 -2.39
CA LYS G 20 -28.88 -58.20 -1.46
C LYS G 20 -29.47 -56.79 -1.35
N VAL G 21 -30.34 -56.45 -2.29
CA VAL G 21 -30.87 -55.10 -2.43
C VAL G 21 -31.86 -54.87 -1.29
N LEU G 22 -31.40 -54.16 -0.26
CA LEU G 22 -32.18 -53.94 0.95
C LEU G 22 -32.58 -52.46 1.00
N ARG G 23 -33.85 -52.21 1.29
CA ARG G 23 -34.39 -50.85 1.27
C ARG G 23 -33.99 -50.11 2.53
N ASP G 24 -34.61 -48.93 2.73
CA ASP G 24 -34.43 -48.06 3.90
C ASP G 24 -32.96 -47.66 4.05
N ASN G 25 -32.50 -46.92 3.04
CA ASN G 25 -31.07 -46.84 2.77
C ASN G 25 -30.34 -45.85 3.67
N ILE G 26 -30.70 -44.57 3.60
CA ILE G 26 -29.91 -43.51 4.21
C ILE G 26 -30.19 -43.40 5.70
N GLN G 27 -31.45 -43.55 6.11
CA GLN G 27 -31.81 -43.35 7.51
C GLN G 27 -31.61 -44.59 8.37
N GLY G 28 -30.69 -45.46 7.97
CA GLY G 28 -30.02 -46.31 8.93
C GLY G 28 -29.09 -45.57 9.88
N ILE G 29 -28.77 -44.31 9.57
CA ILE G 29 -28.20 -43.40 10.55
C ILE G 29 -29.34 -43.00 11.48
N THR G 30 -29.43 -43.67 12.62
CA THR G 30 -30.62 -43.57 13.45
C THR G 30 -30.58 -42.34 14.33
N LYS G 31 -31.74 -41.96 14.86
CA LYS G 31 -31.74 -40.81 15.74
C LYS G 31 -31.08 -40.97 17.11
N PRO G 32 -30.99 -42.15 17.76
CA PRO G 32 -30.13 -42.20 18.95
C PRO G 32 -28.67 -42.06 18.64
N ALA G 33 -28.24 -42.51 17.45
CA ALA G 33 -26.85 -42.31 17.03
C ALA G 33 -26.54 -40.84 16.85
N ILE G 34 -27.44 -40.13 16.16
CA ILE G 34 -27.24 -38.73 15.87
C ILE G 34 -27.39 -37.90 17.14
N ARG G 35 -28.12 -38.41 18.13
CA ARG G 35 -28.27 -37.69 19.37
C ARG G 35 -27.06 -37.88 20.27
N ARG G 36 -26.47 -39.08 20.27
CA ARG G 36 -25.17 -39.27 20.94
C ARG G 36 -24.11 -38.38 20.31
N LEU G 37 -24.13 -38.30 18.99
CA LEU G 37 -23.15 -37.54 18.24
C LEU G 37 -23.29 -36.05 18.50
N ALA G 38 -24.50 -35.62 18.83
CA ALA G 38 -24.70 -34.24 19.26
C ALA G 38 -24.34 -34.03 20.72
N ARG G 39 -24.54 -35.03 21.58
CA ARG G 39 -24.16 -34.87 22.99
C ARG G 39 -22.66 -34.76 23.16
N ARG G 40 -21.89 -35.39 22.28
CA ARG G 40 -20.45 -35.16 22.31
C ARG G 40 -20.11 -33.72 21.93
N GLY G 41 -20.92 -33.11 21.07
CA GLY G 41 -20.65 -31.74 20.68
C GLY G 41 -20.90 -30.71 21.76
N GLY G 42 -21.68 -31.07 22.77
CA GLY G 42 -21.96 -30.17 23.86
C GLY G 42 -23.34 -29.58 23.87
N VAL G 43 -24.31 -30.24 23.27
CA VAL G 43 -25.64 -29.69 23.13
C VAL G 43 -26.53 -30.35 24.18
N LYS G 44 -27.65 -29.72 24.45
CA LYS G 44 -28.47 -30.02 25.60
C LYS G 44 -29.90 -30.42 25.27
N ARG G 45 -30.52 -29.76 24.32
CA ARG G 45 -31.97 -29.80 24.18
C ARG G 45 -32.28 -29.85 22.67
N ILE G 46 -32.29 -31.03 22.12
CA ILE G 46 -32.33 -31.16 20.67
C ILE G 46 -33.77 -31.06 20.19
N SER G 47 -34.00 -30.32 19.11
CA SER G 47 -35.33 -30.29 18.52
C SER G 47 -35.63 -31.56 17.76
N GLY G 48 -36.84 -31.66 17.25
CA GLY G 48 -37.26 -32.81 16.48
C GLY G 48 -37.09 -32.67 15.00
N LEU G 49 -36.59 -31.54 14.53
CA LEU G 49 -36.37 -31.35 13.10
C LEU G 49 -34.89 -31.32 12.77
N ILE G 50 -34.02 -31.65 13.73
CA ILE G 50 -32.60 -31.74 13.47
C ILE G 50 -32.29 -32.91 12.56
N TYR G 51 -33.11 -33.95 12.61
CA TYR G 51 -32.68 -35.29 12.21
C TYR G 51 -32.56 -35.42 10.70
N GLU G 52 -33.63 -35.09 9.97
CA GLU G 52 -33.60 -35.16 8.52
C GLU G 52 -32.61 -34.16 7.95
N GLU G 53 -32.47 -33.00 8.59
CA GLU G 53 -31.52 -31.99 8.15
C GLU G 53 -30.08 -32.46 8.29
N THR G 54 -29.78 -33.13 9.40
CA THR G 54 -28.43 -33.61 9.63
C THR G 54 -28.10 -34.78 8.73
N ARG G 55 -29.10 -35.61 8.41
CA ARG G 55 -28.87 -36.64 7.41
C ARG G 55 -28.57 -36.03 6.05
N GLY G 56 -29.24 -34.92 5.72
CA GLY G 56 -28.96 -34.24 4.47
C GLY G 56 -27.55 -33.67 4.40
N VAL G 57 -27.10 -33.01 5.47
CA VAL G 57 -25.78 -32.40 5.40
C VAL G 57 -24.66 -33.45 5.49
N LEU G 58 -24.91 -34.58 6.17
CA LEU G 58 -23.96 -35.69 6.15
C LEU G 58 -23.85 -36.29 4.77
N LYS G 59 -24.98 -36.43 4.08
CA LYS G 59 -24.94 -36.96 2.72
C LYS G 59 -24.20 -36.03 1.78
N VAL G 60 -24.32 -34.71 1.97
CA VAL G 60 -23.59 -33.75 1.13
C VAL G 60 -22.08 -33.91 1.31
N PHE G 61 -21.63 -33.95 2.56
CA PHE G 61 -20.21 -34.16 2.86
C PHE G 61 -19.70 -35.46 2.26
N LEU G 62 -20.47 -36.53 2.42
CA LEU G 62 -19.99 -37.84 2.04
C LEU G 62 -19.95 -37.98 0.52
N GLU G 63 -20.91 -37.36 -0.17
CA GLU G 63 -20.88 -37.20 -1.62
C GLU G 63 -19.59 -36.60 -2.12
N ASN G 64 -19.20 -35.46 -1.56
CA ASN G 64 -18.01 -34.77 -2.05
C ASN G 64 -16.74 -35.59 -1.85
N VAL G 65 -16.56 -36.13 -0.64
CA VAL G 65 -15.29 -36.81 -0.37
C VAL G 65 -15.22 -38.16 -1.08
N ILE G 66 -16.36 -38.82 -1.31
CA ILE G 66 -16.33 -40.07 -2.06
C ILE G 66 -16.13 -39.84 -3.54
N ARG G 67 -16.66 -38.74 -4.08
CA ARG G 67 -16.42 -38.38 -5.48
C ARG G 67 -14.93 -38.19 -5.74
N ASP G 68 -14.26 -37.46 -4.85
CA ASP G 68 -12.82 -37.26 -5.06
C ASP G 68 -12.03 -38.55 -4.85
N ALA G 69 -12.42 -39.38 -3.87
CA ALA G 69 -11.68 -40.61 -3.62
C ALA G 69 -11.83 -41.60 -4.75
N VAL G 70 -13.01 -41.65 -5.36
CA VAL G 70 -13.18 -42.56 -6.49
C VAL G 70 -12.51 -42.00 -7.74
N THR G 71 -12.33 -40.67 -7.85
CA THR G 71 -11.53 -40.14 -8.95
C THR G 71 -10.08 -40.56 -8.83
N TYR G 72 -9.52 -40.44 -7.61
CA TYR G 72 -8.15 -40.90 -7.38
C TYR G 72 -8.00 -42.40 -7.58
N THR G 73 -9.04 -43.18 -7.28
CA THR G 73 -8.96 -44.62 -7.51
C THR G 73 -8.97 -44.93 -9.00
N GLU G 74 -9.88 -44.30 -9.73
CA GLU G 74 -10.05 -44.56 -11.15
C GLU G 74 -8.83 -44.12 -11.96
N HIS G 75 -8.12 -43.10 -11.49
CA HIS G 75 -6.96 -42.63 -12.24
C HIS G 75 -5.85 -43.66 -12.31
N ALA G 76 -5.59 -44.36 -11.22
CA ALA G 76 -4.52 -45.34 -11.22
C ALA G 76 -4.94 -46.70 -11.78
N LYS G 77 -6.13 -46.77 -12.37
CA LYS G 77 -6.68 -47.95 -13.03
C LYS G 77 -6.75 -49.14 -12.07
N ARG G 78 -7.55 -48.97 -11.02
CA ARG G 78 -7.80 -50.01 -10.05
C ARG G 78 -9.29 -50.10 -9.79
N LYS G 79 -9.67 -51.05 -8.96
CA LYS G 79 -11.07 -51.25 -8.62
C LYS G 79 -11.35 -51.08 -7.13
N THR G 80 -10.33 -51.03 -6.30
CA THR G 80 -10.47 -50.99 -4.85
C THR G 80 -10.18 -49.59 -4.38
N VAL G 81 -11.17 -48.93 -3.79
CA VAL G 81 -10.93 -47.66 -3.11
C VAL G 81 -10.10 -47.95 -1.88
N THR G 82 -8.84 -47.52 -1.89
CA THR G 82 -7.95 -47.79 -0.78
C THR G 82 -8.15 -46.76 0.31
N ALA G 83 -7.32 -46.83 1.34
CA ALA G 83 -7.39 -45.83 2.40
C ALA G 83 -6.67 -44.56 1.99
N MET G 84 -5.60 -44.70 1.22
CA MET G 84 -4.81 -43.55 0.83
C MET G 84 -5.56 -42.63 -0.11
N ASP G 85 -6.46 -43.20 -0.92
CA ASP G 85 -7.29 -42.36 -1.77
C ASP G 85 -8.22 -41.50 -0.94
N VAL G 86 -8.72 -42.04 0.17
CA VAL G 86 -9.61 -41.25 1.01
C VAL G 86 -8.82 -40.20 1.77
N VAL G 87 -7.59 -40.52 2.18
CA VAL G 87 -6.74 -39.53 2.84
C VAL G 87 -6.40 -38.39 1.88
N TYR G 88 -6.23 -38.71 0.60
CA TYR G 88 -5.92 -37.66 -0.38
C TYR G 88 -7.13 -36.81 -0.69
N ALA G 89 -8.32 -37.43 -0.74
CA ALA G 89 -9.55 -36.66 -0.95
C ALA G 89 -9.79 -35.70 0.19
N LEU G 90 -9.57 -36.15 1.42
CA LEU G 90 -9.67 -35.26 2.56
C LEU G 90 -8.56 -34.23 2.60
N LYS G 91 -7.39 -34.57 2.05
CA LYS G 91 -6.28 -33.64 2.08
C LYS G 91 -6.53 -32.46 1.17
N ARG G 92 -6.94 -32.72 -0.06
CA ARG G 92 -7.23 -31.59 -0.91
C ARG G 92 -8.58 -30.97 -0.63
N GLN G 93 -9.44 -31.65 0.12
CA GLN G 93 -10.74 -31.07 0.44
C GLN G 93 -10.59 -29.93 1.42
N GLY G 94 -9.57 -29.99 2.27
CA GLY G 94 -9.32 -28.94 3.22
C GLY G 94 -8.92 -29.47 4.57
N ARG G 95 -9.38 -30.67 4.91
CA ARG G 95 -9.27 -31.20 6.26
C ARG G 95 -8.44 -32.49 6.29
N THR G 96 -7.19 -32.36 6.71
CA THR G 96 -6.26 -33.47 6.75
C THR G 96 -6.64 -34.41 7.89
N LEU G 97 -6.33 -35.70 7.72
CA LEU G 97 -6.58 -36.71 8.74
C LEU G 97 -5.32 -37.51 8.97
N TYR G 98 -4.76 -37.45 10.17
CA TYR G 98 -3.62 -38.26 10.51
C TYR G 98 -4.06 -39.60 11.06
N GLY G 99 -3.27 -40.63 10.79
CA GLY G 99 -3.50 -41.90 11.44
C GLY G 99 -3.52 -43.08 10.50
N PHE G 100 -3.56 -42.83 9.20
CA PHE G 100 -3.84 -43.87 8.23
C PHE G 100 -2.83 -43.87 7.11
N GLY G 101 -1.58 -43.57 7.41
CA GLY G 101 -0.54 -43.60 6.41
C GLY G 101 -0.51 -42.36 5.54
N GLY G 102 0.70 -41.90 5.22
CA GLY G 102 0.86 -40.76 4.34
C GLY G 102 1.00 -39.45 5.08
N ALA H 12 9.55 -28.14 -44.94
CA ALA H 12 10.69 -27.62 -44.22
C ALA H 12 10.43 -26.20 -43.72
N LYS H 13 9.17 -25.77 -43.81
CA LYS H 13 8.74 -24.46 -43.33
C LYS H 13 7.84 -24.63 -42.13
N ALA H 14 8.05 -23.78 -41.13
CA ALA H 14 7.50 -24.01 -39.79
C ALA H 14 6.00 -23.77 -39.75
N LYS H 15 5.36 -24.43 -38.78
CA LYS H 15 3.95 -24.27 -38.48
C LYS H 15 3.80 -24.36 -36.96
N THR H 16 3.14 -23.37 -36.37
CA THR H 16 2.99 -23.33 -34.93
C THR H 16 2.02 -24.39 -34.47
N ARG H 17 2.39 -25.12 -33.42
CA ARG H 17 1.49 -26.15 -32.93
C ARG H 17 0.39 -25.60 -32.03
N SER H 18 0.29 -24.29 -31.88
CA SER H 18 -0.95 -23.68 -31.45
C SER H 18 -2.00 -23.72 -32.54
N SER H 19 -1.57 -23.83 -33.79
CA SER H 19 -2.48 -23.86 -34.93
C SER H 19 -2.83 -25.27 -35.38
N ARG H 20 -2.00 -26.26 -35.04
CA ARG H 20 -2.37 -27.64 -35.33
C ARG H 20 -3.55 -28.09 -34.49
N ALA H 21 -3.65 -27.58 -33.28
CA ALA H 21 -4.82 -27.83 -32.46
C ALA H 21 -5.94 -26.83 -32.72
N GLY H 22 -5.65 -25.72 -33.38
CA GLY H 22 -6.67 -24.73 -33.61
C GLY H 22 -7.03 -23.96 -32.37
N LEU H 23 -6.04 -23.34 -31.75
CA LEU H 23 -6.21 -22.64 -30.49
C LEU H 23 -5.70 -21.22 -30.66
N GLN H 24 -5.79 -20.44 -29.59
CA GLN H 24 -5.13 -19.16 -29.54
C GLN H 24 -3.99 -19.13 -28.54
N PHE H 25 -4.17 -19.78 -27.39
CA PHE H 25 -3.15 -19.83 -26.36
C PHE H 25 -1.93 -20.61 -26.84
N PRO H 26 -0.74 -20.16 -26.49
CA PRO H 26 0.46 -20.71 -27.10
C PRO H 26 0.91 -22.02 -26.49
N VAL H 27 0.97 -23.07 -27.31
CA VAL H 27 1.33 -24.38 -26.81
C VAL H 27 2.82 -24.43 -26.51
N GLY H 28 3.63 -23.72 -27.29
CA GLY H 28 5.05 -23.67 -27.01
C GLY H 28 5.37 -22.97 -25.71
N ARG H 29 4.66 -21.88 -25.43
CA ARG H 29 4.91 -21.14 -24.19
C ARG H 29 4.49 -21.95 -22.98
N VAL H 30 3.33 -22.62 -23.06
CA VAL H 30 2.88 -23.36 -21.89
C VAL H 30 3.71 -24.62 -21.72
N HIS H 31 4.29 -25.14 -22.80
CA HIS H 31 5.21 -26.26 -22.67
C HIS H 31 6.51 -25.84 -22.00
N ARG H 32 7.06 -24.69 -22.40
CA ARG H 32 8.28 -24.18 -21.77
C ARG H 32 8.03 -23.83 -20.31
N LEU H 33 6.87 -23.27 -20.01
CA LEU H 33 6.61 -22.79 -18.67
C LEU H 33 6.35 -23.95 -17.73
N LEU H 34 5.61 -24.96 -18.21
CA LEU H 34 5.39 -26.18 -17.45
C LEU H 34 6.65 -27.02 -17.32
N ARG H 35 7.62 -26.85 -18.21
CA ARG H 35 8.89 -27.53 -17.99
C ARG H 35 9.75 -26.81 -16.96
N LYS H 36 10.00 -25.51 -17.18
CA LYS H 36 10.87 -24.75 -16.31
C LYS H 36 10.26 -24.42 -14.96
N GLY H 37 8.99 -24.73 -14.75
CA GLY H 37 8.42 -24.49 -13.44
C GLY H 37 8.47 -25.71 -12.56
N ASN H 38 9.36 -26.65 -12.90
CA ASN H 38 9.76 -27.86 -12.18
C ASN H 38 8.62 -28.59 -11.46
N TYR H 39 7.68 -29.03 -12.29
CA TYR H 39 6.50 -29.77 -11.85
C TYR H 39 6.73 -31.27 -11.88
N ALA H 40 7.40 -31.78 -12.90
CA ALA H 40 7.80 -33.17 -12.93
C ALA H 40 9.07 -33.29 -13.75
N GLU H 41 9.73 -34.43 -13.63
CA GLU H 41 11.04 -34.60 -14.21
C GLU H 41 10.99 -34.78 -15.72
N ARG H 42 9.86 -35.23 -16.25
CA ARG H 42 9.65 -35.39 -17.68
C ARG H 42 8.26 -34.88 -17.98
N VAL H 43 8.08 -34.23 -19.13
CA VAL H 43 6.76 -33.74 -19.46
C VAL H 43 6.33 -34.33 -20.78
N GLY H 44 5.03 -34.52 -20.93
CA GLY H 44 4.50 -35.24 -22.06
C GLY H 44 4.48 -34.41 -23.31
N ALA H 45 3.72 -34.91 -24.28
CA ALA H 45 3.49 -34.17 -25.51
C ALA H 45 2.07 -33.62 -25.58
N GLY H 46 1.08 -34.40 -25.15
CA GLY H 46 -0.29 -33.93 -25.18
C GLY H 46 -0.68 -33.07 -24.01
N ALA H 47 0.13 -33.06 -22.95
CA ALA H 47 -0.17 -32.26 -21.76
C ALA H 47 -0.26 -30.75 -22.00
N PRO H 48 0.68 -30.09 -22.71
CA PRO H 48 0.47 -28.65 -22.93
C PRO H 48 -0.69 -28.36 -23.84
N VAL H 49 -1.02 -29.25 -24.77
CA VAL H 49 -2.17 -29.05 -25.63
C VAL H 49 -3.46 -29.11 -24.83
N TYR H 50 -3.54 -30.06 -23.89
CA TYR H 50 -4.73 -30.20 -23.08
C TYR H 50 -4.91 -29.00 -22.16
N LEU H 51 -3.82 -28.52 -21.56
CA LEU H 51 -3.92 -27.33 -20.72
C LEU H 51 -4.31 -26.11 -21.51
N ALA H 52 -3.74 -25.93 -22.71
CA ALA H 52 -4.09 -24.77 -23.52
C ALA H 52 -5.57 -24.78 -23.88
N ALA H 53 -6.13 -25.97 -24.14
CA ALA H 53 -7.54 -26.05 -24.45
C ALA H 53 -8.41 -25.69 -23.25
N VAL H 54 -8.05 -26.17 -22.05
CA VAL H 54 -8.93 -25.85 -20.92
C VAL H 54 -8.79 -24.39 -20.52
N LEU H 55 -7.63 -23.76 -20.78
CA LEU H 55 -7.50 -22.34 -20.50
C LEU H 55 -8.30 -21.52 -21.50
N GLU H 56 -8.27 -21.91 -22.79
CA GLU H 56 -9.17 -21.36 -23.81
C GLU H 56 -10.61 -21.33 -23.34
N TYR H 57 -11.10 -22.49 -22.89
CA TYR H 57 -12.51 -22.59 -22.55
C TYR H 57 -12.85 -21.76 -21.32
N LEU H 58 -12.01 -21.79 -20.29
CA LEU H 58 -12.33 -21.05 -19.07
C LEU H 58 -12.29 -19.54 -19.30
N THR H 59 -11.28 -19.07 -20.03
CA THR H 59 -11.17 -17.64 -20.32
C THR H 59 -12.33 -17.17 -21.19
N ALA H 60 -12.69 -17.94 -22.21
CA ALA H 60 -13.83 -17.59 -23.05
C ALA H 60 -15.12 -17.58 -22.27
N GLU H 61 -15.26 -18.45 -21.27
CA GLU H 61 -16.52 -18.52 -20.54
C GLU H 61 -16.68 -17.32 -19.61
N ILE H 62 -15.65 -17.02 -18.82
CA ILE H 62 -15.73 -15.88 -17.90
C ILE H 62 -15.84 -14.57 -18.69
N LEU H 63 -15.17 -14.50 -19.82
CA LEU H 63 -15.18 -13.28 -20.61
C LEU H 63 -16.46 -13.10 -21.41
N GLU H 64 -17.15 -14.19 -21.74
CA GLU H 64 -18.43 -14.06 -22.41
C GLU H 64 -19.51 -13.59 -21.45
N LEU H 65 -19.50 -14.10 -20.22
CA LEU H 65 -20.40 -13.55 -19.21
C LEU H 65 -20.08 -12.10 -18.89
N ALA H 66 -18.80 -11.75 -18.90
CA ALA H 66 -18.41 -10.35 -18.71
C ALA H 66 -18.89 -9.46 -19.84
N GLY H 67 -18.87 -9.98 -21.08
CA GLY H 67 -19.36 -9.19 -22.19
C GLY H 67 -20.85 -8.95 -22.13
N ASN H 68 -21.62 -9.95 -21.71
CA ASN H 68 -23.05 -9.74 -21.53
C ASN H 68 -23.35 -8.75 -20.42
N ALA H 69 -22.60 -8.82 -19.32
CA ALA H 69 -22.84 -7.89 -18.22
C ALA H 69 -22.39 -6.48 -18.57
N ALA H 70 -21.42 -6.33 -19.46
CA ALA H 70 -21.05 -4.99 -19.90
C ALA H 70 -22.07 -4.44 -20.89
N ARG H 71 -22.63 -5.30 -21.73
CA ARG H 71 -23.69 -4.91 -22.65
C ARG H 71 -24.97 -4.53 -21.93
N ASP H 72 -25.16 -5.05 -20.72
CA ASP H 72 -26.32 -4.69 -19.91
C ASP H 72 -26.35 -3.21 -19.58
N ASN H 73 -25.21 -2.66 -19.15
CA ASN H 73 -25.17 -1.29 -18.66
C ASN H 73 -24.92 -0.26 -19.76
N LYS H 74 -25.16 -0.64 -21.02
CA LYS H 74 -24.93 0.20 -22.20
C LYS H 74 -23.48 0.68 -22.25
N LYS H 75 -22.58 -0.28 -22.32
CA LYS H 75 -21.16 -0.02 -22.39
C LYS H 75 -20.59 -0.81 -23.56
N THR H 76 -19.42 -0.42 -24.04
CA THR H 76 -18.75 -1.19 -25.07
C THR H 76 -17.41 -1.74 -24.59
N ARG H 77 -16.93 -1.23 -23.47
CA ARG H 77 -15.67 -1.62 -22.90
C ARG H 77 -15.91 -2.16 -21.50
N ILE H 78 -15.22 -3.24 -21.14
CA ILE H 78 -15.53 -3.94 -19.91
C ILE H 78 -14.63 -3.45 -18.78
N ILE H 79 -15.11 -3.64 -17.56
CA ILE H 79 -14.57 -3.05 -16.33
C ILE H 79 -14.42 -4.15 -15.31
N PRO H 80 -13.49 -4.00 -14.35
CA PRO H 80 -13.50 -4.91 -13.19
C PRO H 80 -14.83 -5.07 -12.47
N ARG H 81 -15.68 -4.03 -12.45
CA ARG H 81 -17.03 -4.18 -11.93
C ARG H 81 -17.81 -5.21 -12.73
N HIS H 82 -17.59 -5.26 -14.04
CA HIS H 82 -18.31 -6.20 -14.88
C HIS H 82 -17.81 -7.61 -14.69
N LEU H 83 -16.51 -7.78 -14.42
CA LEU H 83 -16.00 -9.10 -14.10
C LEU H 83 -16.51 -9.59 -12.76
N GLN H 84 -16.68 -8.68 -11.80
CA GLN H 84 -17.27 -9.05 -10.51
C GLN H 84 -18.69 -9.54 -10.67
N LEU H 85 -19.50 -8.80 -11.43
CA LEU H 85 -20.86 -9.23 -11.70
C LEU H 85 -20.93 -10.44 -12.62
N ALA H 86 -19.87 -10.71 -13.38
CA ALA H 86 -19.87 -11.91 -14.19
C ALA H 86 -19.56 -13.14 -13.37
N VAL H 87 -18.63 -13.02 -12.44
CA VAL H 87 -18.29 -14.16 -11.60
C VAL H 87 -19.40 -14.43 -10.60
N ARG H 88 -19.66 -13.48 -9.71
CA ARG H 88 -20.37 -13.89 -8.52
C ARG H 88 -21.88 -13.88 -8.67
N ASN H 89 -22.38 -13.54 -9.86
CA ASN H 89 -23.79 -13.77 -10.12
C ASN H 89 -24.01 -15.12 -10.78
N ASP H 90 -22.95 -15.75 -11.25
CA ASP H 90 -22.99 -17.13 -11.73
C ASP H 90 -22.89 -18.06 -10.53
N GLU H 91 -23.06 -19.36 -10.76
CA GLU H 91 -23.04 -20.33 -9.66
C GLU H 91 -21.78 -21.19 -9.64
N GLU H 92 -21.52 -21.90 -10.73
CA GLU H 92 -20.37 -22.81 -10.75
C GLU H 92 -19.06 -22.05 -10.84
N LEU H 93 -19.08 -20.92 -11.52
CA LEU H 93 -17.89 -20.09 -11.62
C LEU H 93 -17.66 -19.34 -10.31
N ASN H 94 -18.73 -19.07 -9.56
CA ASN H 94 -18.59 -18.60 -8.19
C ASN H 94 -17.99 -19.67 -7.30
N LYS H 95 -18.37 -20.93 -7.55
CA LYS H 95 -17.82 -22.05 -6.79
C LYS H 95 -16.34 -22.25 -7.06
N LEU H 96 -15.88 -21.93 -8.26
CA LEU H 96 -14.45 -21.99 -8.52
C LEU H 96 -13.71 -20.85 -7.84
N LEU H 97 -14.19 -19.61 -8.00
CA LEU H 97 -13.51 -18.40 -7.56
C LEU H 97 -14.02 -17.90 -6.23
N GLY H 98 -14.33 -18.79 -5.29
CA GLY H 98 -14.95 -18.34 -4.05
C GLY H 98 -14.00 -17.68 -3.08
N ARG H 99 -12.72 -18.02 -3.14
CA ARG H 99 -11.77 -17.62 -2.12
C ARG H 99 -10.91 -16.43 -2.58
N VAL H 100 -11.22 -15.87 -3.73
CA VAL H 100 -10.37 -14.84 -4.34
C VAL H 100 -11.15 -13.52 -4.40
N THR H 101 -10.54 -12.47 -3.87
CA THR H 101 -11.08 -11.13 -4.01
C THR H 101 -10.55 -10.48 -5.29
N ILE H 102 -11.26 -9.46 -5.74
CA ILE H 102 -10.97 -8.84 -7.02
C ILE H 102 -10.83 -7.35 -6.75
N ALA H 103 -9.86 -6.71 -7.38
CA ALA H 103 -9.64 -5.30 -7.11
C ALA H 103 -10.67 -4.49 -7.88
N GLN H 104 -11.14 -3.42 -7.24
CA GLN H 104 -12.15 -2.50 -7.79
C GLN H 104 -13.43 -3.23 -8.17
N GLY H 105 -13.82 -4.20 -7.37
CA GLY H 105 -14.96 -5.02 -7.71
C GLY H 105 -16.25 -4.57 -7.06
N GLY H 106 -16.22 -4.38 -5.76
CA GLY H 106 -17.43 -4.10 -5.03
C GLY H 106 -18.29 -5.35 -4.84
N VAL H 107 -19.40 -5.14 -4.17
CA VAL H 107 -20.33 -6.22 -3.83
C VAL H 107 -21.51 -6.15 -4.78
N LEU H 108 -22.00 -7.31 -5.22
CA LEU H 108 -23.24 -7.33 -5.96
C LEU H 108 -24.40 -6.99 -5.04
N PRO H 109 -25.42 -6.28 -5.53
CA PRO H 109 -26.43 -5.69 -4.65
C PRO H 109 -27.34 -6.73 -4.01
N ASN H 110 -27.50 -6.64 -2.70
CA ASN H 110 -28.55 -7.36 -1.99
C ASN H 110 -28.87 -6.62 -0.71
N ILE H 111 -30.14 -6.67 -0.33
CA ILE H 111 -30.62 -6.15 0.94
C ILE H 111 -31.49 -7.26 1.52
N GLN H 112 -31.31 -7.54 2.81
CA GLN H 112 -32.06 -8.60 3.46
C GLN H 112 -33.54 -8.28 3.45
N SER H 113 -34.36 -9.32 3.31
CA SER H 113 -35.76 -9.14 2.95
C SER H 113 -36.59 -8.62 4.11
N VAL H 114 -36.21 -8.92 5.34
CA VAL H 114 -37.00 -8.51 6.50
C VAL H 114 -36.36 -7.26 7.09
N LEU H 115 -35.66 -6.52 6.24
CA LEU H 115 -35.04 -5.27 6.63
C LEU H 115 -35.60 -4.07 5.87
N LEU H 116 -36.05 -4.26 4.64
CA LEU H 116 -36.70 -3.17 3.93
C LEU H 116 -38.13 -2.97 4.45
N PRO H 117 -38.60 -1.74 4.57
CA PRO H 117 -39.85 -1.50 5.29
C PRO H 117 -41.07 -1.89 4.49
N LYS H 118 -42.18 -2.07 5.20
CA LYS H 118 -43.45 -2.39 4.57
C LYS H 118 -44.61 -1.92 5.43
N THR I 29 13.47 -5.70 -18.92
CA THR I 29 12.53 -4.85 -19.64
C THR I 29 11.54 -5.76 -20.38
N ARG I 30 12.04 -6.91 -20.81
CA ARG I 30 11.20 -7.93 -21.43
C ARG I 30 10.31 -8.58 -20.37
N LYS I 31 8.99 -8.47 -20.54
CA LYS I 31 8.04 -9.13 -19.65
C LYS I 31 7.01 -9.85 -20.50
N GLU I 32 6.69 -11.09 -20.12
CA GLU I 32 5.79 -11.93 -20.89
C GLU I 32 4.43 -11.93 -20.22
N SER I 33 3.37 -12.14 -21.01
CA SER I 33 2.02 -12.00 -20.51
C SER I 33 1.05 -12.71 -21.42
N TYR I 34 -0.11 -13.05 -20.86
CA TYR I 34 -1.20 -13.64 -21.62
C TYR I 34 -2.19 -12.56 -22.06
N ALA I 35 -1.67 -11.50 -22.66
CA ALA I 35 -2.53 -10.36 -22.97
C ALA I 35 -3.15 -10.48 -24.36
N ILE I 36 -2.33 -10.69 -25.37
CA ILE I 36 -2.81 -10.68 -26.75
C ILE I 36 -3.70 -11.89 -27.03
N TYR I 37 -3.50 -12.97 -26.28
CA TYR I 37 -4.31 -14.15 -26.49
C TYR I 37 -5.70 -13.96 -25.91
N VAL I 38 -5.79 -13.31 -24.76
CA VAL I 38 -7.08 -12.95 -24.19
C VAL I 38 -7.79 -11.95 -25.09
N TYR I 39 -7.03 -11.08 -25.75
CA TYR I 39 -7.67 -10.17 -26.69
C TYR I 39 -8.19 -10.90 -27.93
N LYS I 40 -7.45 -11.90 -28.42
CA LYS I 40 -7.94 -12.69 -29.55
C LYS I 40 -9.18 -13.48 -29.21
N VAL I 41 -9.24 -14.04 -27.98
CA VAL I 41 -10.41 -14.79 -27.59
C VAL I 41 -11.61 -13.87 -27.40
N LEU I 42 -11.37 -12.65 -26.91
CA LEU I 42 -12.43 -11.65 -26.84
C LEU I 42 -12.95 -11.29 -28.21
N LYS I 43 -12.07 -11.12 -29.18
CA LYS I 43 -12.56 -10.72 -30.49
C LYS I 43 -13.06 -11.88 -31.33
N GLN I 44 -12.88 -13.13 -30.92
CA GLN I 44 -13.63 -14.20 -31.56
C GLN I 44 -14.78 -14.71 -30.69
N VAL I 45 -15.09 -14.03 -29.60
CA VAL I 45 -16.40 -14.23 -28.97
C VAL I 45 -17.29 -13.04 -29.26
N HIS I 46 -16.89 -11.86 -28.81
CA HIS I 46 -17.61 -10.62 -29.07
C HIS I 46 -16.88 -9.82 -30.13
N PRO I 47 -17.47 -9.63 -31.32
CA PRO I 47 -16.75 -8.98 -32.42
C PRO I 47 -16.55 -7.48 -32.24
N ASP I 48 -17.18 -6.86 -31.26
CA ASP I 48 -17.11 -5.42 -31.10
C ASP I 48 -16.79 -4.94 -29.70
N THR I 49 -16.93 -5.78 -28.69
CA THR I 49 -16.70 -5.35 -27.32
C THR I 49 -15.21 -5.26 -27.04
N GLY I 50 -14.78 -4.18 -26.39
CA GLY I 50 -13.40 -4.03 -26.00
C GLY I 50 -13.17 -4.33 -24.53
N ILE I 51 -11.90 -4.51 -24.20
CA ILE I 51 -11.48 -4.76 -22.83
C ILE I 51 -10.66 -3.56 -22.38
N SER I 52 -10.67 -3.28 -21.09
CA SER I 52 -9.88 -2.18 -20.57
C SER I 52 -8.48 -2.69 -20.24
N SER I 53 -7.70 -1.91 -19.49
CA SER I 53 -6.36 -2.33 -19.10
C SER I 53 -6.33 -3.02 -17.76
N LYS I 54 -7.10 -2.51 -16.81
CA LYS I 54 -7.21 -3.15 -15.50
C LYS I 54 -7.82 -4.53 -15.61
N ALA I 55 -8.82 -4.69 -16.47
CA ALA I 55 -9.42 -6.01 -16.68
C ALA I 55 -8.47 -6.94 -17.40
N MET I 56 -7.59 -6.41 -18.25
CA MET I 56 -6.59 -7.24 -18.89
C MET I 56 -5.57 -7.74 -17.87
N SER I 57 -5.17 -6.89 -16.93
CA SER I 57 -4.29 -7.35 -15.87
C SER I 57 -4.97 -8.36 -14.97
N ILE I 58 -6.27 -8.20 -14.75
CA ILE I 58 -6.95 -9.07 -13.81
C ILE I 58 -7.16 -10.44 -14.45
N MET I 59 -7.29 -10.48 -15.77
CA MET I 59 -7.48 -11.77 -16.40
C MET I 59 -6.15 -12.45 -16.72
N ASN I 60 -5.09 -11.67 -16.87
CA ASN I 60 -3.74 -12.24 -16.89
C ASN I 60 -3.43 -12.92 -15.57
N SER I 61 -3.77 -12.27 -14.46
CA SER I 61 -3.54 -12.89 -13.16
C SER I 61 -4.45 -14.10 -12.96
N PHE I 62 -5.66 -14.06 -13.53
CA PHE I 62 -6.55 -15.21 -13.47
C PHE I 62 -5.98 -16.44 -14.16
N VAL I 63 -5.48 -16.26 -15.39
CA VAL I 63 -5.02 -17.44 -16.12
C VAL I 63 -3.72 -17.96 -15.53
N ASN I 64 -2.91 -17.08 -14.93
CA ASN I 64 -1.76 -17.57 -14.17
C ASN I 64 -2.20 -18.42 -12.99
N ASP I 65 -3.26 -17.99 -12.30
CA ASP I 65 -3.77 -18.75 -11.16
C ASP I 65 -4.27 -20.13 -11.56
N VAL I 66 -5.09 -20.19 -12.61
CA VAL I 66 -5.71 -21.45 -13.00
C VAL I 66 -4.67 -22.42 -13.54
N PHE I 67 -3.71 -21.90 -14.32
CA PHE I 67 -2.58 -22.72 -14.76
C PHE I 67 -1.81 -23.28 -13.59
N GLU I 68 -1.55 -22.47 -12.57
CA GLU I 68 -0.72 -22.95 -11.47
C GLU I 68 -1.47 -23.96 -10.63
N ARG I 69 -2.78 -23.79 -10.45
CA ARG I 69 -3.57 -24.78 -9.73
C ARG I 69 -3.57 -26.13 -10.43
N ILE I 70 -3.84 -26.13 -11.74
CA ILE I 70 -3.97 -27.39 -12.47
C ILE I 70 -2.62 -28.09 -12.55
N ALA I 71 -1.55 -27.35 -12.83
CA ALA I 71 -0.27 -28.01 -12.99
C ALA I 71 0.29 -28.47 -11.65
N GLY I 72 0.07 -27.71 -10.59
CA GLY I 72 0.51 -28.16 -9.29
C GLY I 72 -0.28 -29.34 -8.79
N GLU I 73 -1.54 -29.46 -9.19
CA GLU I 73 -2.28 -30.62 -8.73
C GLU I 73 -1.87 -31.85 -9.53
N ALA I 74 -1.60 -31.70 -10.83
CA ALA I 74 -1.16 -32.84 -11.63
C ALA I 74 0.23 -33.31 -11.25
N SER I 75 1.06 -32.42 -10.70
CA SER I 75 2.36 -32.82 -10.16
C SER I 75 2.21 -33.84 -9.05
N ARG I 76 1.45 -33.52 -8.01
CA ARG I 76 1.33 -34.46 -6.90
C ARG I 76 0.47 -35.65 -7.27
N LEU I 77 -0.41 -35.49 -8.26
CA LEU I 77 -1.18 -36.64 -8.72
C LEU I 77 -0.30 -37.63 -9.46
N ALA I 78 0.68 -37.14 -10.22
CA ALA I 78 1.65 -38.05 -10.82
C ALA I 78 2.64 -38.56 -9.81
N HIS I 79 2.86 -37.84 -8.72
CA HIS I 79 3.73 -38.36 -7.69
C HIS I 79 3.09 -39.49 -6.91
N TYR I 80 1.78 -39.48 -6.75
CA TYR I 80 1.07 -40.50 -5.97
C TYR I 80 1.07 -41.87 -6.63
N ASN I 81 1.62 -42.03 -7.82
CA ASN I 81 1.61 -43.33 -8.49
C ASN I 81 3.01 -43.81 -8.80
N LYS I 82 4.03 -43.09 -8.33
CA LYS I 82 5.44 -43.37 -8.61
C LYS I 82 5.70 -43.41 -10.11
N ARG I 83 5.27 -42.36 -10.77
CA ARG I 83 5.33 -42.25 -12.22
C ARG I 83 6.00 -40.94 -12.53
N SER I 84 7.04 -40.99 -13.34
CA SER I 84 7.93 -39.84 -13.48
C SER I 84 7.33 -38.74 -14.34
N THR I 85 6.83 -39.08 -15.51
CA THR I 85 6.39 -38.02 -16.40
C THR I 85 4.99 -37.54 -16.06
N ILE I 86 4.64 -36.40 -16.63
CA ILE I 86 3.29 -35.85 -16.57
C ILE I 86 2.71 -35.85 -17.98
N THR I 87 1.57 -36.51 -18.14
CA THR I 87 1.01 -36.69 -19.48
C THR I 87 -0.43 -36.21 -19.53
N SER I 88 -1.09 -36.41 -20.67
CA SER I 88 -2.43 -35.91 -20.87
C SER I 88 -3.47 -36.58 -19.98
N ARG I 89 -3.21 -37.81 -19.55
CA ARG I 89 -4.13 -38.45 -18.62
C ARG I 89 -4.08 -37.79 -17.25
N GLU I 90 -2.92 -37.23 -16.89
CA GLU I 90 -2.80 -36.54 -15.62
C GLU I 90 -3.57 -35.24 -15.64
N ILE I 91 -3.47 -34.49 -16.74
CA ILE I 91 -4.21 -33.24 -16.87
C ILE I 91 -5.70 -33.53 -16.95
N GLN I 92 -6.05 -34.63 -17.61
CA GLN I 92 -7.42 -35.15 -17.65
C GLN I 92 -8.00 -35.33 -16.27
N THR I 93 -7.29 -36.08 -15.43
CA THR I 93 -7.77 -36.36 -14.08
C THR I 93 -7.78 -35.09 -13.23
N ALA I 94 -6.77 -34.23 -13.38
CA ALA I 94 -6.68 -33.04 -12.55
C ALA I 94 -7.74 -32.02 -12.90
N VAL I 95 -8.12 -31.89 -14.17
CA VAL I 95 -9.18 -30.96 -14.50
C VAL I 95 -10.54 -31.58 -14.16
N ARG I 96 -10.63 -32.91 -14.10
CA ARG I 96 -11.88 -33.51 -13.63
C ARG I 96 -12.02 -33.33 -12.13
N LEU I 97 -10.91 -33.25 -11.44
CA LEU I 97 -10.87 -33.22 -9.99
C LEU I 97 -10.92 -31.83 -9.41
N LEU I 98 -10.53 -30.82 -10.18
CA LEU I 98 -10.28 -29.51 -9.63
C LEU I 98 -11.40 -28.50 -9.86
N LEU I 99 -12.10 -28.59 -10.99
CA LEU I 99 -13.11 -27.58 -11.24
C LEU I 99 -14.50 -28.22 -11.38
N PRO I 100 -15.54 -27.60 -10.83
CA PRO I 100 -16.69 -28.36 -10.34
C PRO I 100 -17.77 -28.63 -11.37
N GLY I 101 -18.41 -29.79 -11.18
CA GLY I 101 -19.72 -30.10 -11.73
C GLY I 101 -19.87 -30.10 -13.23
N GLU I 102 -20.76 -29.24 -13.73
CA GLU I 102 -21.09 -29.21 -15.14
C GLU I 102 -19.98 -28.55 -15.97
N LEU I 103 -19.03 -27.89 -15.32
CA LEU I 103 -17.96 -27.22 -16.02
C LEU I 103 -16.86 -28.19 -16.41
N ALA I 104 -16.66 -29.24 -15.61
CA ALA I 104 -15.65 -30.25 -15.90
C ALA I 104 -15.97 -31.02 -17.17
N LYS I 105 -17.26 -31.23 -17.45
CA LYS I 105 -17.68 -31.96 -18.64
C LYS I 105 -17.27 -31.21 -19.91
N HIS I 106 -17.52 -29.91 -19.95
CA HIS I 106 -17.14 -29.14 -21.12
C HIS I 106 -15.64 -28.96 -21.22
N ALA I 107 -14.95 -28.84 -20.08
CA ALA I 107 -13.49 -28.70 -20.15
C ALA I 107 -12.83 -29.96 -20.67
N VAL I 108 -13.30 -31.13 -20.22
CA VAL I 108 -12.81 -32.41 -20.74
C VAL I 108 -13.10 -32.54 -22.23
N SER I 109 -14.28 -32.10 -22.67
CA SER I 109 -14.63 -32.16 -24.09
C SER I 109 -13.67 -31.32 -24.93
N GLU I 110 -13.38 -30.09 -24.47
CA GLU I 110 -12.49 -29.20 -25.21
C GLU I 110 -11.07 -29.76 -25.26
N GLY I 111 -10.60 -30.32 -24.14
CA GLY I 111 -9.25 -30.85 -24.13
C GLY I 111 -9.06 -32.05 -25.01
N THR I 112 -10.00 -33.01 -24.97
CA THR I 112 -9.88 -34.18 -25.82
C THR I 112 -10.04 -33.82 -27.29
N LYS I 113 -10.88 -32.83 -27.60
CA LYS I 113 -11.02 -32.39 -28.98
C LYS I 113 -9.72 -31.82 -29.51
N ALA I 114 -9.05 -31.00 -28.69
CA ALA I 114 -7.77 -30.44 -29.11
C ALA I 114 -6.69 -31.51 -29.26
N VAL I 115 -6.70 -32.52 -28.38
CA VAL I 115 -5.65 -33.54 -28.46
C VAL I 115 -5.84 -34.44 -29.67
N THR I 116 -7.10 -34.79 -29.99
CA THR I 116 -7.36 -35.58 -31.20
C THR I 116 -7.00 -34.82 -32.46
N LYS I 117 -7.36 -33.53 -32.52
CA LYS I 117 -6.99 -32.75 -33.70
C LYS I 117 -5.48 -32.53 -33.79
N TYR I 118 -4.79 -32.51 -32.66
CA TYR I 118 -3.34 -32.34 -32.68
C TYR I 118 -2.65 -33.60 -33.17
N THR I 119 -3.09 -34.76 -32.70
CA THR I 119 -2.42 -36.00 -33.12
C THR I 119 -2.84 -36.45 -34.50
N SER I 120 -3.97 -35.94 -35.01
CA SER I 120 -4.35 -36.27 -36.38
C SER I 120 -3.37 -35.67 -37.37
N ALA I 121 -2.87 -34.47 -37.09
CA ALA I 121 -1.85 -33.84 -37.92
C ALA I 121 -0.45 -34.27 -37.49
#